data_2XYD
#
_entry.id   2XYD
#
_cell.length_a   72.837
_cell.length_b   76.437
_cell.length_c   82.954
_cell.angle_alpha   89.11
_cell.angle_beta   64.43
_cell.angle_gamma   75.87
#
_symmetry.space_group_name_H-M   'P 1'
#
loop_
_entity.id
_entity.type
_entity.pdbx_description
1 polymer 'ANGIOTENSIN-CONVERTING ENZYME'
2 branched alpha-L-fucopyranose-(1-6)-2-acetamido-2-deoxy-beta-D-glucopyranose
3 branched 2-acetamido-2-deoxy-beta-D-glucopyranose-(1-4)-2-acetamido-2-deoxy-beta-D-glucopyranose
4 branched beta-D-mannopyranose-(1-4)-2-acetamido-2-deoxy-beta-D-glucopyranose-(1-4)-[alpha-L-fucopyranose-(1-6)]2-acetamido-2-deoxy-beta-D-glucopyranose
5 branched beta-D-mannopyranose-(1-4)-2-acetamido-2-deoxy-beta-D-glucopyranose-(1-4)-2-acetamido-2-deoxy-beta-D-glucopyranose
6 non-polymer [(2S)-2-({3-[HYDROXYL(2-PHENYL-(1R)-1-{[(BENZYLOXY)[(2S)-2-({3-[HYDROXYL(2-PHENYL-(1R)-1-CARBONYL]-AMINO}ETHYL)PHOSPHINYL]-2-[(3-PHENYLISOXAZOL-5-YL)METHYL]-1-OXO-PROPYL}AMINO)-3-(4-HYDROXY-PHENYL)
7 non-polymer 'ZINC ION'
8 non-polymer 'CHLORIDE ION'
9 non-polymer DI(HYDROXYETHYL)ETHER
10 non-polymer 'TETRAETHYLENE GLYCOL'
11 non-polymer 'HEXAETHYLENE GLYCOL'
12 water water
#
_entity_poly.entity_id   1
_entity_poly.type   'polypeptide(L)'
_entity_poly.pdbx_seq_one_letter_code
;LDPGLQPGQFSADEAGAQLFAQSYQSSAEQVLFQSVAASWAHDTNITAENARRQEEAALLSQEFAEAWGQKAKELYEPIW
QQFTDPQLRRIIGAVRTLGSANLPLAKRQQYNALLSQMSRIYSTAKVCLPNKTATCWSLDPDLTNILASSRSYAMLLFAW
EGWHNAAGIPLKPLYEDFTALSNEAYKQDGFTDTGAYWRSWYNSPTFEDDLEHLYQQLEPLYLNLHAFVRRALHRRYGDR
YINLRGPIPAHLLGDMWAQSWENIYDMVVPFPDKPNLDVTSTMLQQGWQATHMFRVAEEFFTSLELSPMPPEFWEGSMLE
KPADGREVVCHASAWDFYNRKDFRIKQCTRVTMDQLSTVHHEMGHIQYYLQYKDLPVSLRRGANPGFHEAIGDVLALSVS
TPEHLHKIGLLDRVTNDTESDINYLLKMALEKIAFLPFGYLVDQWRWGVFSGRTPPSRYNFDWWYLRTKYQGICPPVTRN
ETHFDAGAKFHVPNVTPYIRYFVSFVLQFQFHEALCKEAGYEGPLHQCDIYRSTKAGAKLRKVLRAGSSRPWQEVLKDMV
GLDALDAQPLLKYFQLVTQWLQEQNQQNGEVLGWPEYQWHPPLPDNYPEG
;
_entity_poly.pdbx_strand_id   A,B
#
loop_
_chem_comp.id
_chem_comp.type
_chem_comp.name
_chem_comp.formula
3ES non-polymer [(2S)-2-({3-[HYDROXYL(2-PHENYL-(1R)-1-{[(BENZYLOXY)[(2S)-2-({3-[HYDROXYL(2-PHENYL-(1R)-1-CARBONYL]-AMINO}ETHYL)PHOSPHINYL]-2-[(3-PHENYLISOXAZOL-5-YL)METHYL]-1-OXO-PROPYL}AMINO)-3-(4-HYDROXY-PHENYL) 'C38 H38 N3 O9 P'
BMA D-saccharide, beta linking beta-D-mannopyranose 'C6 H12 O6'
CL non-polymer 'CHLORIDE ION' 'Cl -1'
FUC L-saccharide, alpha linking alpha-L-fucopyranose 'C6 H12 O5'
NAG D-saccharide, beta linking 2-acetamido-2-deoxy-beta-D-glucopyranose 'C8 H15 N O6'
P6G non-polymer 'HEXAETHYLENE GLYCOL' 'C12 H26 O7'
PEG non-polymer DI(HYDROXYETHYL)ETHER 'C4 H10 O3'
PG4 non-polymer 'TETRAETHYLENE GLYCOL' 'C8 H18 O5'
ZN non-polymer 'ZINC ION' 'Zn 2'
#
# COMPACT_ATOMS: atom_id res chain seq x y z
N LEU A 1 -41.57 -16.94 2.96
CA LEU A 1 -41.26 -17.10 4.41
C LEU A 1 -42.52 -17.40 5.23
N ASP A 2 -42.46 -18.47 6.01
CA ASP A 2 -43.54 -18.92 6.87
C ASP A 2 -44.14 -17.78 7.70
N PRO A 3 -45.49 -17.66 7.69
CA PRO A 3 -46.25 -16.72 8.51
C PRO A 3 -45.73 -16.58 9.95
N GLY A 4 -45.47 -17.70 10.62
CA GLY A 4 -44.94 -17.71 11.99
C GLY A 4 -43.60 -17.00 12.14
N LEU A 5 -42.82 -16.96 11.06
CA LEU A 5 -41.47 -16.39 11.07
C LEU A 5 -41.43 -14.93 10.66
N GLN A 6 -42.56 -14.40 10.22
CA GLN A 6 -42.65 -13.02 9.76
C GLN A 6 -42.88 -12.09 10.94
N PRO A 7 -42.43 -10.81 10.83
CA PRO A 7 -42.59 -9.82 11.90
C PRO A 7 -43.98 -9.18 11.96
N GLY A 8 -44.39 -8.80 13.16
CA GLY A 8 -45.64 -8.09 13.39
C GLY A 8 -45.43 -6.58 13.52
N GLN A 9 -46.25 -5.92 14.31
CA GLN A 9 -46.16 -4.47 14.51
C GLN A 9 -45.65 -4.10 15.90
N PHE A 10 -45.02 -2.94 15.98
CA PHE A 10 -44.43 -2.41 17.22
C PHE A 10 -44.38 -0.89 17.09
N SER A 11 -44.45 -0.19 18.21
CA SER A 11 -44.45 1.28 18.18
C SER A 11 -43.12 1.88 17.71
N ALA A 12 -43.17 3.08 17.12
CA ALA A 12 -42.01 3.73 16.52
C ALA A 12 -41.27 4.65 17.50
N ASP A 13 -41.00 4.10 18.69
CA ASP A 13 -40.24 4.79 19.73
C ASP A 13 -39.27 3.79 20.33
N GLU A 14 -38.45 4.24 21.29
CA GLU A 14 -37.47 3.36 21.94
C GLU A 14 -38.10 2.16 22.67
N ALA A 15 -39.27 2.36 23.26
CA ALA A 15 -39.93 1.29 24.02
C ALA A 15 -40.53 0.22 23.10
N GLY A 16 -41.03 0.64 21.94
CA GLY A 16 -41.48 -0.29 20.90
C GLY A 16 -40.29 -1.00 20.29
N ALA A 17 -39.21 -0.24 20.12
CA ALA A 17 -37.95 -0.81 19.65
C ALA A 17 -37.51 -1.98 20.52
N GLN A 18 -37.77 -1.89 21.83
CA GLN A 18 -37.42 -2.94 22.78
C GLN A 18 -38.23 -4.21 22.55
N LEU A 19 -39.53 -4.05 22.28
CA LEU A 19 -40.41 -5.19 22.06
C LEU A 19 -40.16 -5.85 20.71
N PHE A 20 -39.80 -5.03 19.73
CA PHE A 20 -39.44 -5.53 18.40
C PHE A 20 -38.26 -6.50 18.51
N ALA A 21 -37.21 -6.06 19.22
CA ALA A 21 -35.99 -6.84 19.39
C ALA A 21 -36.27 -8.18 20.08
N GLN A 22 -37.27 -8.18 20.97
CA GLN A 22 -37.60 -9.37 21.76
C GLN A 22 -38.22 -10.49 20.90
N SER A 23 -39.12 -10.12 19.99
CA SER A 23 -39.75 -11.09 19.08
C SER A 23 -38.84 -11.48 17.92
N TYR A 24 -37.98 -10.56 17.49
CA TYR A 24 -36.97 -10.84 16.44
C TYR A 24 -36.10 -12.03 16.82
N GLN A 25 -35.51 -11.93 17.99
CA GLN A 25 -34.63 -12.97 18.53
C GLN A 25 -35.36 -14.31 18.75
N SER A 26 -36.67 -14.22 19.01
CA SER A 26 -37.51 -15.41 19.21
C SER A 26 -37.63 -16.24 17.93
N SER A 27 -37.87 -15.59 16.80
CA SER A 27 -38.03 -16.29 15.51
C SER A 27 -36.69 -16.71 14.89
N ALA A 28 -35.65 -15.92 15.15
CA ALA A 28 -34.32 -16.15 14.56
C ALA A 28 -33.69 -17.50 14.87
N GLU A 29 -34.01 -18.07 16.04
CA GLU A 29 -33.47 -19.36 16.48
C GLU A 29 -33.75 -20.49 15.50
N GLN A 30 -34.98 -20.52 14.99
CA GLN A 30 -35.41 -21.55 14.05
C GLN A 30 -34.76 -21.37 12.67
N VAL A 31 -34.56 -20.12 12.29
CA VAL A 31 -33.95 -19.80 10.98
C VAL A 31 -32.45 -20.15 10.99
N LEU A 32 -31.76 -19.70 12.03
CA LEU A 32 -30.36 -20.09 12.26
C LEU A 32 -30.19 -21.61 12.34
N PHE A 33 -31.05 -22.27 13.11
CA PHE A 33 -30.98 -23.73 13.24
C PHE A 33 -31.04 -24.48 11.90
N GLN A 34 -31.99 -24.13 11.03
CA GLN A 34 -32.13 -24.82 9.75
C GLN A 34 -30.97 -24.48 8.79
N SER A 35 -30.47 -23.25 8.90
CA SER A 35 -29.28 -22.81 8.16
C SER A 35 -28.02 -23.62 8.54
N VAL A 36 -27.72 -23.71 9.83
CA VAL A 36 -26.58 -24.48 10.35
C VAL A 36 -26.72 -25.97 10.04
N ALA A 37 -27.92 -26.52 10.22
CA ALA A 37 -28.18 -27.93 9.92
C ALA A 37 -27.90 -28.24 8.45
N ALA A 38 -28.40 -27.38 7.58
CA ALA A 38 -28.16 -27.52 6.14
C ALA A 38 -26.66 -27.39 5.83
N SER A 39 -25.95 -26.49 6.53
CA SER A 39 -24.49 -26.39 6.33
C SER A 39 -23.77 -27.62 6.86
N TRP A 40 -24.22 -28.12 8.00
CA TRP A 40 -23.66 -29.35 8.57
C TRP A 40 -23.78 -30.50 7.57
N ALA A 41 -25.00 -30.73 7.11
CA ALA A 41 -25.29 -31.81 6.15
C ALA A 41 -24.39 -31.73 4.93
N HIS A 42 -24.11 -30.51 4.46
CA HIS A 42 -23.20 -30.31 3.33
C HIS A 42 -21.73 -30.52 3.72
N ASP A 43 -21.25 -29.78 4.72
CA ASP A 43 -19.82 -29.83 5.06
C ASP A 43 -19.33 -31.21 5.48
N THR A 44 -20.22 -32.04 6.04
CA THR A 44 -19.88 -33.42 6.38
C THR A 44 -20.20 -34.43 5.28
N ASN A 45 -20.66 -33.94 4.12
CA ASN A 45 -21.13 -34.82 3.04
C ASN A 45 -21.37 -33.97 1.79
N ILE A 46 -20.29 -33.63 1.11
CA ILE A 46 -20.36 -32.69 0.00
C ILE A 46 -20.99 -33.38 -1.21
N THR A 47 -22.24 -33.03 -1.51
CA THR A 47 -22.93 -33.50 -2.71
C THR A 47 -23.61 -32.31 -3.36
N ALA A 48 -23.98 -32.45 -4.64
CA ALA A 48 -24.71 -31.42 -5.36
C ALA A 48 -26.06 -31.20 -4.69
N GLU A 49 -26.72 -32.30 -4.32
CA GLU A 49 -28.00 -32.25 -3.65
C GLU A 49 -27.90 -31.51 -2.30
N ASN A 50 -26.85 -31.78 -1.54
CA ASN A 50 -26.67 -31.08 -0.26
C ASN A 50 -26.30 -29.61 -0.40
N ALA A 51 -25.55 -29.27 -1.44
CA ALA A 51 -25.26 -27.87 -1.77
C ALA A 51 -26.56 -27.14 -2.11
N ARG A 52 -27.39 -27.76 -2.95
CA ARG A 52 -28.72 -27.22 -3.29
C ARG A 52 -29.54 -26.94 -2.03
N ARG A 53 -29.62 -27.92 -1.13
CA ARG A 53 -30.36 -27.75 0.12
C ARG A 53 -29.80 -26.62 0.98
N GLN A 54 -28.48 -26.52 1.04
CA GLN A 54 -27.83 -25.45 1.77
C GLN A 54 -28.17 -24.10 1.13
N GLU A 55 -28.17 -24.05 -0.20
CA GLU A 55 -28.52 -22.81 -0.90
C GLU A 55 -29.95 -22.36 -0.65
N GLU A 56 -30.89 -23.31 -0.67
CA GLU A 56 -32.28 -23.02 -0.36
C GLU A 56 -32.43 -22.62 1.11
N ALA A 57 -31.53 -23.11 1.95
CA ALA A 57 -31.55 -22.70 3.36
C ALA A 57 -31.07 -21.27 3.53
N ALA A 58 -30.12 -20.85 2.69
CA ALA A 58 -29.59 -19.49 2.75
C ALA A 58 -30.61 -18.47 2.23
N LEU A 59 -31.40 -18.89 1.23
CA LEU A 59 -32.47 -18.05 0.70
C LEU A 59 -33.48 -17.72 1.78
N LEU A 60 -33.88 -18.74 2.54
CA LEU A 60 -34.79 -18.54 3.67
C LEU A 60 -34.24 -17.52 4.67
N SER A 61 -32.96 -17.67 5.06
CA SER A 61 -32.31 -16.71 5.96
C SER A 61 -32.35 -15.30 5.40
N GLN A 62 -32.16 -15.18 4.08
CA GLN A 62 -32.21 -13.88 3.41
C GLN A 62 -33.59 -13.26 3.40
N GLU A 63 -34.62 -14.07 3.15
CA GLU A 63 -36.02 -13.63 3.29
C GLU A 63 -36.28 -13.12 4.70
N PHE A 64 -35.87 -13.91 5.69
CA PHE A 64 -36.01 -13.54 7.09
C PHE A 64 -35.30 -12.21 7.37
N ALA A 65 -34.03 -12.13 6.96
CA ALA A 65 -33.24 -10.93 7.20
C ALA A 65 -33.86 -9.72 6.53
N GLU A 66 -34.40 -9.93 5.32
CA GLU A 66 -35.14 -8.88 4.61
C GLU A 66 -36.35 -8.37 5.38
N ALA A 67 -37.21 -9.29 5.83
CA ALA A 67 -38.47 -8.90 6.46
C ALA A 67 -38.27 -8.08 7.75
N TRP A 68 -37.48 -8.62 8.67
CA TRP A 68 -37.21 -7.96 9.95
C TRP A 68 -36.32 -6.74 9.79
N GLY A 69 -35.37 -6.82 8.86
CA GLY A 69 -34.52 -5.69 8.49
C GLY A 69 -35.29 -4.51 7.96
N GLN A 70 -36.17 -4.74 6.99
CA GLN A 70 -37.00 -3.66 6.45
C GLN A 70 -37.93 -3.09 7.51
N LYS A 71 -38.38 -3.96 8.41
CA LYS A 71 -39.24 -3.55 9.53
C LYS A 71 -38.47 -2.69 10.54
N ALA A 72 -37.29 -3.17 10.93
CA ALA A 72 -36.42 -2.42 11.84
C ALA A 72 -36.05 -1.06 11.26
N LYS A 73 -35.92 -0.99 9.94
CA LYS A 73 -35.62 0.27 9.24
C LYS A 73 -36.86 1.15 9.05
N GLU A 74 -38.02 0.49 8.92
CA GLU A 74 -39.29 1.20 8.76
C GLU A 74 -39.58 2.02 10.01
N LEU A 75 -39.39 1.41 11.17
CA LEU A 75 -39.77 1.99 12.44
C LEU A 75 -38.68 2.88 13.05
N TYR A 76 -37.40 2.49 12.91
CA TYR A 76 -36.35 3.06 13.74
C TYR A 76 -35.17 3.76 13.04
N GLU A 77 -34.99 3.50 11.75
CA GLU A 77 -33.83 4.04 11.00
C GLU A 77 -33.44 5.50 11.35
N PRO A 78 -34.39 6.45 11.27
CA PRO A 78 -33.96 7.82 11.59
C PRO A 78 -33.69 8.10 13.08
N ILE A 79 -34.13 7.22 13.98
CA ILE A 79 -34.10 7.54 15.42
C ILE A 79 -33.20 6.65 16.30
N TRP A 80 -32.97 5.42 15.86
CA TRP A 80 -32.26 4.42 16.66
C TRP A 80 -30.83 4.81 17.07
N GLN A 81 -30.21 5.71 16.31
CA GLN A 81 -28.84 6.17 16.61
C GLN A 81 -28.77 7.04 17.87
N GLN A 82 -29.86 7.74 18.18
CA GLN A 82 -29.95 8.59 19.37
C GLN A 82 -30.63 7.88 20.56
N PHE A 83 -30.85 6.57 20.42
CA PHE A 83 -31.49 5.75 21.45
C PHE A 83 -30.65 5.69 22.73
N THR A 84 -31.31 5.71 23.87
CA THR A 84 -30.63 5.82 25.17
C THR A 84 -29.94 4.52 25.61
N ASP A 85 -30.53 3.37 25.30
CA ASP A 85 -29.95 2.07 25.64
C ASP A 85 -28.94 1.66 24.55
N PRO A 86 -27.63 1.60 24.89
CA PRO A 86 -26.61 1.28 23.87
C PRO A 86 -26.63 -0.19 23.39
N GLN A 87 -27.11 -1.11 24.22
CA GLN A 87 -27.25 -2.54 23.84
C GLN A 87 -28.34 -2.69 22.76
N LEU A 88 -29.46 -2.01 22.95
CA LEU A 88 -30.50 -1.89 21.95
C LEU A 88 -29.97 -1.24 20.66
N ARG A 89 -29.06 -0.28 20.80
CA ARG A 89 -28.46 0.37 19.63
C ARG A 89 -27.72 -0.67 18.78
N ARG A 90 -27.04 -1.59 19.46
CA ARG A 90 -26.30 -2.69 18.84
C ARG A 90 -27.24 -3.60 18.04
N ILE A 91 -28.22 -4.20 18.73
CA ILE A 91 -29.13 -5.19 18.13
C ILE A 91 -29.91 -4.62 16.94
N ILE A 92 -30.51 -3.46 17.12
CA ILE A 92 -31.23 -2.79 16.05
C ILE A 92 -30.27 -2.34 14.94
N GLY A 93 -29.06 -1.93 15.31
CA GLY A 93 -28.02 -1.62 14.36
C GLY A 93 -27.64 -2.84 13.52
N ALA A 94 -27.77 -4.03 14.11
CA ALA A 94 -27.50 -5.30 13.44
C ALA A 94 -28.69 -5.82 12.62
N VAL A 95 -29.90 -5.37 12.95
CA VAL A 95 -31.09 -5.82 12.22
C VAL A 95 -31.32 -4.93 11.02
N ARG A 96 -31.03 -3.64 11.18
CA ARG A 96 -31.03 -2.71 10.05
C ARG A 96 -29.93 -3.05 9.02
N THR A 97 -29.03 -3.98 9.38
CA THR A 97 -27.93 -4.41 8.51
C THR A 97 -28.31 -5.71 7.79
N LEU A 98 -28.72 -5.57 6.53
CA LEU A 98 -29.29 -6.69 5.77
C LEU A 98 -28.26 -7.64 5.16
N GLY A 99 -27.09 -7.09 4.82
CA GLY A 99 -26.05 -7.86 4.13
C GLY A 99 -26.51 -8.31 2.76
N SER A 100 -26.33 -9.60 2.47
CA SER A 100 -26.70 -10.20 1.19
C SER A 100 -28.22 -10.15 0.90
N ALA A 101 -29.02 -9.93 1.94
CA ALA A 101 -30.46 -9.79 1.82
C ALA A 101 -30.85 -8.47 1.18
N ASN A 102 -29.86 -7.59 0.98
CA ASN A 102 -30.03 -6.36 0.20
C ASN A 102 -30.08 -6.62 -1.29
N LEU A 103 -29.57 -7.77 -1.70
CA LEU A 103 -29.53 -8.15 -3.11
C LEU A 103 -30.91 -8.58 -3.59
N PRO A 104 -31.25 -8.27 -4.86
CA PRO A 104 -32.47 -8.85 -5.42
C PRO A 104 -32.33 -10.38 -5.49
N LEU A 105 -33.45 -11.06 -5.68
CA LEU A 105 -33.51 -12.53 -5.69
C LEU A 105 -32.44 -13.19 -6.55
N ALA A 106 -32.41 -12.84 -7.83
CA ALA A 106 -31.44 -13.39 -8.79
C ALA A 106 -30.00 -13.29 -8.30
N LYS A 107 -29.66 -12.17 -7.65
CA LYS A 107 -28.31 -11.94 -7.18
C LYS A 107 -28.03 -12.66 -5.86
N ARG A 108 -29.05 -12.81 -5.03
CA ARG A 108 -28.95 -13.64 -3.83
C ARG A 108 -28.59 -15.08 -4.19
N GLN A 109 -29.28 -15.62 -5.20
CA GLN A 109 -29.04 -16.98 -5.65
C GLN A 109 -27.65 -17.11 -6.25
N GLN A 110 -27.26 -16.10 -7.03
CA GLN A 110 -25.91 -16.00 -7.57
C GLN A 110 -24.86 -16.03 -6.43
N TYR A 111 -25.09 -15.22 -5.40
CA TYR A 111 -24.22 -15.14 -4.22
C TYR A 111 -24.12 -16.48 -3.52
N ASN A 112 -25.28 -17.06 -3.18
CA ASN A 112 -25.35 -18.36 -2.51
C ASN A 112 -24.65 -19.47 -3.28
N ALA A 113 -24.87 -19.52 -4.60
CA ALA A 113 -24.17 -20.52 -5.42
C ALA A 113 -22.66 -20.33 -5.41
N LEU A 114 -22.22 -19.07 -5.47
CA LEU A 114 -20.78 -18.79 -5.46
C LEU A 114 -20.10 -19.27 -4.17
N LEU A 115 -20.73 -19.03 -3.02
CA LEU A 115 -20.18 -19.47 -1.76
C LEU A 115 -20.07 -20.99 -1.76
N SER A 116 -21.08 -21.66 -2.32
CA SER A 116 -21.11 -23.12 -2.33
C SER A 116 -20.03 -23.66 -3.26
N GLN A 117 -19.91 -23.06 -4.44
CA GLN A 117 -18.94 -23.50 -5.43
C GLN A 117 -17.49 -23.26 -4.96
N MET A 118 -17.24 -22.11 -4.34
CA MET A 118 -15.90 -21.82 -3.83
C MET A 118 -15.50 -22.81 -2.75
N SER A 119 -16.45 -23.10 -1.87
CA SER A 119 -16.24 -24.04 -0.77
C SER A 119 -15.91 -25.43 -1.28
N ARG A 120 -16.71 -25.91 -2.23
CA ARG A 120 -16.52 -27.22 -2.84
C ARG A 120 -15.17 -27.33 -3.51
N ILE A 121 -14.81 -26.30 -4.29
CA ILE A 121 -13.51 -26.30 -4.96
C ILE A 121 -12.36 -26.42 -3.97
N TYR A 122 -12.36 -25.60 -2.91
CA TYR A 122 -11.26 -25.65 -1.94
C TYR A 122 -11.19 -27.01 -1.26
N SER A 123 -12.33 -27.53 -0.82
CA SER A 123 -12.36 -28.78 -0.05
C SER A 123 -12.25 -30.08 -0.85
N THR A 124 -12.45 -30.03 -2.16
CA THR A 124 -12.31 -31.24 -2.99
C THR A 124 -11.12 -31.18 -3.95
N ALA A 125 -10.40 -30.07 -3.95
CA ALA A 125 -9.20 -29.96 -4.79
C ALA A 125 -8.19 -31.04 -4.40
N LYS A 126 -7.53 -31.59 -5.41
CA LYS A 126 -6.55 -32.65 -5.22
C LYS A 126 -5.31 -32.47 -6.12
N VAL A 127 -4.20 -33.04 -5.69
CA VAL A 127 -2.97 -33.04 -6.48
C VAL A 127 -2.74 -34.48 -6.97
N CYS A 128 -2.82 -34.68 -8.28
CA CYS A 128 -2.60 -36.00 -8.87
C CYS A 128 -1.17 -36.13 -9.41
N LEU A 129 -0.61 -37.35 -9.34
CA LEU A 129 0.79 -37.61 -9.68
C LEU A 129 1.12 -37.52 -11.17
N THR A 133 0.22 -42.31 -12.06
CA THR A 133 -0.38 -41.04 -12.43
C THR A 133 -1.88 -40.97 -12.08
N ALA A 134 -2.44 -42.08 -11.61
CA ALA A 134 -3.88 -42.20 -11.29
C ALA A 134 -4.29 -41.76 -9.87
N THR A 135 -3.37 -41.86 -8.91
CA THR A 135 -3.67 -41.60 -7.50
C THR A 135 -3.53 -40.12 -7.11
N CYS A 136 -4.51 -39.60 -6.38
CA CYS A 136 -4.52 -38.16 -6.02
C CYS A 136 -4.50 -37.88 -4.51
N TRP A 137 -3.71 -36.88 -4.14
CA TRP A 137 -3.53 -36.49 -2.75
C TRP A 137 -4.46 -35.34 -2.35
N SER A 138 -5.08 -35.47 -1.19
CA SER A 138 -5.93 -34.41 -0.64
C SER A 138 -5.08 -33.45 0.21
N LEU A 139 -5.62 -32.27 0.49
CA LEU A 139 -4.91 -31.34 1.37
C LEU A 139 -4.72 -31.96 2.77
N ASP A 140 -5.83 -32.44 3.32
CA ASP A 140 -5.85 -33.01 4.66
C ASP A 140 -6.32 -34.46 4.52
N PRO A 141 -5.44 -35.45 4.80
CA PRO A 141 -4.09 -35.40 5.41
C PRO A 141 -2.84 -35.35 4.51
N ASP A 142 -2.97 -35.77 3.26
CA ASP A 142 -1.80 -36.11 2.44
C ASP A 142 -0.78 -34.97 2.29
N LEU A 143 -1.23 -33.81 1.81
CA LEU A 143 -0.33 -32.69 1.53
C LEU A 143 0.20 -32.06 2.82
N THR A 144 -0.66 -31.99 3.83
CA THR A 144 -0.27 -31.56 5.18
C THR A 144 0.95 -32.40 5.67
N ASN A 145 0.80 -33.72 5.67
CA ASN A 145 1.89 -34.64 6.04
C ASN A 145 3.18 -34.43 5.25
N ILE A 146 3.06 -34.23 3.95
CA ILE A 146 4.25 -33.97 3.13
C ILE A 146 4.95 -32.68 3.57
N LEU A 147 4.19 -31.59 3.68
CA LEU A 147 4.79 -30.33 4.08
C LEU A 147 5.41 -30.35 5.46
N ALA A 148 4.79 -31.13 6.35
CA ALA A 148 5.27 -31.30 7.74
C ALA A 148 6.53 -32.14 7.89
N SER A 149 6.67 -33.21 7.10
CA SER A 149 7.72 -34.22 7.35
C SER A 149 8.71 -34.51 6.21
N SER A 150 8.37 -34.13 4.99
CA SER A 150 9.35 -34.28 3.91
C SER A 150 10.40 -33.20 4.04
N ARG A 151 11.64 -33.58 3.79
CA ARG A 151 12.77 -32.67 3.82
C ARG A 151 13.45 -32.65 2.44
N SER A 152 12.73 -33.20 1.47
CA SER A 152 13.17 -33.20 0.07
C SER A 152 12.62 -31.98 -0.63
N TYR A 153 13.52 -31.12 -1.09
CA TYR A 153 13.15 -29.87 -1.76
C TYR A 153 12.12 -30.05 -2.89
N ALA A 154 12.39 -30.99 -3.80
CA ALA A 154 11.51 -31.21 -4.96
C ALA A 154 10.15 -31.79 -4.60
N MET A 155 10.11 -32.63 -3.57
CA MET A 155 8.85 -33.19 -3.10
C MET A 155 7.99 -32.11 -2.45
N LEU A 156 8.60 -31.33 -1.56
CA LEU A 156 7.94 -30.16 -0.97
C LEU A 156 7.42 -29.20 -2.04
N LEU A 157 8.22 -28.96 -3.08
CA LEU A 157 7.83 -28.05 -4.16
C LEU A 157 6.66 -28.60 -4.96
N PHE A 158 6.69 -29.90 -5.23
CA PHE A 158 5.60 -30.56 -5.94
C PHE A 158 4.27 -30.36 -5.19
N ALA A 159 4.30 -30.60 -3.88
CA ALA A 159 3.11 -30.44 -3.06
C ALA A 159 2.66 -28.96 -2.99
N TRP A 160 3.61 -28.05 -2.77
CA TRP A 160 3.31 -26.62 -2.70
C TRP A 160 2.72 -26.09 -4.01
N GLU A 161 3.42 -26.34 -5.12
CA GLU A 161 2.95 -25.87 -6.42
C GLU A 161 1.63 -26.52 -6.80
N GLY A 162 1.53 -27.82 -6.57
CA GLY A 162 0.33 -28.56 -6.94
C GLY A 162 -0.88 -28.05 -6.23
N TRP A 163 -0.75 -27.85 -4.92
CA TRP A 163 -1.87 -27.36 -4.13
C TRP A 163 -2.33 -25.96 -4.57
N HIS A 164 -1.37 -25.05 -4.68
CA HIS A 164 -1.69 -23.66 -5.05
C HIS A 164 -2.31 -23.56 -6.44
N ASN A 165 -1.76 -24.31 -7.38
CA ASN A 165 -2.34 -24.42 -8.73
C ASN A 165 -3.75 -25.02 -8.77
N ALA A 166 -3.95 -26.14 -8.06
CA ALA A 166 -5.23 -26.85 -8.06
C ALA A 166 -6.35 -26.09 -7.36
N ALA A 167 -6.04 -25.52 -6.20
CA ALA A 167 -7.06 -24.76 -5.45
C ALA A 167 -7.26 -23.36 -6.02
N GLY A 168 -6.15 -22.66 -6.26
CA GLY A 168 -6.16 -21.23 -6.62
C GLY A 168 -6.74 -20.86 -7.98
N ILE A 169 -6.22 -21.49 -9.04
CA ILE A 169 -6.57 -21.13 -10.42
C ILE A 169 -8.07 -21.11 -10.73
N PRO A 170 -8.81 -22.22 -10.46
CA PRO A 170 -10.27 -22.19 -10.71
C PRO A 170 -11.07 -21.28 -9.80
N LEU A 171 -10.51 -20.93 -8.64
CA LEU A 171 -11.22 -20.03 -7.71
C LEU A 171 -11.32 -18.60 -8.19
N LYS A 172 -10.30 -18.11 -8.89
CA LYS A 172 -10.21 -16.68 -9.18
C LYS A 172 -11.48 -16.09 -9.83
N PRO A 173 -11.97 -16.71 -10.93
CA PRO A 173 -13.18 -16.11 -11.51
C PRO A 173 -14.31 -15.98 -10.51
N LEU A 174 -14.55 -17.00 -9.69
CA LEU A 174 -15.66 -16.95 -8.73
C LEU A 174 -15.43 -15.91 -7.65
N TYR A 175 -14.18 -15.77 -7.20
CA TYR A 175 -13.83 -14.81 -6.15
C TYR A 175 -14.07 -13.36 -6.57
N GLU A 176 -13.77 -13.04 -7.83
CA GLU A 176 -14.07 -11.72 -8.40
C GLU A 176 -15.56 -11.39 -8.35
N ASP A 177 -16.40 -12.35 -8.74
CA ASP A 177 -17.86 -12.16 -8.74
C ASP A 177 -18.41 -12.06 -7.31
N PHE A 178 -17.93 -12.92 -6.42
CA PHE A 178 -18.32 -12.85 -5.01
C PHE A 178 -18.06 -11.46 -4.44
N THR A 179 -16.87 -10.94 -4.72
CA THR A 179 -16.43 -9.64 -4.20
C THR A 179 -17.32 -8.51 -4.68
N ALA A 180 -17.63 -8.50 -5.98
CA ALA A 180 -18.56 -7.52 -6.54
C ALA A 180 -19.91 -7.57 -5.84
N LEU A 181 -20.44 -8.77 -5.61
CA LEU A 181 -21.76 -8.91 -4.98
C LEU A 181 -21.74 -8.65 -3.48
N SER A 182 -20.68 -9.05 -2.80
CA SER A 182 -20.54 -8.74 -1.36
C SER A 182 -20.52 -7.22 -1.14
N ASN A 183 -19.75 -6.51 -1.96
CA ASN A 183 -19.65 -5.05 -1.88
C ASN A 183 -20.99 -4.40 -2.22
N GLU A 184 -21.64 -4.88 -3.27
CA GLU A 184 -22.95 -4.35 -3.65
C GLU A 184 -23.94 -4.47 -2.48
N ALA A 185 -23.99 -5.65 -1.86
CA ALA A 185 -24.88 -5.89 -0.71
C ALA A 185 -24.62 -4.91 0.46
N TYR A 186 -23.39 -4.89 0.97
CA TYR A 186 -23.05 -4.10 2.14
C TYR A 186 -22.98 -2.58 1.94
N LYS A 187 -22.83 -2.12 0.71
CA LYS A 187 -22.88 -0.69 0.44
C LYS A 187 -24.29 -0.09 0.61
N GLN A 188 -25.32 -0.91 0.37
CA GLN A 188 -26.70 -0.52 0.66
C GLN A 188 -26.98 -0.47 2.16
N ASP A 189 -26.10 -1.07 2.96
CA ASP A 189 -26.17 -0.93 4.42
C ASP A 189 -25.41 0.29 4.91
N GLY A 190 -24.76 1.02 4.00
CA GLY A 190 -24.07 2.27 4.34
C GLY A 190 -22.56 2.17 4.54
N PHE A 191 -22.01 0.96 4.44
CA PHE A 191 -20.56 0.77 4.55
C PHE A 191 -19.90 1.07 3.19
N THR A 192 -18.65 1.55 3.21
CA THR A 192 -17.94 1.88 1.97
C THR A 192 -17.61 0.61 1.16
N ASP A 193 -17.47 -0.51 1.87
CA ASP A 193 -17.23 -1.81 1.26
C ASP A 193 -17.32 -2.88 2.33
N THR A 194 -17.22 -4.14 1.92
CA THR A 194 -17.37 -5.27 2.84
C THR A 194 -16.29 -5.30 3.92
N GLY A 195 -15.08 -4.89 3.56
CA GLY A 195 -13.98 -4.84 4.52
C GLY A 195 -14.26 -3.90 5.67
N ALA A 196 -14.85 -2.75 5.36
CA ALA A 196 -15.27 -1.80 6.40
C ALA A 196 -16.29 -2.43 7.36
N TYR A 197 -17.25 -3.15 6.82
CA TYR A 197 -18.20 -3.88 7.66
C TYR A 197 -17.50 -4.84 8.61
N TRP A 198 -16.63 -5.70 8.09
CA TRP A 198 -15.90 -6.67 8.91
C TRP A 198 -15.12 -5.96 10.04
N ARG A 199 -14.43 -4.88 9.70
CA ARG A 199 -13.66 -4.10 10.68
C ARG A 199 -14.53 -3.46 11.77
N SER A 200 -15.79 -3.18 11.46
CA SER A 200 -16.67 -2.46 12.40
C SER A 200 -17.06 -3.33 13.60
N TRP A 201 -16.87 -4.64 13.46
CA TRP A 201 -17.12 -5.58 14.55
C TRP A 201 -16.21 -5.29 15.77
N TYR A 202 -15.13 -4.55 15.57
CA TYR A 202 -14.23 -4.25 16.68
C TYR A 202 -14.53 -2.92 17.33
N ASN A 203 -15.50 -2.21 16.75
CA ASN A 203 -15.90 -0.87 17.18
CA ASN A 203 -15.89 -0.86 17.18
C ASN A 203 -14.77 -0.09 17.86
N SER A 204 -13.77 0.26 17.05
CA SER A 204 -12.63 1.07 17.45
C SER A 204 -12.39 1.94 16.23
N PRO A 205 -12.59 3.26 16.38
CA PRO A 205 -12.39 4.16 15.24
C PRO A 205 -10.94 4.15 14.78
N THR A 206 -10.07 3.68 15.67
CA THR A 206 -8.64 3.67 15.43
C THR A 206 -8.09 2.23 15.22
N PHE A 207 -8.97 1.30 14.84
CA PHE A 207 -8.63 -0.13 14.73
C PHE A 207 -7.32 -0.41 14.00
N GLU A 208 -7.18 0.14 12.80
CA GLU A 208 -6.04 -0.15 11.93
C GLU A 208 -4.73 0.42 12.46
N ASP A 209 -4.78 1.63 13.00
CA ASP A 209 -3.61 2.23 13.66
C ASP A 209 -3.14 1.39 14.86
N ASP A 210 -4.09 0.94 15.68
CA ASP A 210 -3.82 0.11 16.86
C ASP A 210 -3.08 -1.17 16.50
N LEU A 211 -3.52 -1.80 15.42
CA LEU A 211 -2.93 -3.03 14.93
C LEU A 211 -1.51 -2.78 14.48
N GLU A 212 -1.32 -1.71 13.71
CA GLU A 212 -0.01 -1.34 13.20
C GLU A 212 1.00 -1.05 14.34
N HIS A 213 0.57 -0.33 15.37
CA HIS A 213 1.41 -0.07 16.54
CA HIS A 213 1.41 -0.07 16.54
C HIS A 213 1.78 -1.38 17.22
N LEU A 214 0.82 -2.31 17.25
CA LEU A 214 1.04 -3.64 17.81
C LEU A 214 2.10 -4.40 17.00
N TYR A 215 1.99 -4.36 15.67
CA TYR A 215 2.93 -5.09 14.85
C TYR A 215 4.36 -4.54 14.93
N GLN A 216 4.49 -3.21 15.03
CA GLN A 216 5.79 -2.56 15.23
C GLN A 216 6.55 -3.12 16.44
N GLN A 217 5.84 -3.44 17.51
CA GLN A 217 6.47 -3.97 18.71
C GLN A 217 6.86 -5.43 18.55
N LEU A 218 6.15 -6.12 17.66
CA LEU A 218 6.32 -7.57 17.51
C LEU A 218 7.33 -7.91 16.43
N GLU A 219 7.46 -7.02 15.45
CA GLU A 219 8.30 -7.26 14.27
C GLU A 219 9.75 -7.63 14.57
N PRO A 220 10.41 -6.97 15.56
CA PRO A 220 11.79 -7.41 15.83
C PRO A 220 11.91 -8.88 16.26
N LEU A 221 10.91 -9.36 17.01
CA LEU A 221 10.90 -10.76 17.41
C LEU A 221 10.81 -11.67 16.19
N TYR A 222 9.96 -11.28 15.24
CA TYR A 222 9.86 -12.07 14.02
C TYR A 222 11.14 -12.01 13.20
N LEU A 223 11.70 -10.81 13.03
CA LEU A 223 12.90 -10.68 12.19
C LEU A 223 14.00 -11.60 12.67
N ASN A 224 14.16 -11.69 14.00
CA ASN A 224 15.19 -12.51 14.63
C ASN A 224 14.95 -14.01 14.56
N LEU A 225 13.69 -14.42 14.72
CA LEU A 225 13.31 -15.82 14.53
C LEU A 225 13.56 -16.22 13.08
N HIS A 226 13.16 -15.33 12.16
CA HIS A 226 13.36 -15.52 10.72
C HIS A 226 14.84 -15.79 10.38
N ALA A 227 15.72 -14.92 10.84
CA ALA A 227 17.16 -15.00 10.51
C ALA A 227 17.80 -16.29 11.04
N PHE A 228 17.45 -16.66 12.28
CA PHE A 228 17.92 -17.87 12.91
C PHE A 228 17.41 -19.09 12.15
N VAL A 229 16.13 -19.06 11.78
CA VAL A 229 15.53 -20.20 11.09
C VAL A 229 16.11 -20.35 9.70
N ARG A 230 16.29 -19.22 9.01
CA ARG A 230 16.89 -19.23 7.69
C ARG A 230 18.32 -19.81 7.72
N ARG A 231 19.10 -19.44 8.74
CA ARG A 231 20.43 -20.04 8.95
C ARG A 231 20.35 -21.57 9.07
N ALA A 232 19.38 -22.06 9.84
CA ALA A 232 19.21 -23.51 10.03
C ALA A 232 18.89 -24.21 8.72
N LEU A 233 17.99 -23.60 7.93
CA LEU A 233 17.62 -24.09 6.58
C LEU A 233 18.79 -24.08 5.61
N HIS A 234 19.60 -23.04 5.67
CA HIS A 234 20.83 -22.96 4.86
C HIS A 234 21.74 -24.15 5.16
N ARG A 235 21.89 -24.49 6.43
CA ARG A 235 22.70 -25.64 6.83
C ARG A 235 22.22 -26.98 6.26
N ARG A 236 20.93 -27.07 5.95
CA ARG A 236 20.39 -28.33 5.42
C ARG A 236 20.09 -28.37 3.92
N TYR A 237 19.79 -27.22 3.34
CA TYR A 237 19.44 -27.16 1.92
C TYR A 237 20.55 -26.56 1.06
N GLY A 238 21.52 -25.92 1.70
CA GLY A 238 22.69 -25.40 1.02
C GLY A 238 22.52 -24.01 0.43
N ASP A 239 23.59 -23.51 -0.17
CA ASP A 239 23.69 -22.15 -0.65
C ASP A 239 22.84 -21.90 -1.91
N ARG A 240 22.46 -22.96 -2.59
CA ARG A 240 21.72 -22.85 -3.85
C ARG A 240 20.24 -22.54 -3.62
N TYR A 241 19.65 -23.23 -2.65
CA TYR A 241 18.22 -23.09 -2.33
C TYR A 241 17.92 -22.08 -1.22
N ILE A 242 18.92 -21.70 -0.43
CA ILE A 242 18.73 -20.71 0.63
C ILE A 242 19.65 -19.50 0.42
N ASN A 243 19.04 -18.31 0.43
CA ASN A 243 19.75 -17.05 0.38
C ASN A 243 19.71 -16.38 1.76
N LEU A 244 20.89 -16.27 2.37
CA LEU A 244 21.02 -15.75 3.72
C LEU A 244 20.67 -14.27 3.85
N ARG A 245 20.54 -13.59 2.73
CA ARG A 245 20.16 -12.19 2.75
C ARG A 245 18.84 -11.97 2.01
N GLY A 246 18.18 -13.06 1.66
CA GLY A 246 16.94 -13.02 0.88
C GLY A 246 15.77 -13.65 1.61
N PRO A 247 14.59 -13.68 0.96
CA PRO A 247 13.43 -14.33 1.55
C PRO A 247 13.59 -15.85 1.54
N ILE A 248 12.93 -16.52 2.48
CA ILE A 248 12.92 -17.98 2.55
C ILE A 248 11.90 -18.53 1.56
N PRO A 249 12.28 -19.56 0.76
CA PRO A 249 11.26 -20.19 -0.09
C PRO A 249 10.06 -20.66 0.73
N ALA A 250 8.85 -20.40 0.21
CA ALA A 250 7.60 -20.53 0.98
C ALA A 250 7.19 -21.96 1.35
N HIS A 251 7.87 -22.94 0.77
CA HIS A 251 7.50 -24.34 0.95
C HIS A 251 8.35 -25.12 1.96
N LEU A 252 9.33 -24.45 2.58
CA LEU A 252 10.28 -25.13 3.46
C LEU A 252 10.04 -25.01 4.96
N LEU A 253 8.91 -24.44 5.36
CA LEU A 253 8.73 -24.06 6.76
C LEU A 253 7.82 -24.97 7.58
N GLY A 254 7.43 -26.09 7.00
CA GLY A 254 6.72 -27.15 7.72
C GLY A 254 5.22 -27.17 7.53
N ASP A 255 4.73 -26.14 6.85
CA ASP A 255 3.32 -25.83 6.73
C ASP A 255 3.07 -25.27 5.31
N MET A 256 1.90 -25.59 4.73
CA MET A 256 1.60 -25.21 3.35
C MET A 256 1.62 -23.68 3.14
N TRP A 257 1.35 -22.93 4.22
CA TRP A 257 1.25 -21.48 4.11
C TRP A 257 2.38 -20.75 4.84
N ALA A 258 3.40 -21.53 5.24
CA ALA A 258 4.52 -21.03 6.04
C ALA A 258 4.04 -20.23 7.26
N GLN A 259 2.82 -20.53 7.71
CA GLN A 259 2.16 -19.73 8.75
C GLN A 259 2.55 -20.20 10.15
N SER A 260 2.97 -21.45 10.24
CA SER A 260 3.35 -22.04 11.52
C SER A 260 4.58 -22.89 11.28
N TRP A 261 5.59 -22.71 12.12
CA TRP A 261 6.87 -23.34 11.86
C TRP A 261 7.22 -24.49 12.79
N GLU A 262 6.31 -24.85 13.70
CA GLU A 262 6.62 -25.91 14.69
C GLU A 262 7.22 -27.19 14.08
N ASN A 263 6.79 -27.57 12.87
CA ASN A 263 7.28 -28.79 12.22
C ASN A 263 8.77 -28.87 11.89
N ILE A 264 9.46 -27.73 11.87
CA ILE A 264 10.90 -27.74 11.65
C ILE A 264 11.68 -27.53 12.94
N TYR A 265 10.97 -27.60 14.07
CA TYR A 265 11.60 -27.55 15.39
C TYR A 265 12.82 -28.46 15.52
N ASP A 266 12.72 -29.68 15.00
CA ASP A 266 13.81 -30.64 15.09
C ASP A 266 15.11 -30.16 14.44
N MET A 267 15.00 -29.24 13.48
CA MET A 267 16.16 -28.68 12.77
C MET A 267 16.79 -27.54 13.54
N VAL A 268 15.99 -26.87 14.37
CA VAL A 268 16.45 -25.65 15.02
C VAL A 268 16.67 -25.78 16.53
N VAL A 269 16.26 -26.89 17.12
CA VAL A 269 16.36 -27.08 18.57
C VAL A 269 17.80 -26.85 19.07
N PRO A 270 18.01 -25.86 19.95
CA PRO A 270 19.36 -25.55 20.43
C PRO A 270 20.01 -26.58 21.35
N PHE A 271 19.25 -27.21 22.24
CA PHE A 271 19.84 -28.17 23.19
C PHE A 271 19.16 -29.54 23.13
N PRO A 272 19.58 -30.39 22.17
CA PRO A 272 18.98 -31.71 21.89
C PRO A 272 19.12 -32.76 23.00
N ASP A 273 19.94 -32.48 24.01
CA ASP A 273 20.10 -33.40 25.14
C ASP A 273 18.99 -33.28 26.17
N LYS A 274 18.20 -32.22 26.04
CA LYS A 274 17.09 -31.97 26.96
C LYS A 274 15.85 -32.75 26.50
N PRO A 275 14.82 -32.85 27.35
CA PRO A 275 13.61 -33.60 26.96
C PRO A 275 13.13 -33.20 25.56
N ASN A 276 12.87 -34.20 24.73
CA ASN A 276 12.33 -33.95 23.39
C ASN A 276 10.90 -33.43 23.48
N LEU A 277 10.74 -32.14 23.19
CA LEU A 277 9.47 -31.46 23.40
C LEU A 277 8.46 -31.63 22.28
N ASP A 278 8.85 -32.30 21.20
CA ASP A 278 7.89 -32.68 20.18
C ASP A 278 7.32 -34.04 20.53
N VAL A 279 6.13 -33.98 21.09
CA VAL A 279 5.46 -35.09 21.76
C VAL A 279 4.74 -36.02 20.79
N THR A 280 4.66 -35.60 19.52
CA THR A 280 4.01 -36.36 18.45
C THR A 280 4.32 -37.86 18.43
N SER A 281 5.60 -38.22 18.49
CA SER A 281 5.99 -39.62 18.34
C SER A 281 5.59 -40.45 19.56
N THR A 282 5.65 -39.81 20.73
CA THR A 282 5.21 -40.42 21.98
C THR A 282 3.70 -40.68 21.94
N MET A 283 2.94 -39.74 21.38
CA MET A 283 1.51 -39.92 21.18
C MET A 283 1.26 -41.13 20.30
N LEU A 284 1.98 -41.20 19.18
CA LEU A 284 1.86 -42.32 18.24
C LEU A 284 2.30 -43.62 18.89
N GLN A 285 3.44 -43.60 19.59
CA GLN A 285 3.98 -44.77 20.30
C GLN A 285 2.98 -45.29 21.34
N GLN A 286 2.30 -44.38 22.01
CA GLN A 286 1.28 -44.73 23.02
C GLN A 286 -0.07 -45.09 22.42
N GLY A 287 -0.23 -44.90 21.11
CA GLY A 287 -1.48 -45.24 20.43
C GLY A 287 -2.65 -44.30 20.71
N TRP A 288 -2.38 -43.00 20.76
CA TRP A 288 -3.46 -42.00 20.96
C TRP A 288 -4.36 -41.93 19.73
N GLN A 289 -5.66 -41.71 19.94
CA GLN A 289 -6.62 -41.54 18.85
C GLN A 289 -7.39 -40.24 19.05
N ALA A 290 -8.07 -39.78 18.00
CA ALA A 290 -8.87 -38.56 18.09
C ALA A 290 -9.67 -38.53 19.40
N THR A 291 -10.37 -39.62 19.69
CA THR A 291 -11.21 -39.72 20.87
C THR A 291 -10.48 -39.35 22.16
N HIS A 292 -9.27 -39.88 22.35
CA HIS A 292 -8.47 -39.58 23.52
C HIS A 292 -8.13 -38.09 23.58
N MET A 293 -7.79 -37.53 22.42
CA MET A 293 -7.43 -36.11 22.32
C MET A 293 -8.54 -35.22 22.81
N PHE A 294 -9.77 -35.46 22.32
CA PHE A 294 -10.94 -34.69 22.73
C PHE A 294 -11.29 -34.91 24.21
N ARG A 295 -11.06 -36.11 24.72
CA ARG A 295 -11.36 -36.39 26.13
C ARG A 295 -10.37 -35.71 27.05
N VAL A 296 -9.09 -35.68 26.63
CA VAL A 296 -8.04 -35.06 27.43
C VAL A 296 -8.25 -33.56 27.48
N ALA A 297 -8.67 -32.99 26.35
CA ALA A 297 -9.00 -31.56 26.25
C ALA A 297 -10.22 -31.22 27.13
N GLU A 298 -11.26 -32.04 27.04
CA GLU A 298 -12.45 -31.86 27.89
C GLU A 298 -12.09 -31.85 29.38
N GLU A 299 -11.20 -32.76 29.78
CA GLU A 299 -10.85 -32.88 31.19
C GLU A 299 -10.15 -31.62 31.71
N PHE A 300 -9.32 -30.98 30.89
CA PHE A 300 -8.72 -29.70 31.27
C PHE A 300 -9.83 -28.68 31.57
N PHE A 301 -10.79 -28.55 30.64
CA PHE A 301 -11.94 -27.70 30.84
C PHE A 301 -12.68 -28.01 32.16
N THR A 302 -12.96 -29.30 32.44
CA THR A 302 -13.64 -29.63 33.70
C THR A 302 -12.77 -29.39 34.94
N SER A 303 -11.44 -29.51 34.81
CA SER A 303 -10.53 -29.21 35.93
C SER A 303 -10.66 -27.76 36.38
N LEU A 304 -11.14 -26.91 35.47
CA LEU A 304 -11.38 -25.50 35.74
C LEU A 304 -12.81 -25.23 36.25
N GLU A 305 -13.61 -26.29 36.38
CA GLU A 305 -15.03 -26.16 36.71
C GLU A 305 -15.83 -25.44 35.61
N LEU A 306 -15.36 -25.61 34.38
CA LEU A 306 -16.12 -25.26 33.18
C LEU A 306 -16.92 -26.50 32.76
N SER A 307 -17.82 -26.35 31.78
CA SER A 307 -18.72 -27.44 31.40
C SER A 307 -18.06 -28.56 30.60
N PRO A 308 -18.49 -29.82 30.82
CA PRO A 308 -18.00 -30.85 29.93
C PRO A 308 -18.74 -30.75 28.59
N MET A 309 -18.34 -31.52 27.59
CA MET A 309 -19.12 -31.63 26.36
C MET A 309 -20.40 -32.45 26.64
N PRO A 310 -21.57 -31.97 26.18
CA PRO A 310 -22.84 -32.71 26.38
C PRO A 310 -22.93 -33.96 25.51
N PRO A 311 -23.86 -34.88 25.83
CA PRO A 311 -24.03 -36.08 25.00
C PRO A 311 -24.24 -35.78 23.51
N GLU A 312 -25.00 -34.73 23.19
CA GLU A 312 -25.26 -34.32 21.82
C GLU A 312 -23.98 -33.99 21.04
N PHE A 313 -22.96 -33.52 21.76
CA PHE A 313 -21.66 -33.25 21.15
C PHE A 313 -20.96 -34.52 20.74
N TRP A 314 -20.91 -35.50 21.65
CA TRP A 314 -20.27 -36.79 21.35
C TRP A 314 -21.02 -37.58 20.26
N GLU A 315 -22.34 -37.53 20.26
CA GLU A 315 -23.11 -38.29 19.27
C GLU A 315 -23.07 -37.63 17.88
N GLY A 316 -23.06 -36.30 17.86
CA GLY A 316 -23.19 -35.55 16.61
C GLY A 316 -21.90 -35.18 15.91
N SER A 317 -20.82 -34.95 16.66
CA SER A 317 -19.57 -34.45 16.08
C SER A 317 -18.91 -35.39 15.08
N MET A 318 -18.14 -34.81 14.15
CA MET A 318 -17.30 -35.57 13.24
C MET A 318 -15.84 -35.36 13.64
N LEU A 319 -15.26 -36.35 14.29
CA LEU A 319 -13.92 -36.20 14.87
C LEU A 319 -12.79 -36.88 14.09
N GLU A 320 -13.17 -37.61 13.04
CA GLU A 320 -12.21 -38.21 12.12
C GLU A 320 -12.67 -37.97 10.70
N LYS A 321 -11.73 -37.93 9.76
CA LYS A 321 -12.09 -37.95 8.35
C LYS A 321 -12.81 -39.27 8.03
N PRO A 322 -14.01 -39.19 7.45
CA PRO A 322 -14.78 -40.38 7.10
C PRO A 322 -13.99 -41.34 6.23
N ALA A 323 -14.16 -42.64 6.46
CA ALA A 323 -13.46 -43.66 5.68
C ALA A 323 -14.28 -44.10 4.48
N ASP A 324 -15.59 -43.89 4.55
CA ASP A 324 -16.49 -44.27 3.47
C ASP A 324 -16.50 -43.21 2.37
N GLY A 325 -16.64 -43.65 1.12
CA GLY A 325 -16.66 -42.75 -0.01
C GLY A 325 -17.50 -41.51 0.25
N ARG A 326 -16.92 -40.55 0.96
CA ARG A 326 -17.62 -39.31 1.28
C ARG A 326 -16.65 -38.13 1.39
N GLU A 327 -16.89 -37.09 0.60
CA GLU A 327 -16.06 -35.93 0.60
C GLU A 327 -16.59 -34.97 1.65
N VAL A 328 -15.67 -34.43 2.46
CA VAL A 328 -16.02 -33.52 3.53
C VAL A 328 -15.13 -32.28 3.51
N VAL A 329 -15.65 -31.20 4.07
CA VAL A 329 -14.84 -30.04 4.44
C VAL A 329 -13.95 -30.48 5.61
N CYS A 330 -12.65 -30.58 5.38
CA CYS A 330 -11.78 -31.07 6.44
C CYS A 330 -11.31 -30.01 7.44
N HIS A 331 -11.31 -28.75 7.03
CA HIS A 331 -10.90 -27.65 7.89
C HIS A 331 -11.77 -27.59 9.14
N ALA A 332 -11.10 -27.65 10.29
CA ALA A 332 -11.76 -27.71 11.58
C ALA A 332 -12.67 -26.49 11.83
N SER A 333 -13.81 -26.75 12.45
CA SER A 333 -14.78 -25.72 12.81
C SER A 333 -15.56 -26.19 14.02
N ALA A 334 -15.98 -25.23 14.84
CA ALA A 334 -16.83 -25.48 15.99
C ALA A 334 -18.23 -24.96 15.66
N TRP A 335 -19.25 -25.73 16.00
CA TRP A 335 -20.59 -25.46 15.50
C TRP A 335 -21.60 -25.23 16.62
N ASP A 336 -22.33 -24.13 16.52
CA ASP A 336 -23.49 -23.83 17.35
C ASP A 336 -24.75 -23.93 16.48
N PHE A 337 -25.67 -24.79 16.87
CA PHE A 337 -26.90 -25.00 16.09
C PHE A 337 -28.03 -24.06 16.49
N TYR A 338 -27.80 -23.23 17.51
CA TYR A 338 -28.76 -22.21 17.96
C TYR A 338 -30.09 -22.77 18.47
N ASN A 339 -30.04 -23.96 19.06
CA ASN A 339 -31.20 -24.55 19.75
C ASN A 339 -30.87 -24.83 21.22
N ARG A 340 -29.70 -24.31 21.65
CA ARG A 340 -29.17 -24.47 23.02
C ARG A 340 -28.94 -25.92 23.44
N LYS A 341 -28.90 -26.83 22.46
CA LYS A 341 -28.80 -28.26 22.72
C LYS A 341 -27.69 -28.91 21.90
N ASP A 342 -27.67 -28.63 20.59
CA ASP A 342 -26.63 -29.19 19.71
C ASP A 342 -25.45 -28.26 19.51
N PHE A 343 -24.27 -28.84 19.71
CA PHE A 343 -22.99 -28.18 19.56
C PHE A 343 -22.07 -29.28 19.10
N ARG A 344 -21.30 -29.01 18.05
CA ARG A 344 -20.44 -30.03 17.45
C ARG A 344 -19.11 -29.49 17.00
N ILE A 345 -18.10 -30.35 16.97
CA ILE A 345 -16.87 -30.04 16.25
C ILE A 345 -16.79 -30.94 15.02
N LYS A 346 -16.26 -30.40 13.93
CA LYS A 346 -16.00 -31.15 12.71
C LYS A 346 -14.52 -30.99 12.32
N GLN A 347 -13.73 -32.03 12.58
CA GLN A 347 -12.28 -31.96 12.41
C GLN A 347 -11.73 -33.29 11.92
N CYS A 348 -10.98 -33.26 10.83
CA CYS A 348 -10.35 -34.45 10.31
C CYS A 348 -9.08 -34.67 11.15
N THR A 349 -9.28 -35.06 12.41
CA THR A 349 -8.22 -35.08 13.42
C THR A 349 -7.08 -36.01 13.08
N ARG A 350 -5.86 -35.49 13.21
CA ARG A 350 -4.65 -36.27 13.04
C ARG A 350 -3.94 -36.40 14.37
N VAL A 351 -3.30 -37.55 14.60
CA VAL A 351 -2.65 -37.81 15.88
C VAL A 351 -1.29 -37.12 15.92
N THR A 352 -1.32 -35.89 16.44
CA THR A 352 -0.20 -34.98 16.35
C THR A 352 -0.30 -33.99 17.52
N MET A 353 0.84 -33.43 17.94
CA MET A 353 0.88 -32.43 19.01
C MET A 353 0.19 -31.11 18.63
N ASP A 354 0.34 -30.66 17.38
CA ASP A 354 -0.32 -29.43 16.94
C ASP A 354 -1.82 -29.64 16.80
N GLN A 355 -2.21 -30.84 16.38
CA GLN A 355 -3.62 -31.21 16.34
C GLN A 355 -4.22 -31.26 17.74
N LEU A 356 -3.39 -31.61 18.73
CA LEU A 356 -3.84 -31.58 20.12
C LEU A 356 -4.19 -30.15 20.54
N SER A 357 -3.34 -29.19 20.17
CA SER A 357 -3.64 -27.76 20.38
C SER A 357 -4.87 -27.30 19.61
N THR A 358 -5.02 -27.78 18.37
CA THR A 358 -6.22 -27.50 17.57
C THR A 358 -7.48 -28.00 18.25
N VAL A 359 -7.43 -29.24 18.74
CA VAL A 359 -8.54 -29.82 19.50
C VAL A 359 -8.97 -28.88 20.64
N HIS A 360 -8.00 -28.42 21.45
CA HIS A 360 -8.28 -27.46 22.53
C HIS A 360 -8.86 -26.16 21.97
N HIS A 361 -8.28 -25.67 20.89
CA HIS A 361 -8.76 -24.45 20.26
C HIS A 361 -10.24 -24.61 19.87
N GLU A 362 -10.56 -25.68 19.16
CA GLU A 362 -11.96 -25.95 18.78
C GLU A 362 -12.86 -26.07 20.00
N MET A 363 -12.43 -26.81 21.02
CA MET A 363 -13.26 -26.96 22.23
C MET A 363 -13.44 -25.62 22.97
N GLY A 364 -12.47 -24.72 22.81
CA GLY A 364 -12.61 -23.34 23.30
C GLY A 364 -13.84 -22.65 22.73
N HIS A 365 -14.05 -22.78 21.41
CA HIS A 365 -15.26 -22.25 20.73
C HIS A 365 -16.54 -22.85 21.33
N ILE A 366 -16.57 -24.17 21.45
CA ILE A 366 -17.74 -24.86 22.01
C ILE A 366 -18.07 -24.39 23.42
N GLN A 367 -17.03 -24.26 24.25
CA GLN A 367 -17.21 -23.86 25.64
C GLN A 367 -17.87 -22.48 25.71
N TYR A 368 -17.41 -21.56 24.86
CA TYR A 368 -18.05 -20.27 24.72
C TYR A 368 -19.55 -20.48 24.41
N TYR A 369 -19.85 -21.31 23.42
CA TYR A 369 -21.25 -21.59 23.06
C TYR A 369 -22.06 -22.09 24.27
N LEU A 370 -21.50 -23.01 25.05
CA LEU A 370 -22.19 -23.58 26.21
C LEU A 370 -22.47 -22.55 27.29
N GLN A 371 -21.55 -21.61 27.45
CA GLN A 371 -21.64 -20.61 28.52
C GLN A 371 -22.63 -19.50 28.23
N TYR A 372 -22.84 -19.17 26.96
CA TYR A 372 -23.76 -18.08 26.65
C TYR A 372 -25.06 -18.54 25.97
N LYS A 373 -25.32 -19.84 26.01
CA LYS A 373 -26.46 -20.42 25.30
C LYS A 373 -27.81 -19.86 25.74
N ASP A 374 -27.87 -19.34 26.96
CA ASP A 374 -29.11 -18.79 27.50
C ASP A 374 -29.26 -17.27 27.31
N LEU A 375 -28.35 -16.68 26.55
CA LEU A 375 -28.46 -15.29 26.14
C LEU A 375 -29.35 -15.15 24.90
N PRO A 376 -30.03 -13.99 24.76
CA PRO A 376 -30.69 -13.64 23.50
C PRO A 376 -29.77 -13.88 22.31
N VAL A 377 -30.32 -14.47 21.26
CA VAL A 377 -29.53 -15.00 20.14
C VAL A 377 -28.45 -14.05 19.59
N SER A 378 -28.73 -12.75 19.59
CA SER A 378 -27.83 -11.76 19.00
C SER A 378 -26.59 -11.54 19.86
N LEU A 379 -26.71 -11.89 21.14
CA LEU A 379 -25.61 -11.77 22.07
C LEU A 379 -24.78 -13.06 22.17
N ARG A 380 -25.07 -14.03 21.30
CA ARG A 380 -24.31 -15.27 21.25
C ARG A 380 -23.13 -15.16 20.30
N ARG A 381 -22.16 -14.34 20.69
CA ARG A 381 -20.93 -14.14 19.94
C ARG A 381 -19.83 -13.85 20.96
N GLY A 382 -18.58 -13.81 20.51
CA GLY A 382 -17.49 -13.38 21.37
C GLY A 382 -17.65 -11.90 21.68
N ALA A 383 -16.99 -11.42 22.74
CA ALA A 383 -16.93 -9.99 23.03
C ALA A 383 -16.39 -9.26 21.79
N ASN A 384 -15.43 -9.91 21.13
CA ASN A 384 -15.15 -9.67 19.71
C ASN A 384 -14.64 -10.99 19.13
N PRO A 385 -14.58 -11.13 17.79
CA PRO A 385 -14.24 -12.43 17.23
C PRO A 385 -12.91 -13.00 17.71
N GLY A 386 -11.93 -12.12 17.95
CA GLY A 386 -10.65 -12.49 18.56
C GLY A 386 -10.73 -13.16 19.92
N PHE A 387 -11.66 -12.70 20.77
CA PHE A 387 -11.95 -13.38 22.06
C PHE A 387 -12.30 -14.85 21.85
N HIS A 388 -13.18 -15.10 20.88
CA HIS A 388 -13.62 -16.45 20.56
C HIS A 388 -12.46 -17.31 20.13
N GLU A 389 -11.57 -16.75 19.32
CA GLU A 389 -10.40 -17.50 18.85
C GLU A 389 -9.35 -17.76 19.95
N ALA A 390 -9.29 -16.89 20.96
CA ALA A 390 -8.24 -16.98 21.98
C ALA A 390 -8.51 -17.99 23.10
N ILE A 391 -9.79 -18.36 23.29
CA ILE A 391 -10.19 -19.20 24.45
C ILE A 391 -9.40 -20.51 24.54
N GLY A 392 -9.40 -21.28 23.46
CA GLY A 392 -8.78 -22.61 23.46
C GLY A 392 -7.26 -22.55 23.49
N ASP A 393 -6.70 -21.58 22.76
CA ASP A 393 -5.26 -21.39 22.68
C ASP A 393 -4.69 -21.09 24.07
N VAL A 394 -5.42 -20.34 24.88
CA VAL A 394 -4.99 -20.03 26.25
C VAL A 394 -4.83 -21.31 27.08
N LEU A 395 -5.80 -22.20 27.01
CA LEU A 395 -5.67 -23.49 27.67
C LEU A 395 -4.49 -24.28 27.09
N ALA A 396 -4.33 -24.24 25.76
CA ALA A 396 -3.23 -24.97 25.11
C ALA A 396 -1.85 -24.45 25.55
N LEU A 397 -1.78 -23.17 25.91
CA LEU A 397 -0.56 -22.61 26.45
C LEU A 397 -0.16 -23.35 27.74
N SER A 398 -1.12 -23.64 28.61
CA SER A 398 -0.84 -24.45 29.80
C SER A 398 -0.46 -25.89 29.45
N VAL A 399 -1.26 -26.50 28.58
CA VAL A 399 -1.12 -27.90 28.20
C VAL A 399 0.26 -28.21 27.64
N SER A 400 0.78 -27.29 26.83
CA SER A 400 2.04 -27.52 26.16
C SER A 400 3.31 -27.31 27.02
N THR A 401 3.16 -26.76 28.22
CA THR A 401 4.30 -26.65 29.14
C THR A 401 4.87 -28.02 29.46
N PRO A 402 6.21 -28.14 29.54
CA PRO A 402 6.82 -29.43 29.85
C PRO A 402 6.20 -30.09 31.09
N GLU A 403 5.87 -29.28 32.09
CA GLU A 403 5.35 -29.81 33.33
C GLU A 403 3.97 -30.43 33.15
N HIS A 404 3.09 -29.76 32.39
CA HIS A 404 1.77 -30.32 32.15
C HIS A 404 1.83 -31.59 31.29
N LEU A 405 2.72 -31.58 30.29
CA LEU A 405 2.94 -32.76 29.42
C LEU A 405 3.41 -33.96 30.23
N HIS A 406 4.25 -33.72 31.23
CA HIS A 406 4.66 -34.75 32.17
C HIS A 406 3.46 -35.32 32.93
N LYS A 407 2.61 -34.44 33.45
CA LYS A 407 1.38 -34.85 34.15
C LYS A 407 0.47 -35.74 33.31
N ILE A 408 0.44 -35.53 32.00
CA ILE A 408 -0.46 -36.33 31.15
C ILE A 408 0.22 -37.52 30.47
N GLY A 409 1.48 -37.76 30.86
CA GLY A 409 2.24 -38.93 30.41
C GLY A 409 2.84 -38.81 29.02
N LEU A 410 3.08 -37.58 28.58
CA LEU A 410 3.64 -37.34 27.24
C LEU A 410 5.11 -36.92 27.27
N LEU A 411 5.66 -36.80 28.48
CA LEU A 411 7.06 -36.45 28.65
C LEU A 411 7.57 -37.13 29.91
N ASP A 412 8.61 -37.96 29.76
CA ASP A 412 9.11 -38.77 30.88
C ASP A 412 9.90 -37.96 31.91
N ARG A 413 10.76 -37.06 31.44
CA ARG A 413 11.60 -36.26 32.34
C ARG A 413 11.05 -34.85 32.53
N VAL A 414 11.22 -34.31 33.74
CA VAL A 414 10.96 -32.90 34.00
C VAL A 414 12.27 -32.18 34.38
N THR A 415 12.55 -31.10 33.68
CA THR A 415 13.76 -30.29 33.90
C THR A 415 13.41 -28.82 34.07
N ASN A 416 14.18 -28.11 34.91
CA ASN A 416 13.97 -26.68 35.11
C ASN A 416 15.28 -25.92 35.02
N ASP A 417 15.69 -25.61 33.80
CA ASP A 417 16.96 -24.91 33.56
C ASP A 417 16.88 -24.02 32.33
N THR A 418 17.86 -23.14 32.17
CA THR A 418 17.83 -22.17 31.10
C THR A 418 17.84 -22.81 29.72
N GLU A 419 18.56 -23.93 29.57
CA GLU A 419 18.59 -24.69 28.32
C GLU A 419 17.20 -25.21 27.93
N SER A 420 16.53 -25.86 28.87
CA SER A 420 15.18 -26.38 28.70
C SER A 420 14.19 -25.27 28.33
N ASP A 421 14.30 -24.13 29.02
CA ASP A 421 13.46 -22.95 28.79
C ASP A 421 13.64 -22.40 27.38
N ILE A 422 14.89 -22.21 26.96
CA ILE A 422 15.21 -21.78 25.60
C ILE A 422 14.59 -22.74 24.59
N ASN A 423 14.71 -24.04 24.82
CA ASN A 423 14.13 -25.03 23.94
C ASN A 423 12.62 -24.85 23.85
N TYR A 424 11.98 -24.65 25.00
CA TYR A 424 10.53 -24.57 25.05
C TYR A 424 10.04 -23.30 24.39
N LEU A 425 10.69 -22.19 24.74
CA LEU A 425 10.32 -20.88 24.20
C LEU A 425 10.58 -20.77 22.70
N LEU A 426 11.60 -21.47 22.20
CA LEU A 426 11.82 -21.45 20.75
C LEU A 426 10.71 -22.21 20.03
N LYS A 427 10.40 -23.41 20.52
CA LYS A 427 9.31 -24.18 19.95
C LYS A 427 8.02 -23.35 19.90
N MET A 428 7.72 -22.63 20.99
CA MET A 428 6.53 -21.79 21.08
C MET A 428 6.59 -20.59 20.13
N ALA A 429 7.78 -20.01 19.98
CA ALA A 429 7.99 -18.93 19.01
C ALA A 429 7.67 -19.38 17.57
N LEU A 430 8.13 -20.57 17.20
CA LEU A 430 7.87 -21.13 15.86
C LEU A 430 6.37 -21.29 15.60
N GLU A 431 5.63 -21.56 16.66
CA GLU A 431 4.19 -21.65 16.60
C GLU A 431 3.54 -20.25 16.64
N LYS A 432 3.97 -19.40 17.56
CA LYS A 432 3.24 -18.16 17.86
C LYS A 432 3.80 -16.91 17.20
N ILE A 433 5.13 -16.73 17.24
CA ILE A 433 5.78 -15.57 16.61
C ILE A 433 5.79 -15.69 15.09
N ALA A 434 6.07 -16.89 14.59
CA ALA A 434 6.08 -17.10 13.15
C ALA A 434 4.74 -16.76 12.48
N PHE A 435 3.64 -17.03 13.17
CA PHE A 435 2.29 -16.72 12.66
C PHE A 435 1.95 -15.21 12.58
N LEU A 436 2.54 -14.40 13.46
CA LEU A 436 2.13 -12.99 13.57
C LEU A 436 2.07 -12.22 12.23
N PRO A 437 3.14 -12.27 11.41
CA PRO A 437 3.06 -11.58 10.12
C PRO A 437 1.89 -12.07 9.25
N PHE A 438 1.63 -13.35 9.28
CA PHE A 438 0.63 -13.94 8.39
C PHE A 438 -0.77 -13.58 8.89
N GLY A 439 -0.99 -13.71 10.20
CA GLY A 439 -2.26 -13.31 10.82
C GLY A 439 -2.60 -11.84 10.56
N TYR A 440 -1.56 -11.06 10.38
CA TYR A 440 -1.69 -9.63 10.15
C TYR A 440 -1.97 -9.37 8.66
N LEU A 441 -1.24 -10.04 7.78
CA LEU A 441 -1.30 -9.71 6.36
C LEU A 441 -2.57 -10.15 5.60
N VAL A 442 -3.23 -11.22 6.02
CA VAL A 442 -4.31 -11.81 5.21
C VAL A 442 -5.45 -10.84 4.96
N ASP A 443 -5.94 -10.21 6.02
CA ASP A 443 -7.01 -9.24 5.85
C ASP A 443 -6.54 -7.89 5.28
N GLN A 444 -5.27 -7.53 5.44
CA GLN A 444 -4.70 -6.40 4.69
C GLN A 444 -4.86 -6.63 3.19
N TRP A 445 -4.53 -7.84 2.73
CA TRP A 445 -4.79 -8.20 1.34
C TRP A 445 -6.28 -8.09 1.01
N ARG A 446 -7.12 -8.65 1.87
CA ARG A 446 -8.53 -8.78 1.55
C ARG A 446 -9.26 -7.44 1.67
N TRP A 447 -8.84 -6.60 2.62
CA TRP A 447 -9.35 -5.23 2.74
C TRP A 447 -9.06 -4.41 1.48
N GLY A 448 -7.87 -4.61 0.91
CA GLY A 448 -7.50 -3.97 -0.35
C GLY A 448 -8.34 -4.45 -1.53
N VAL A 449 -8.72 -5.72 -1.49
CA VAL A 449 -9.55 -6.29 -2.55
C VAL A 449 -10.94 -5.69 -2.47
N PHE A 450 -11.53 -5.71 -1.28
CA PHE A 450 -12.87 -5.15 -1.05
C PHE A 450 -12.96 -3.65 -1.37
N SER A 451 -11.89 -2.91 -1.11
CA SER A 451 -11.91 -1.45 -1.34
C SER A 451 -11.70 -1.09 -2.82
N GLY A 452 -11.28 -2.07 -3.62
CA GLY A 452 -10.90 -1.80 -4.99
C GLY A 452 -9.45 -1.35 -5.15
N ARG A 453 -8.71 -1.16 -4.05
CA ARG A 453 -7.27 -0.88 -4.16
C ARG A 453 -6.52 -2.01 -4.90
N THR A 454 -6.95 -3.25 -4.66
CA THR A 454 -6.42 -4.43 -5.35
C THR A 454 -7.51 -5.03 -6.29
N PRO A 455 -7.48 -4.65 -7.58
CA PRO A 455 -8.38 -5.26 -8.58
C PRO A 455 -7.93 -6.69 -8.97
N PRO A 456 -8.80 -7.46 -9.67
CA PRO A 456 -8.42 -8.82 -10.11
C PRO A 456 -7.06 -8.85 -10.81
N SER A 457 -6.73 -7.81 -11.58
CA SER A 457 -5.44 -7.73 -12.26
C SER A 457 -4.20 -7.65 -11.32
N ARG A 458 -4.41 -7.43 -10.03
CA ARG A 458 -3.29 -7.38 -9.06
C ARG A 458 -3.43 -8.33 -7.85
N TYR A 459 -4.39 -9.26 -7.91
CA TYR A 459 -4.62 -10.21 -6.81
C TYR A 459 -3.32 -10.88 -6.32
N ASN A 460 -2.58 -11.50 -7.23
CA ASN A 460 -1.39 -12.24 -6.84
C ASN A 460 -0.20 -11.35 -6.59
N PHE A 461 -0.03 -10.34 -7.45
CA PHE A 461 1.00 -9.32 -7.28
C PHE A 461 0.94 -8.73 -5.86
N ASP A 462 -0.24 -8.31 -5.44
CA ASP A 462 -0.40 -7.75 -4.11
C ASP A 462 -0.28 -8.77 -2.96
N TRP A 463 -0.75 -10.00 -3.18
CA TRP A 463 -0.60 -11.09 -2.20
C TRP A 463 0.87 -11.29 -1.89
N TRP A 464 1.67 -11.47 -2.95
CA TRP A 464 3.08 -11.77 -2.78
C TRP A 464 3.88 -10.58 -2.29
N TYR A 465 3.39 -9.38 -2.54
CA TYR A 465 4.04 -8.19 -2.00
C TYR A 465 3.96 -8.25 -0.47
N LEU A 466 2.76 -8.48 0.05
CA LEU A 466 2.52 -8.62 1.49
C LEU A 466 3.22 -9.84 2.09
N ARG A 467 3.24 -10.94 1.38
CA ARG A 467 3.89 -12.17 1.87
C ARG A 467 5.40 -11.93 2.10
N THR A 468 6.02 -11.27 1.14
CA THR A 468 7.42 -10.87 1.23
C THR A 468 7.62 -9.78 2.28
N LYS A 469 6.77 -8.76 2.25
CA LYS A 469 6.88 -7.61 3.15
C LYS A 469 6.85 -8.04 4.62
N TYR A 470 5.90 -8.90 4.95
CA TYR A 470 5.68 -9.30 6.33
C TYR A 470 6.35 -10.60 6.74
N GLN A 471 6.17 -11.66 5.94
CA GLN A 471 6.74 -12.96 6.28
C GLN A 471 8.19 -13.15 5.84
N GLY A 472 8.64 -12.41 4.83
CA GLY A 472 9.99 -12.60 4.29
C GLY A 472 10.16 -13.94 3.60
N ILE A 473 9.16 -14.29 2.78
CA ILE A 473 9.17 -15.52 2.01
C ILE A 473 8.94 -15.22 0.53
N CYS A 474 9.31 -16.18 -0.32
CA CYS A 474 9.09 -16.04 -1.76
C CYS A 474 8.54 -17.33 -2.34
N PRO A 475 7.71 -17.23 -3.40
CA PRO A 475 7.25 -18.48 -4.02
C PRO A 475 8.43 -19.19 -4.65
N PRO A 476 8.49 -20.53 -4.51
CA PRO A 476 9.62 -21.30 -5.04
C PRO A 476 9.52 -21.54 -6.55
N VAL A 477 8.35 -21.31 -7.14
CA VAL A 477 8.20 -21.24 -8.60
C VAL A 477 7.63 -19.89 -8.99
N THR A 478 7.80 -19.52 -10.25
CA THR A 478 7.31 -18.26 -10.77
C THR A 478 5.79 -18.26 -10.74
N ARG A 479 5.21 -17.15 -10.31
CA ARG A 479 3.76 -17.00 -10.33
C ARG A 479 3.42 -15.83 -11.24
N ASN A 480 2.20 -15.83 -11.76
CA ASN A 480 1.67 -14.72 -12.55
C ASN A 480 0.19 -14.58 -12.18
N GLU A 481 -0.53 -13.67 -12.84
CA GLU A 481 -1.92 -13.38 -12.43
C GLU A 481 -2.97 -14.43 -12.84
N THR A 482 -2.52 -15.49 -13.49
CA THR A 482 -3.37 -16.66 -13.69
C THR A 482 -3.50 -17.41 -12.36
N HIS A 483 -2.42 -17.36 -11.58
CA HIS A 483 -2.41 -17.90 -10.23
C HIS A 483 -3.16 -17.00 -9.26
N PHE A 484 -3.84 -17.64 -8.32
CA PHE A 484 -4.63 -16.96 -7.32
C PHE A 484 -4.29 -17.57 -5.97
N ASP A 485 -3.08 -17.26 -5.52
CA ASP A 485 -2.48 -17.93 -4.39
C ASP A 485 -3.18 -17.71 -3.05
N ALA A 486 -3.82 -16.55 -2.90
CA ALA A 486 -4.67 -16.26 -1.75
C ALA A 486 -5.85 -17.23 -1.64
N GLY A 487 -6.44 -17.60 -2.77
CA GLY A 487 -7.55 -18.57 -2.78
C GLY A 487 -7.13 -19.98 -2.37
N ALA A 488 -5.83 -20.23 -2.29
CA ALA A 488 -5.33 -21.51 -1.79
C ALA A 488 -5.29 -21.58 -0.25
N LYS A 489 -5.74 -20.52 0.40
CA LYS A 489 -5.86 -20.49 1.85
C LYS A 489 -7.34 -20.57 2.19
N PHE A 490 -7.69 -21.49 3.10
CA PHE A 490 -9.09 -21.85 3.41
C PHE A 490 -10.03 -20.68 3.56
N HIS A 491 -9.64 -19.72 4.39
CA HIS A 491 -10.51 -18.63 4.80
C HIS A 491 -10.95 -17.70 3.68
N VAL A 492 -10.18 -17.67 2.60
CA VAL A 492 -10.47 -16.81 1.45
C VAL A 492 -11.70 -17.29 0.66
N PRO A 493 -11.69 -18.51 0.09
CA PRO A 493 -12.92 -18.95 -0.59
C PRO A 493 -14.07 -19.27 0.37
N ASN A 494 -13.76 -19.47 1.65
CA ASN A 494 -14.79 -19.78 2.63
C ASN A 494 -15.27 -18.52 3.32
N VAL A 495 -14.82 -17.40 2.76
CA VAL A 495 -15.33 -16.05 3.01
C VAL A 495 -15.47 -15.69 4.48
N THR A 496 -14.44 -16.02 5.24
CA THR A 496 -14.44 -15.77 6.67
C THR A 496 -13.18 -15.00 7.09
N PRO A 497 -13.34 -14.00 7.98
CA PRO A 497 -12.28 -13.03 8.22
C PRO A 497 -11.08 -13.59 8.96
N TYR A 498 -9.96 -12.87 8.88
CA TYR A 498 -8.70 -13.38 9.40
C TYR A 498 -8.06 -12.56 10.53
N ILE A 499 -8.37 -11.27 10.59
CA ILE A 499 -7.72 -10.36 11.58
C ILE A 499 -7.96 -10.85 13.00
N ARG A 500 -9.09 -11.55 13.20
CA ARG A 500 -9.40 -12.22 14.48
C ARG A 500 -8.24 -13.02 15.06
N TYR A 501 -7.45 -13.65 14.19
CA TYR A 501 -6.33 -14.49 14.64
C TYR A 501 -5.11 -13.68 15.08
N PHE A 502 -4.83 -12.58 14.39
CA PHE A 502 -3.79 -11.67 14.87
C PHE A 502 -4.19 -11.08 16.21
N VAL A 503 -5.44 -10.67 16.34
CA VAL A 503 -5.98 -10.17 17.61
C VAL A 503 -5.94 -11.25 18.72
N SER A 504 -6.25 -12.49 18.38
CA SER A 504 -6.24 -13.51 19.42
C SER A 504 -4.83 -13.91 19.85
N PHE A 505 -3.85 -13.78 18.97
CA PHE A 505 -2.46 -14.11 19.33
C PHE A 505 -1.88 -13.12 20.36
N VAL A 506 -2.34 -11.88 20.33
CA VAL A 506 -1.98 -10.87 21.32
C VAL A 506 -2.80 -11.07 22.57
N LEU A 507 -4.11 -11.16 22.37
CA LEU A 507 -5.07 -11.35 23.44
C LEU A 507 -4.72 -12.57 24.30
N GLN A 508 -4.37 -13.68 23.66
CA GLN A 508 -4.16 -14.92 24.44
C GLN A 508 -3.06 -14.84 25.51
N PHE A 509 -2.06 -13.99 25.30
CA PHE A 509 -1.00 -13.83 26.30
C PHE A 509 -1.46 -12.89 27.38
N GLN A 510 -2.31 -11.93 27.01
CA GLN A 510 -2.96 -11.07 27.99
C GLN A 510 -3.82 -11.90 28.93
N PHE A 511 -4.62 -12.81 28.37
CA PHE A 511 -5.49 -13.71 29.15
C PHE A 511 -4.66 -14.63 30.04
N HIS A 512 -3.66 -15.26 29.44
CA HIS A 512 -2.77 -16.16 30.15
C HIS A 512 -2.18 -15.51 31.39
N GLU A 513 -1.58 -14.34 31.21
CA GLU A 513 -1.04 -13.56 32.34
C GLU A 513 -2.07 -13.41 33.46
N ALA A 514 -3.26 -12.94 33.10
CA ALA A 514 -4.32 -12.71 34.08
C ALA A 514 -4.80 -13.97 34.78
N LEU A 515 -4.97 -15.06 34.02
CA LEU A 515 -5.41 -16.32 34.62
C LEU A 515 -4.33 -16.94 35.53
N CYS A 516 -3.07 -16.80 35.12
CA CYS A 516 -1.94 -17.23 35.95
C CYS A 516 -1.86 -16.46 37.27
N LYS A 517 -1.96 -15.14 37.19
CA LYS A 517 -1.99 -14.29 38.40
C LYS A 517 -3.17 -14.69 39.29
N GLU A 518 -4.33 -14.90 38.66
CA GLU A 518 -5.54 -15.29 39.35
C GLU A 518 -5.40 -16.65 40.04
N ALA A 519 -4.66 -17.56 39.40
CA ALA A 519 -4.41 -18.88 39.96
C ALA A 519 -3.41 -18.86 41.11
N GLY A 520 -2.79 -17.70 41.36
CA GLY A 520 -1.79 -17.56 42.43
C GLY A 520 -0.44 -18.11 42.06
N TYR A 521 -0.18 -18.22 40.76
CA TYR A 521 1.09 -18.73 40.27
C TYR A 521 2.15 -17.62 40.32
N GLU A 522 3.31 -17.93 40.89
CA GLU A 522 4.30 -16.89 41.21
C GLU A 522 5.53 -16.88 40.31
N GLY A 523 5.72 -17.96 39.53
CA GLY A 523 6.92 -18.13 38.71
C GLY A 523 6.95 -17.41 37.36
N PRO A 524 7.90 -17.80 36.48
CA PRO A 524 7.96 -17.28 35.10
C PRO A 524 6.69 -17.61 34.32
N LEU A 525 6.21 -16.64 33.55
CA LEU A 525 4.96 -16.75 32.80
C LEU A 525 4.87 -17.99 31.89
N HIS A 526 5.99 -18.38 31.29
CA HIS A 526 6.00 -19.48 30.33
C HIS A 526 6.00 -20.86 30.99
N GLN A 527 5.98 -20.88 32.32
CA GLN A 527 5.95 -22.14 33.04
C GLN A 527 4.65 -22.30 33.81
N CYS A 528 3.79 -21.29 33.75
CA CYS A 528 2.48 -21.36 34.36
C CYS A 528 1.63 -22.44 33.69
N ASP A 529 0.85 -23.14 34.53
CA ASP A 529 -0.14 -24.10 34.07
C ASP A 529 -1.36 -23.87 34.97
N ILE A 530 -2.48 -23.48 34.36
CA ILE A 530 -3.67 -23.13 35.15
C ILE A 530 -4.55 -24.35 35.46
N TYR A 531 -4.08 -25.54 35.07
CA TYR A 531 -4.77 -26.81 35.28
C TYR A 531 -5.23 -26.96 36.72
N ARG A 532 -6.51 -27.26 36.88
CA ARG A 532 -7.14 -27.48 38.20
C ARG A 532 -7.31 -26.19 39.00
N SER A 533 -7.06 -25.03 38.40
CA SER A 533 -7.32 -23.77 39.12
C SER A 533 -8.77 -23.34 38.89
N THR A 534 -9.60 -23.58 39.90
CA THR A 534 -11.01 -23.19 39.86
C THR A 534 -11.17 -21.68 39.90
N LYS A 535 -10.22 -20.96 40.52
CA LYS A 535 -10.23 -19.49 40.52
C LYS A 535 -9.97 -18.92 39.12
N ALA A 536 -9.00 -19.49 38.41
CA ALA A 536 -8.76 -19.14 37.00
C ALA A 536 -10.00 -19.45 36.17
N GLY A 537 -10.69 -20.53 36.54
CA GLY A 537 -11.86 -21.00 35.83
C GLY A 537 -13.01 -20.01 35.95
N ALA A 538 -13.28 -19.56 37.16
CA ALA A 538 -14.35 -18.61 37.43
C ALA A 538 -14.11 -17.29 36.72
N LYS A 539 -12.86 -16.83 36.70
CA LYS A 539 -12.50 -15.62 35.96
C LYS A 539 -12.72 -15.73 34.44
N LEU A 540 -12.35 -16.88 33.86
CA LEU A 540 -12.60 -17.15 32.46
C LEU A 540 -14.11 -17.27 32.16
N ARG A 541 -14.84 -17.91 33.09
CA ARG A 541 -16.28 -18.14 32.92
C ARG A 541 -17.06 -16.83 32.76
N LYS A 542 -16.71 -15.83 33.57
CA LYS A 542 -17.29 -14.47 33.47
C LYS A 542 -17.18 -13.88 32.05
N VAL A 543 -16.01 -14.04 31.42
CA VAL A 543 -15.82 -13.60 30.04
C VAL A 543 -16.73 -14.40 29.10
N LEU A 544 -16.80 -15.71 29.30
CA LEU A 544 -17.56 -16.58 28.41
C LEU A 544 -19.08 -16.35 28.52
N ARG A 545 -19.56 -16.18 29.73
CA ARG A 545 -20.99 -15.98 29.98
C ARG A 545 -21.50 -14.62 29.50
N ALA A 546 -20.58 -13.72 29.21
CA ALA A 546 -20.90 -12.36 28.77
C ALA A 546 -21.33 -12.27 27.31
N GLY A 547 -20.86 -13.21 26.49
CA GLY A 547 -21.04 -13.11 25.05
C GLY A 547 -20.69 -11.70 24.55
N SER A 548 -21.52 -11.18 23.65
CA SER A 548 -21.33 -9.83 23.12
C SER A 548 -22.27 -8.83 23.78
N SER A 549 -22.66 -9.09 25.02
CA SER A 549 -23.61 -8.23 25.72
C SER A 549 -22.98 -6.91 26.21
N ARG A 550 -21.66 -6.89 26.37
CA ARG A 550 -20.93 -5.68 26.78
C ARG A 550 -19.78 -5.39 25.80
N PRO A 551 -19.39 -4.11 25.63
CA PRO A 551 -18.28 -3.80 24.74
C PRO A 551 -17.02 -4.53 25.16
N TRP A 552 -16.28 -5.05 24.19
CA TRP A 552 -15.12 -5.90 24.49
C TRP A 552 -14.05 -5.18 25.34
N GLN A 553 -13.99 -3.86 25.22
CA GLN A 553 -13.02 -3.06 25.95
C GLN A 553 -13.28 -3.14 27.45
N GLU A 554 -14.55 -3.27 27.83
CA GLU A 554 -14.93 -3.38 29.24
C GLU A 554 -14.75 -4.80 29.76
N VAL A 555 -15.04 -5.78 28.92
CA VAL A 555 -14.80 -7.18 29.29
C VAL A 555 -13.31 -7.40 29.52
N LEU A 556 -12.49 -6.88 28.60
CA LEU A 556 -11.06 -7.01 28.74
C LEU A 556 -10.58 -6.37 30.05
N LYS A 557 -11.07 -5.15 30.32
CA LYS A 557 -10.72 -4.41 31.54
C LYS A 557 -11.03 -5.21 32.80
N ASP A 558 -12.23 -5.79 32.88
CA ASP A 558 -12.62 -6.62 34.02
C ASP A 558 -11.69 -7.82 34.21
N MET A 559 -11.26 -8.42 33.09
CA MET A 559 -10.46 -9.62 33.16
C MET A 559 -9.00 -9.34 33.45
N VAL A 560 -8.46 -8.35 32.75
CA VAL A 560 -7.03 -8.21 32.56
C VAL A 560 -6.46 -6.98 33.24
N GLY A 561 -7.30 -5.96 33.43
CA GLY A 561 -6.88 -4.72 34.09
C GLY A 561 -6.59 -3.60 33.10
N LEU A 562 -6.69 -3.91 31.81
CA LEU A 562 -6.50 -2.93 30.76
C LEU A 562 -7.65 -3.00 29.77
N ASP A 563 -7.98 -1.87 29.17
CA ASP A 563 -9.13 -1.78 28.28
C ASP A 563 -8.74 -1.82 26.79
N ALA A 564 -7.48 -2.15 26.51
CA ALA A 564 -6.97 -2.17 25.15
C ALA A 564 -6.15 -3.43 24.89
N LEU A 565 -5.90 -3.72 23.62
CA LEU A 565 -4.97 -4.78 23.25
C LEU A 565 -3.57 -4.31 23.63
N ASP A 566 -2.74 -5.24 24.07
CA ASP A 566 -1.39 -4.92 24.55
C ASP A 566 -0.41 -6.08 24.29
N ALA A 567 0.69 -5.77 23.60
CA ALA A 567 1.73 -6.74 23.25
C ALA A 567 2.66 -7.11 24.41
N GLN A 568 2.66 -6.30 25.48
CA GLN A 568 3.57 -6.52 26.59
C GLN A 568 3.58 -7.92 27.23
N PRO A 569 2.39 -8.51 27.52
CA PRO A 569 2.41 -9.86 28.08
C PRO A 569 3.02 -10.92 27.13
N LEU A 570 2.78 -10.78 25.83
CA LEU A 570 3.45 -11.63 24.84
C LEU A 570 4.98 -11.46 24.90
N LEU A 571 5.42 -10.20 24.97
CA LEU A 571 6.85 -9.89 25.02
C LEU A 571 7.49 -10.44 26.29
N LYS A 572 6.85 -10.26 27.43
CA LYS A 572 7.35 -10.79 28.71
C LYS A 572 7.44 -12.31 28.66
N TYR A 573 6.42 -12.95 28.09
CA TYR A 573 6.42 -14.40 27.91
C TYR A 573 7.66 -14.88 27.16
N PHE A 574 8.01 -14.20 26.06
CA PHE A 574 9.10 -14.65 25.21
C PHE A 574 10.46 -13.97 25.48
N GLN A 575 10.50 -13.13 26.51
CA GLN A 575 11.67 -12.30 26.84
C GLN A 575 13.00 -13.08 26.74
N LEU A 576 13.09 -14.22 27.42
CA LEU A 576 14.32 -15.03 27.42
C LEU A 576 14.79 -15.48 26.04
N VAL A 577 13.87 -15.92 25.17
CA VAL A 577 14.28 -16.43 23.86
C VAL A 577 14.51 -15.28 22.88
N THR A 578 13.80 -14.18 23.08
CA THR A 578 14.00 -12.95 22.32
C THR A 578 15.45 -12.45 22.50
N GLN A 579 15.88 -12.35 23.75
CA GLN A 579 17.25 -11.95 24.07
C GLN A 579 18.25 -12.98 23.51
N TRP A 580 17.97 -14.26 23.70
CA TRP A 580 18.79 -15.32 23.15
C TRP A 580 18.96 -15.30 21.61
N LEU A 581 17.87 -15.16 20.87
CA LEU A 581 17.91 -15.15 19.41
C LEU A 581 18.70 -13.96 18.87
N GLN A 582 18.51 -12.79 19.49
CA GLN A 582 19.32 -11.60 19.19
C GLN A 582 20.81 -11.89 19.31
N GLU A 583 21.19 -12.48 20.44
CA GLU A 583 22.59 -12.79 20.73
C GLU A 583 23.15 -13.81 19.74
N GLN A 584 22.39 -14.86 19.47
CA GLN A 584 22.79 -15.83 18.46
C GLN A 584 23.07 -15.18 17.09
N ASN A 585 22.11 -14.38 16.62
CA ASN A 585 22.22 -13.72 15.31
C ASN A 585 23.42 -12.76 15.19
N GLN A 586 23.64 -11.97 16.23
CA GLN A 586 24.76 -11.02 16.28
C GLN A 586 26.10 -11.75 16.28
N GLN A 587 26.20 -12.79 17.09
CA GLN A 587 27.39 -13.65 17.12
C GLN A 587 27.63 -14.35 15.79
N ASN A 588 26.56 -14.73 15.11
CA ASN A 588 26.68 -15.36 13.80
C ASN A 588 26.85 -14.35 12.68
N GLY A 589 26.74 -13.06 13.02
CA GLY A 589 26.81 -11.98 12.04
C GLY A 589 25.73 -12.06 10.98
N GLU A 590 24.50 -12.34 11.41
CA GLU A 590 23.36 -12.43 10.49
C GLU A 590 22.90 -11.05 10.04
N VAL A 591 22.22 -11.03 8.90
CA VAL A 591 21.50 -9.84 8.45
C VAL A 591 20.01 -10.01 8.75
N LEU A 592 19.48 -9.12 9.58
CA LEU A 592 18.07 -9.13 9.92
C LEU A 592 17.26 -8.58 8.76
N GLY A 593 16.33 -9.38 8.26
CA GLY A 593 15.51 -8.99 7.12
C GLY A 593 15.98 -9.66 5.86
N TRP A 594 15.41 -9.24 4.74
CA TRP A 594 15.67 -9.84 3.44
C TRP A 594 15.91 -8.75 2.39
N PRO A 595 17.06 -8.04 2.50
CA PRO A 595 17.40 -6.96 1.57
C PRO A 595 17.40 -7.36 0.09
N GLU A 596 17.75 -8.60 -0.23
CA GLU A 596 17.64 -9.11 -1.60
C GLU A 596 16.21 -9.57 -1.88
N TYR A 597 15.29 -8.61 -1.87
CA TYR A 597 13.86 -8.84 -1.95
C TYR A 597 13.40 -9.50 -3.26
N GLN A 598 14.23 -9.45 -4.29
CA GLN A 598 13.82 -9.88 -5.62
C GLN A 598 14.20 -11.34 -5.86
N TRP A 599 14.97 -11.88 -4.92
CA TRP A 599 15.51 -13.22 -5.05
C TRP A 599 14.45 -14.32 -5.00
N HIS A 600 14.62 -15.29 -5.91
CA HIS A 600 13.83 -16.51 -5.94
C HIS A 600 14.78 -17.68 -6.16
N PRO A 601 14.50 -18.82 -5.51
CA PRO A 601 15.34 -20.00 -5.71
C PRO A 601 15.24 -20.56 -7.13
N PRO A 602 16.29 -21.24 -7.61
CA PRO A 602 16.17 -21.92 -8.89
C PRO A 602 15.30 -23.16 -8.78
N LEU A 603 14.84 -23.67 -9.92
CA LEU A 603 14.18 -24.95 -9.98
C LEU A 603 15.19 -26.06 -9.74
N PRO A 604 14.74 -27.20 -9.16
CA PRO A 604 15.59 -28.40 -9.09
C PRO A 604 15.81 -28.95 -10.49
N ASP A 605 16.93 -29.65 -10.69
CA ASP A 605 17.34 -30.08 -12.03
C ASP A 605 16.31 -30.92 -12.78
N ASN A 606 15.64 -31.82 -12.04
CA ASN A 606 14.68 -32.74 -12.64
C ASN A 606 13.21 -32.32 -12.44
N TYR A 607 13.00 -31.01 -12.38
CA TYR A 607 11.66 -30.44 -12.29
C TYR A 607 10.92 -30.59 -13.63
N PRO A 608 9.66 -31.08 -13.59
CA PRO A 608 8.91 -31.48 -12.39
C PRO A 608 8.92 -32.98 -12.02
N GLU A 609 9.35 -33.85 -12.93
CA GLU A 609 9.24 -35.31 -12.72
C GLU A 609 9.93 -35.84 -11.45
N GLY A 610 9.17 -36.58 -10.65
CA GLY A 610 9.65 -37.11 -9.37
C GLY A 610 10.16 -38.54 -9.52
N LEU B 1 20.90 37.04 13.79
CA LEU B 1 19.94 37.83 12.97
C LEU B 1 20.00 39.32 13.31
N ASP B 2 20.29 40.14 12.29
CA ASP B 2 20.38 41.58 12.48
C ASP B 2 19.16 42.12 13.21
N PRO B 3 19.28 43.31 13.79
CA PRO B 3 18.19 43.93 14.53
C PRO B 3 17.15 44.55 13.58
N GLY B 4 17.57 44.86 12.36
CA GLY B 4 16.67 45.45 11.39
C GLY B 4 15.80 44.41 10.70
N LEU B 5 15.95 43.16 11.11
CA LEU B 5 15.17 42.07 10.54
C LEU B 5 14.27 41.42 11.59
N GLN B 6 14.51 41.75 12.85
CA GLN B 6 13.73 41.20 13.96
C GLN B 6 12.37 41.88 14.12
N PRO B 7 11.38 41.14 14.64
CA PRO B 7 10.00 41.62 14.61
C PRO B 7 9.66 42.66 15.69
N GLY B 8 8.86 43.64 15.29
CA GLY B 8 8.41 44.68 16.21
C GLY B 8 7.17 44.24 16.98
N GLN B 9 6.70 45.10 17.86
CA GLN B 9 5.48 44.82 18.59
C GLN B 9 4.25 45.41 17.89
N PHE B 10 3.18 44.62 17.86
CA PHE B 10 1.92 45.00 17.23
C PHE B 10 0.76 44.64 18.15
N SER B 11 -0.39 45.30 17.95
CA SER B 11 -1.59 45.05 18.73
C SER B 11 -2.23 43.72 18.30
N ALA B 12 -2.67 42.95 19.29
CA ALA B 12 -3.16 41.60 19.05
C ALA B 12 -4.58 41.57 18.46
N ASP B 13 -4.70 42.10 17.24
CA ASP B 13 -5.98 42.09 16.50
C ASP B 13 -5.74 42.17 15.00
N GLU B 14 -6.85 42.12 14.23
CA GLU B 14 -6.81 42.14 12.77
C GLU B 14 -6.06 43.34 12.17
N ALA B 15 -6.36 44.55 12.67
CA ALA B 15 -5.69 45.77 12.21
C ALA B 15 -4.18 45.75 12.51
N GLY B 16 -3.81 45.30 13.71
CA GLY B 16 -2.42 45.09 14.11
C GLY B 16 -1.75 43.99 13.30
N ALA B 17 -2.54 42.97 12.93
CA ALA B 17 -2.06 41.85 12.09
C ALA B 17 -1.80 42.25 10.63
N GLN B 18 -2.57 43.21 10.14
CA GLN B 18 -2.35 43.76 8.80
C GLN B 18 -1.01 44.50 8.77
N LEU B 19 -0.72 45.22 9.85
CA LEU B 19 0.56 45.91 10.01
C LEU B 19 1.72 44.93 10.24
N PHE B 20 1.43 43.83 10.93
CA PHE B 20 2.42 42.76 11.14
C PHE B 20 2.82 42.14 9.79
N ALA B 21 1.83 41.91 8.94
CA ALA B 21 2.03 41.36 7.61
C ALA B 21 2.92 42.26 6.77
N GLN B 22 2.58 43.54 6.72
CA GLN B 22 3.36 44.52 5.98
C GLN B 22 4.83 44.54 6.40
N SER B 23 5.06 44.50 7.72
CA SER B 23 6.43 44.53 8.24
C SER B 23 7.15 43.21 8.02
N TYR B 24 6.42 42.10 8.10
CA TYR B 24 6.99 40.77 7.85
C TYR B 24 7.58 40.67 6.45
N GLN B 25 6.78 41.00 5.44
CA GLN B 25 7.15 40.88 4.04
C GLN B 25 8.15 41.95 3.62
N SER B 26 8.28 42.98 4.46
CA SER B 26 9.27 44.02 4.26
C SER B 26 10.69 43.52 4.55
N SER B 27 10.84 42.74 5.63
CA SER B 27 12.16 42.19 5.98
C SER B 27 12.42 40.85 5.31
N ALA B 28 11.34 40.20 4.86
CA ALA B 28 11.41 38.87 4.24
C ALA B 28 12.11 38.90 2.88
N GLU B 29 11.88 39.98 2.13
CA GLU B 29 12.51 40.14 0.83
C GLU B 29 14.03 40.03 0.89
N GLN B 30 14.65 40.67 1.89
CA GLN B 30 16.12 40.68 2.04
C GLN B 30 16.69 39.32 2.40
N VAL B 31 15.98 38.60 3.27
CA VAL B 31 16.39 37.27 3.70
C VAL B 31 16.22 36.25 2.56
N LEU B 32 15.07 36.31 1.87
CA LEU B 32 14.82 35.46 0.71
C LEU B 32 15.85 35.72 -0.38
N PHE B 33 16.11 36.99 -0.66
CA PHE B 33 17.07 37.35 -1.69
C PHE B 33 18.46 36.75 -1.45
N GLN B 34 19.02 36.93 -0.25
CA GLN B 34 20.37 36.42 0.01
C GLN B 34 20.44 34.88 0.06
N SER B 35 19.33 34.23 0.38
CA SER B 35 19.23 32.78 0.34
C SER B 35 19.19 32.29 -1.11
N VAL B 36 18.29 32.85 -1.92
CA VAL B 36 18.21 32.52 -3.36
C VAL B 36 19.52 32.86 -4.07
N ALA B 37 20.08 34.02 -3.75
CA ALA B 37 21.40 34.43 -4.26
C ALA B 37 22.48 33.38 -4.00
N ALA B 38 22.53 32.86 -2.78
CA ALA B 38 23.55 31.88 -2.40
C ALA B 38 23.31 30.49 -3.01
N SER B 39 22.05 30.17 -3.27
CA SER B 39 21.71 28.93 -3.99
C SER B 39 22.19 29.03 -5.43
N TRP B 40 21.89 30.17 -6.05
CA TRP B 40 22.36 30.45 -7.39
C TRP B 40 23.87 30.26 -7.49
N ALA B 41 24.62 30.94 -6.60
CA ALA B 41 26.08 30.83 -6.59
C ALA B 41 26.57 29.39 -6.49
N HIS B 42 25.87 28.57 -5.73
CA HIS B 42 26.18 27.14 -5.65
C HIS B 42 25.76 26.33 -6.88
N ASP B 43 24.50 26.45 -7.31
CA ASP B 43 23.98 25.59 -8.37
C ASP B 43 24.66 25.80 -9.72
N THR B 44 25.17 27.02 -9.93
CA THR B 44 25.90 27.34 -11.15
C THR B 44 27.37 26.99 -11.00
N ASN B 45 27.95 27.37 -9.86
CA ASN B 45 29.33 27.06 -9.55
C ASN B 45 29.44 26.14 -8.34
N ILE B 46 29.45 24.83 -8.60
CA ILE B 46 29.49 23.84 -7.54
C ILE B 46 30.87 23.71 -6.89
N THR B 47 30.94 24.10 -5.62
CA THR B 47 32.17 23.97 -4.84
C THR B 47 31.84 23.80 -3.36
N ALA B 48 32.79 23.28 -2.58
CA ALA B 48 32.61 23.11 -1.14
C ALA B 48 32.41 24.45 -0.47
N GLU B 49 33.16 25.44 -0.93
CA GLU B 49 33.06 26.80 -0.41
C GLU B 49 31.70 27.41 -0.73
N ASN B 50 31.22 27.19 -1.94
CA ASN B 50 29.88 27.66 -2.32
C ASN B 50 28.78 26.97 -1.52
N ALA B 51 28.95 25.67 -1.26
CA ALA B 51 28.05 24.92 -0.38
C ALA B 51 28.01 25.53 1.04
N ARG B 52 29.18 25.92 1.55
CA ARG B 52 29.29 26.57 2.85
C ARG B 52 28.52 27.89 2.94
N ARG B 53 28.69 28.74 1.93
CA ARG B 53 27.98 30.02 1.86
C ARG B 53 26.47 29.83 1.83
N GLN B 54 26.01 28.88 1.00
CA GLN B 54 24.60 28.58 0.88
C GLN B 54 24.01 28.06 2.21
N GLU B 55 24.80 27.26 2.93
CA GLU B 55 24.39 26.80 4.25
C GLU B 55 24.31 27.94 5.29
N GLU B 56 25.23 28.89 5.19
CA GLU B 56 25.21 30.07 6.08
C GLU B 56 23.94 30.89 5.85
N ALA B 57 23.53 31.01 4.59
CA ALA B 57 22.32 31.74 4.25
C ALA B 57 21.07 31.02 4.75
N ALA B 58 21.16 29.69 4.77
CA ALA B 58 20.04 28.86 5.18
C ALA B 58 19.76 29.04 6.68
N LEU B 59 20.81 29.09 7.48
CA LEU B 59 20.69 29.38 8.92
C LEU B 59 20.02 30.73 9.19
N LEU B 60 20.43 31.76 8.45
CA LEU B 60 19.86 33.09 8.56
C LEU B 60 18.35 33.08 8.30
N SER B 61 17.93 32.34 7.27
CA SER B 61 16.51 32.16 6.94
C SER B 61 15.71 31.55 8.09
N GLN B 62 16.30 30.54 8.73
CA GLN B 62 15.65 29.84 9.83
C GLN B 62 15.50 30.75 11.05
N GLU B 63 16.59 31.42 11.45
CA GLU B 63 16.54 32.47 12.47
C GLU B 63 15.37 33.43 12.19
N PHE B 64 15.31 33.94 10.95
CA PHE B 64 14.25 34.84 10.55
C PHE B 64 12.85 34.20 10.65
N ALA B 65 12.71 32.98 10.13
CA ALA B 65 11.41 32.28 10.15
C ALA B 65 10.97 31.99 11.59
N GLU B 66 11.94 31.68 12.45
CA GLU B 66 11.69 31.48 13.86
C GLU B 66 11.08 32.74 14.50
N ALA B 67 11.81 33.85 14.47
CA ALA B 67 11.39 35.08 15.15
C ALA B 67 9.97 35.51 14.75
N TRP B 68 9.70 35.55 13.45
CA TRP B 68 8.42 36.06 12.96
C TRP B 68 7.26 35.07 13.13
N GLY B 69 7.55 33.79 12.93
CA GLY B 69 6.60 32.71 13.23
C GLY B 69 6.18 32.67 14.69
N GLN B 70 7.15 32.71 15.59
CA GLN B 70 6.91 32.69 17.04
C GLN B 70 6.04 33.86 17.51
N LYS B 71 6.42 35.07 17.07
CA LYS B 71 5.70 36.29 17.41
C LYS B 71 4.28 36.32 16.84
N ALA B 72 4.07 35.66 15.69
CA ALA B 72 2.73 35.53 15.11
C ALA B 72 1.82 34.65 15.97
N LYS B 73 2.41 33.61 16.57
CA LYS B 73 1.71 32.75 17.52
C LYS B 73 1.44 33.51 18.82
N GLU B 74 2.47 34.20 19.32
CA GLU B 74 2.35 35.03 20.52
C GLU B 74 1.29 36.12 20.38
N LEU B 75 1.05 36.56 19.15
CA LEU B 75 0.10 37.66 18.92
C LEU B 75 -1.27 37.21 18.41
N TYR B 76 -1.30 36.27 17.47
CA TYR B 76 -2.55 35.98 16.76
C TYR B 76 -3.00 34.50 16.77
N GLU B 77 -2.30 33.64 17.53
CA GLU B 77 -2.56 32.20 17.53
C GLU B 77 -4.04 31.78 17.57
N PRO B 78 -4.81 32.28 18.57
CA PRO B 78 -6.23 31.93 18.52
C PRO B 78 -7.00 32.70 17.44
N ILE B 79 -6.91 34.03 17.47
CA ILE B 79 -7.81 34.92 16.73
C ILE B 79 -7.69 34.90 15.19
N TRP B 80 -6.53 34.49 14.68
CA TRP B 80 -6.23 34.63 13.25
C TRP B 80 -7.17 33.85 12.32
N GLN B 81 -7.63 32.68 12.77
CA GLN B 81 -8.53 31.85 11.98
C GLN B 81 -9.94 32.46 11.83
N GLN B 82 -10.20 33.53 12.59
CA GLN B 82 -11.51 34.18 12.60
C GLN B 82 -11.50 35.61 12.00
N PHE B 83 -10.40 35.99 11.36
CA PHE B 83 -10.30 37.28 10.66
C PHE B 83 -11.16 37.29 9.41
N THR B 84 -11.59 38.49 8.99
CA THR B 84 -12.51 38.63 7.86
C THR B 84 -11.82 38.76 6.49
N ASP B 85 -10.57 39.24 6.49
CA ASP B 85 -9.74 39.26 5.29
C ASP B 85 -9.12 37.85 5.09
N PRO B 86 -9.60 37.10 4.08
CA PRO B 86 -9.10 35.74 3.84
C PRO B 86 -7.65 35.73 3.36
N GLN B 87 -7.26 36.81 2.70
CA GLN B 87 -5.91 37.03 2.21
C GLN B 87 -4.93 37.18 3.39
N LEU B 88 -5.39 37.86 4.43
CA LEU B 88 -4.61 38.05 5.65
C LEU B 88 -4.45 36.72 6.39
N ARG B 89 -5.55 35.96 6.45
CA ARG B 89 -5.54 34.65 7.11
C ARG B 89 -4.49 33.72 6.50
N ARG B 90 -4.43 33.73 5.16
CA ARG B 90 -3.47 32.91 4.41
C ARG B 90 -2.02 33.35 4.68
N ILE B 91 -1.80 34.66 4.79
CA ILE B 91 -0.46 35.20 5.09
C ILE B 91 -0.01 34.79 6.49
N ILE B 92 -0.88 34.99 7.49
CA ILE B 92 -0.54 34.67 8.87
C ILE B 92 -0.40 33.17 9.09
N GLY B 93 -1.35 32.41 8.53
CA GLY B 93 -1.25 30.95 8.48
C GLY B 93 0.06 30.46 7.89
N ALA B 94 0.63 31.25 6.98
CA ALA B 94 1.94 30.93 6.39
C ALA B 94 3.09 31.21 7.36
N VAL B 95 3.08 32.38 8.00
CA VAL B 95 4.17 32.81 8.90
C VAL B 95 4.29 31.90 10.12
N ARG B 96 3.16 31.43 10.61
CA ARG B 96 3.13 30.56 11.78
C ARG B 96 3.55 29.11 11.48
N THR B 97 3.73 28.80 10.19
CA THR B 97 4.31 27.52 9.77
C THR B 97 5.83 27.69 9.71
N LEU B 98 6.51 27.14 10.72
CA LEU B 98 7.95 27.37 10.91
C LEU B 98 8.85 26.41 10.15
N GLY B 99 8.41 25.15 10.02
CA GLY B 99 9.18 24.12 9.31
C GLY B 99 10.49 23.76 10.01
N SER B 100 11.57 23.73 9.22
CA SER B 100 12.91 23.41 9.72
C SER B 100 13.43 24.40 10.76
N ALA B 101 12.68 25.49 10.98
CA ALA B 101 12.99 26.46 12.01
C ALA B 101 12.51 25.98 13.39
N ASN B 102 11.68 24.95 13.41
CA ASN B 102 11.30 24.28 14.65
C ASN B 102 12.46 23.47 15.23
N LEU B 103 13.44 23.18 14.37
CA LEU B 103 14.63 22.42 14.77
C LEU B 103 15.59 23.29 15.57
N PRO B 104 16.28 22.69 16.57
CA PRO B 104 17.33 23.39 17.30
C PRO B 104 18.47 23.72 16.35
N LEU B 105 19.44 24.52 16.81
CA LEU B 105 20.56 24.95 15.97
C LEU B 105 21.44 23.82 15.41
N ALA B 106 21.92 22.94 16.29
CA ALA B 106 22.82 21.86 15.88
C ALA B 106 22.20 21.00 14.77
N LYS B 107 20.90 20.73 14.90
CA LYS B 107 20.16 19.94 13.91
C LYS B 107 19.90 20.76 12.65
N ARG B 108 19.66 22.05 12.82
CA ARG B 108 19.52 22.98 11.71
C ARG B 108 20.71 22.91 10.77
N GLN B 109 21.91 22.79 11.33
CA GLN B 109 23.13 22.68 10.54
C GLN B 109 23.20 21.36 9.78
N GLN B 110 22.83 20.28 10.48
CA GLN B 110 22.86 18.94 9.92
C GLN B 110 21.92 18.81 8.71
N TYR B 111 20.72 19.37 8.85
CA TYR B 111 19.72 19.41 7.79
C TYR B 111 20.24 20.16 6.57
N ASN B 112 20.64 21.41 6.79
CA ASN B 112 21.25 22.24 5.75
C ASN B 112 22.39 21.53 5.02
N ALA B 113 23.27 20.87 5.78
CA ALA B 113 24.42 20.16 5.21
C ALA B 113 24.04 18.92 4.38
N LEU B 114 22.97 18.24 4.79
CA LEU B 114 22.50 17.06 4.07
C LEU B 114 22.00 17.44 2.67
N LEU B 115 21.24 18.53 2.59
CA LEU B 115 20.70 19.01 1.33
C LEU B 115 21.81 19.37 0.35
N SER B 116 22.86 19.98 0.88
CA SER B 116 24.00 20.38 0.08
C SER B 116 24.70 19.14 -0.46
N GLN B 117 24.91 18.16 0.43
CA GLN B 117 25.59 16.92 0.08
CA GLN B 117 25.60 16.95 0.04
C GLN B 117 24.77 16.09 -0.92
N MET B 118 23.47 15.94 -0.65
CA MET B 118 22.61 15.19 -1.56
C MET B 118 22.59 15.78 -2.97
N SER B 119 22.50 17.12 -3.04
CA SER B 119 22.55 17.83 -4.33
C SER B 119 23.84 17.59 -5.09
N ARG B 120 24.98 17.76 -4.41
CA ARG B 120 26.28 17.55 -5.03
C ARG B 120 26.38 16.16 -5.65
N ILE B 121 26.02 15.14 -4.86
CA ILE B 121 26.12 13.74 -5.31
C ILE B 121 25.33 13.51 -6.59
N TYR B 122 24.09 14.00 -6.63
CA TYR B 122 23.23 13.80 -7.79
C TYR B 122 23.79 14.54 -9.02
N SER B 123 24.17 15.79 -8.84
CA SER B 123 24.57 16.64 -9.95
C SER B 123 26.02 16.45 -10.38
N THR B 124 26.81 15.71 -9.60
CA THR B 124 28.21 15.44 -9.96
C THR B 124 28.52 13.97 -10.27
N ALA B 125 27.55 13.07 -10.06
CA ALA B 125 27.77 11.64 -10.30
C ALA B 125 28.02 11.35 -11.77
N LYS B 126 28.91 10.38 -12.04
CA LYS B 126 29.26 10.03 -13.40
C LYS B 126 29.33 8.53 -13.61
N VAL B 127 29.22 8.12 -14.87
CA VAL B 127 29.35 6.73 -15.26
C VAL B 127 30.61 6.59 -16.09
N CYS B 128 31.53 5.77 -15.63
CA CYS B 128 32.82 5.62 -16.30
C CYS B 128 32.95 4.29 -17.04
N LEU B 129 33.54 4.36 -18.23
CA LEU B 129 33.75 3.20 -19.10
C LEU B 129 34.92 2.37 -18.60
N THR B 133 38.41 3.23 -21.31
CA THR B 133 38.29 3.03 -19.87
C THR B 133 38.72 4.30 -19.11
N ALA B 134 38.82 5.41 -19.82
CA ALA B 134 39.24 6.69 -19.22
C ALA B 134 38.12 7.75 -19.12
N THR B 135 37.42 8.01 -20.21
CA THR B 135 36.35 9.03 -20.27
C THR B 135 35.15 8.67 -19.38
N CYS B 136 34.58 9.67 -18.70
CA CYS B 136 33.39 9.47 -17.87
C CYS B 136 32.19 10.28 -18.37
N TRP B 137 30.99 9.72 -18.21
CA TRP B 137 29.78 10.32 -18.75
C TRP B 137 28.95 11.04 -17.70
N SER B 138 28.49 12.24 -18.04
CA SER B 138 27.57 12.98 -17.18
C SER B 138 26.13 12.60 -17.54
N LEU B 139 25.22 12.81 -16.60
CA LEU B 139 23.80 12.58 -16.86
C LEU B 139 23.35 13.45 -18.05
N ASP B 140 23.55 14.76 -17.92
CA ASP B 140 23.17 15.73 -18.95
C ASP B 140 24.45 16.40 -19.44
N PRO B 141 24.76 16.27 -20.75
CA PRO B 141 23.97 15.66 -21.83
C PRO B 141 24.18 14.16 -22.10
N ASP B 142 25.28 13.58 -21.62
CA ASP B 142 25.75 12.28 -22.13
C ASP B 142 24.79 11.10 -22.00
N LEU B 143 24.40 10.80 -20.76
CA LEU B 143 23.54 9.66 -20.48
C LEU B 143 22.13 9.93 -21.00
N THR B 144 21.70 11.20 -20.98
CA THR B 144 20.43 11.60 -21.57
C THR B 144 20.41 11.30 -23.07
N ASN B 145 21.49 11.68 -23.78
CA ASN B 145 21.60 11.40 -25.21
C ASN B 145 21.60 9.90 -25.53
N ILE B 146 22.36 9.12 -24.78
CA ILE B 146 22.40 7.66 -24.98
C ILE B 146 21.01 7.03 -24.83
N LEU B 147 20.28 7.42 -23.78
CA LEU B 147 18.95 6.86 -23.54
C LEU B 147 17.94 7.28 -24.60
N ALA B 148 18.13 8.49 -25.15
CA ALA B 148 17.24 9.03 -26.17
C ALA B 148 17.42 8.38 -27.54
N SER B 149 18.66 8.04 -27.90
CA SER B 149 18.98 7.72 -29.29
C SER B 149 19.56 6.31 -29.55
N SER B 150 20.25 5.73 -28.58
CA SER B 150 20.81 4.38 -28.75
C SER B 150 19.70 3.34 -28.84
N ARG B 151 19.92 2.35 -29.71
CA ARG B 151 18.99 1.23 -29.90
C ARG B 151 19.71 -0.09 -29.62
N SER B 152 20.85 0.01 -28.95
CA SER B 152 21.61 -1.15 -28.49
C SER B 152 21.23 -1.51 -27.05
N TYR B 153 20.56 -2.65 -26.90
CA TYR B 153 20.13 -3.13 -25.58
C TYR B 153 21.24 -3.03 -24.53
N ALA B 154 22.43 -3.54 -24.85
CA ALA B 154 23.55 -3.54 -23.91
C ALA B 154 24.09 -2.15 -23.56
N MET B 155 24.01 -1.22 -24.51
CA MET B 155 24.47 0.16 -24.30
C MET B 155 23.45 0.89 -23.41
N LEU B 156 22.18 0.79 -23.78
CA LEU B 156 21.10 1.37 -22.97
C LEU B 156 21.18 0.86 -21.54
N LEU B 157 21.46 -0.43 -21.40
CA LEU B 157 21.59 -1.08 -20.11
C LEU B 157 22.77 -0.54 -19.31
N PHE B 158 23.94 -0.48 -19.93
CA PHE B 158 25.13 0.03 -19.26
C PHE B 158 24.88 1.42 -18.67
N ALA B 159 24.22 2.27 -19.44
CA ALA B 159 23.93 3.63 -19.02
C ALA B 159 22.85 3.71 -17.91
N TRP B 160 21.80 2.90 -18.04
CA TRP B 160 20.72 2.83 -17.02
C TRP B 160 21.24 2.32 -15.67
N GLU B 161 22.00 1.22 -15.70
CA GLU B 161 22.55 0.62 -14.49
C GLU B 161 23.61 1.52 -13.90
N GLY B 162 24.50 2.01 -14.77
CA GLY B 162 25.58 2.88 -14.37
C GLY B 162 25.04 4.10 -13.67
N TRP B 163 24.01 4.74 -14.24
CA TRP B 163 23.45 5.93 -13.59
C TRP B 163 22.79 5.61 -12.23
N HIS B 164 22.02 4.53 -12.18
CA HIS B 164 21.29 4.23 -10.94
C HIS B 164 22.22 3.86 -9.79
N ASN B 165 23.24 3.10 -10.08
CA ASN B 165 24.28 2.75 -9.10
C ASN B 165 25.10 3.96 -8.63
N ALA B 166 25.50 4.80 -9.58
CA ALA B 166 26.33 5.96 -9.28
C ALA B 166 25.62 7.02 -8.44
N ALA B 167 24.37 7.33 -8.80
CA ALA B 167 23.60 8.31 -8.02
C ALA B 167 23.00 7.71 -6.76
N GLY B 168 22.27 6.61 -6.90
CA GLY B 168 21.46 6.06 -5.80
C GLY B 168 22.21 5.58 -4.58
N ILE B 169 23.17 4.69 -4.79
CA ILE B 169 23.89 4.00 -3.71
C ILE B 169 24.45 4.91 -2.59
N PRO B 170 25.29 5.93 -2.92
CA PRO B 170 25.79 6.83 -1.87
C PRO B 170 24.74 7.78 -1.29
N LEU B 171 23.59 7.92 -1.96
CA LEU B 171 22.54 8.79 -1.47
C LEU B 171 21.78 8.22 -0.29
N LYS B 172 21.66 6.89 -0.22
CA LYS B 172 20.77 6.26 0.75
C LYS B 172 21.03 6.67 2.21
N PRO B 173 22.29 6.48 2.71
CA PRO B 173 22.55 6.86 4.11
C PRO B 173 22.11 8.29 4.41
N LEU B 174 22.34 9.20 3.47
CA LEU B 174 22.01 10.61 3.69
C LEU B 174 20.50 10.84 3.66
N TYR B 175 19.82 10.14 2.74
CA TYR B 175 18.38 10.31 2.60
C TYR B 175 17.59 9.85 3.83
N GLU B 176 18.08 8.84 4.53
CA GLU B 176 17.46 8.40 5.79
C GLU B 176 17.53 9.50 6.85
N ASP B 177 18.71 10.09 7.01
CA ASP B 177 18.96 11.20 7.94
C ASP B 177 18.04 12.38 7.64
N PHE B 178 17.97 12.76 6.37
CA PHE B 178 17.13 13.88 5.96
C PHE B 178 15.67 13.66 6.36
N THR B 179 15.16 12.47 6.06
CA THR B 179 13.76 12.11 6.30
C THR B 179 13.40 12.30 7.78
N ALA B 180 14.23 11.72 8.66
CA ALA B 180 14.05 11.84 10.11
C ALA B 180 14.01 13.29 10.59
N LEU B 181 14.98 14.09 10.15
CA LEU B 181 15.07 15.52 10.55
C LEU B 181 13.89 16.34 10.03
N SER B 182 13.50 16.08 8.79
CA SER B 182 12.39 16.79 8.18
C SER B 182 11.07 16.48 8.90
N ASN B 183 10.86 15.22 9.24
CA ASN B 183 9.65 14.79 9.94
C ASN B 183 9.55 15.42 11.33
N GLU B 184 10.69 15.43 12.03
CA GLU B 184 10.81 16.08 13.33
C GLU B 184 10.40 17.56 13.27
N ALA B 185 10.92 18.26 12.27
CA ALA B 185 10.66 19.68 12.09
C ALA B 185 9.17 19.97 11.92
N TYR B 186 8.51 19.24 11.02
CA TYR B 186 7.14 19.56 10.66
C TYR B 186 6.08 19.06 11.64
N LYS B 187 6.43 18.09 12.47
CA LYS B 187 5.52 17.63 13.53
C LYS B 187 5.21 18.75 14.53
N GLN B 188 6.22 19.57 14.80
CA GLN B 188 6.08 20.70 15.71
C GLN B 188 5.16 21.81 15.17
N ASP B 189 4.93 21.81 13.86
CA ASP B 189 3.89 22.65 13.26
C ASP B 189 2.51 21.96 13.32
N GLY B 190 2.48 20.72 13.80
CA GLY B 190 1.21 19.97 13.96
C GLY B 190 0.87 18.96 12.88
N PHE B 191 1.86 18.60 12.06
CA PHE B 191 1.68 17.63 10.98
C PHE B 191 2.17 16.26 11.42
N THR B 192 1.45 15.21 11.02
CA THR B 192 1.87 13.83 11.30
C THR B 192 3.26 13.53 10.75
N ASP B 193 3.54 14.05 9.55
CA ASP B 193 4.82 13.88 8.88
C ASP B 193 4.97 14.93 7.77
N THR B 194 6.18 15.08 7.22
CA THR B 194 6.42 16.03 6.12
C THR B 194 5.45 15.87 4.94
N GLY B 195 5.10 14.64 4.61
CA GLY B 195 4.19 14.35 3.52
C GLY B 195 2.85 15.05 3.67
N ALA B 196 2.31 15.01 4.89
CA ALA B 196 1.05 15.68 5.19
C ALA B 196 1.16 17.21 5.04
N TYR B 197 2.31 17.78 5.42
CA TYR B 197 2.58 19.19 5.14
C TYR B 197 2.52 19.48 3.64
N TRP B 198 3.29 18.74 2.85
CA TRP B 198 3.31 18.92 1.40
C TRP B 198 1.90 18.81 0.80
N ARG B 199 1.12 17.83 1.26
CA ARG B 199 -0.23 17.60 0.74
C ARG B 199 -1.19 18.72 1.09
N SER B 200 -0.93 19.42 2.20
CA SER B 200 -1.82 20.48 2.66
C SER B 200 -1.90 21.68 1.72
N TRP B 201 -0.85 21.92 0.92
CA TRP B 201 -0.84 23.05 -0.02
C TRP B 201 -2.01 23.04 -0.99
N TYR B 202 -2.70 21.91 -1.06
CA TYR B 202 -3.82 21.77 -1.99
C TYR B 202 -5.19 21.98 -1.35
N ASN B 203 -5.20 22.26 -0.04
CA ASN B 203 -6.42 22.56 0.73
C ASN B 203 -7.64 21.76 0.33
N SER B 204 -7.45 20.45 0.14
CA SER B 204 -8.53 19.55 -0.17
C SER B 204 -8.45 18.40 0.82
N PRO B 205 -9.52 18.21 1.61
CA PRO B 205 -9.54 17.15 2.63
C PRO B 205 -9.62 15.78 1.97
N THR B 206 -10.00 15.78 0.69
CA THR B 206 -10.17 14.56 -0.07
C THR B 206 -9.13 14.47 -1.21
N PHE B 207 -8.02 15.19 -1.04
CA PHE B 207 -6.94 15.25 -2.04
C PHE B 207 -6.60 13.88 -2.62
N GLU B 208 -6.26 12.94 -1.74
CA GLU B 208 -5.83 11.59 -2.16
C GLU B 208 -6.91 10.76 -2.87
N ASP B 209 -8.14 10.81 -2.37
CA ASP B 209 -9.29 10.18 -3.06
C ASP B 209 -9.46 10.77 -4.46
N ASP B 210 -9.38 12.09 -4.55
CA ASP B 210 -9.54 12.83 -5.80
C ASP B 210 -8.49 12.51 -6.85
N LEU B 211 -7.24 12.38 -6.40
CA LEU B 211 -6.14 11.97 -7.25
C LEU B 211 -6.40 10.57 -7.80
N GLU B 212 -6.74 9.63 -6.91
CA GLU B 212 -6.99 8.24 -7.30
C GLU B 212 -8.16 8.11 -8.29
N HIS B 213 -9.23 8.89 -8.07
CA HIS B 213 -10.36 8.95 -8.99
CA HIS B 213 -10.35 8.93 -9.00
C HIS B 213 -9.89 9.41 -10.37
N LEU B 214 -8.99 10.40 -10.40
CA LEU B 214 -8.48 10.93 -11.68
C LEU B 214 -7.67 9.85 -12.40
N TYR B 215 -6.77 9.18 -11.67
CA TYR B 215 -6.00 8.11 -12.27
C TYR B 215 -6.81 6.94 -12.81
N GLN B 216 -7.92 6.61 -12.14
CA GLN B 216 -8.88 5.61 -12.63
C GLN B 216 -9.39 5.93 -14.04
N GLN B 217 -9.73 7.18 -14.29
CA GLN B 217 -10.20 7.61 -15.60
C GLN B 217 -9.10 7.59 -16.65
N LEU B 218 -7.86 7.78 -16.21
CA LEU B 218 -6.72 7.92 -17.12
C LEU B 218 -6.04 6.59 -17.45
N GLU B 219 -6.16 5.60 -16.56
CA GLU B 219 -5.43 4.33 -16.66
C GLU B 219 -5.57 3.54 -18.00
N PRO B 220 -6.82 3.34 -18.51
CA PRO B 220 -7.00 2.60 -19.77
C PRO B 220 -6.21 3.21 -20.91
N LEU B 221 -6.19 4.53 -20.97
CA LEU B 221 -5.38 5.25 -21.96
C LEU B 221 -3.93 4.81 -21.84
N TYR B 222 -3.37 4.89 -20.63
CA TYR B 222 -1.99 4.42 -20.45
C TYR B 222 -1.85 2.95 -20.78
N LEU B 223 -2.80 2.14 -20.33
CA LEU B 223 -2.71 0.69 -20.55
C LEU B 223 -2.65 0.32 -22.03
N ASN B 224 -3.38 1.05 -22.86
CA ASN B 224 -3.35 0.83 -24.30
C ASN B 224 -2.09 1.34 -24.98
N LEU B 225 -1.63 2.52 -24.58
CA LEU B 225 -0.36 3.05 -25.09
C LEU B 225 0.77 2.07 -24.76
N HIS B 226 0.81 1.66 -23.49
CA HIS B 226 1.79 0.70 -22.97
C HIS B 226 1.89 -0.58 -23.83
N ALA B 227 0.74 -1.17 -24.14
CA ALA B 227 0.67 -2.41 -24.90
C ALA B 227 1.11 -2.24 -26.36
N PHE B 228 0.69 -1.13 -26.98
CA PHE B 228 1.13 -0.81 -28.34
C PHE B 228 2.64 -0.63 -28.38
N VAL B 229 3.16 0.14 -27.41
CA VAL B 229 4.59 0.40 -27.38
C VAL B 229 5.38 -0.88 -27.16
N ARG B 230 4.89 -1.72 -26.25
CA ARG B 230 5.49 -3.03 -25.99
C ARG B 230 5.60 -3.91 -27.25
N ARG B 231 4.55 -3.93 -28.06
CA ARG B 231 4.56 -4.68 -29.33
C ARG B 231 5.75 -4.30 -30.22
N ALA B 232 6.00 -3.00 -30.37
CA ALA B 232 7.11 -2.50 -31.19
C ALA B 232 8.47 -2.86 -30.62
N LEU B 233 8.60 -2.73 -29.30
CA LEU B 233 9.83 -3.10 -28.61
C LEU B 233 10.12 -4.59 -28.79
N HIS B 234 9.07 -5.40 -28.84
CA HIS B 234 9.21 -6.83 -29.07
C HIS B 234 9.74 -7.12 -30.48
N ARG B 235 9.16 -6.43 -31.47
CA ARG B 235 9.63 -6.53 -32.84
C ARG B 235 11.06 -6.04 -32.94
N ARG B 236 11.37 -4.98 -32.20
CA ARG B 236 12.71 -4.39 -32.24
C ARG B 236 13.77 -5.23 -31.52
N TYR B 237 13.48 -5.72 -30.32
CA TYR B 237 14.51 -6.35 -29.48
C TYR B 237 14.47 -7.88 -29.40
N GLY B 238 13.33 -8.49 -29.70
CA GLY B 238 13.23 -9.94 -29.68
C GLY B 238 12.61 -10.52 -28.42
N ASP B 239 12.19 -11.78 -28.50
CA ASP B 239 11.46 -12.48 -27.45
C ASP B 239 12.30 -12.74 -26.19
N ARG B 240 13.61 -12.69 -26.33
CA ARG B 240 14.51 -12.87 -25.20
C ARG B 240 14.42 -11.70 -24.21
N TYR B 241 14.16 -10.49 -24.71
CA TYR B 241 14.23 -9.26 -23.91
C TYR B 241 12.90 -8.56 -23.66
N ILE B 242 11.88 -8.93 -24.42
CA ILE B 242 10.54 -8.38 -24.25
C ILE B 242 9.52 -9.50 -23.99
N ASN B 243 8.66 -9.28 -22.99
CA ASN B 243 7.57 -10.17 -22.65
C ASN B 243 6.24 -9.47 -22.94
N LEU B 244 5.53 -9.97 -23.95
CA LEU B 244 4.27 -9.38 -24.39
C LEU B 244 3.15 -9.45 -23.36
N ARG B 245 3.42 -10.17 -22.27
CA ARG B 245 2.49 -10.26 -21.15
C ARG B 245 3.17 -9.86 -19.83
N GLY B 246 4.39 -9.31 -19.93
CA GLY B 246 5.16 -8.83 -18.78
C GLY B 246 5.41 -7.33 -18.79
N PRO B 247 6.09 -6.82 -17.74
CA PRO B 247 6.42 -5.39 -17.72
C PRO B 247 7.51 -5.08 -18.74
N ILE B 248 7.60 -3.83 -19.19
CA ILE B 248 8.67 -3.42 -20.12
C ILE B 248 9.97 -3.13 -19.35
N PRO B 249 11.12 -3.67 -19.81
CA PRO B 249 12.38 -3.24 -19.21
C PRO B 249 12.53 -1.71 -19.20
N ALA B 250 12.88 -1.16 -18.04
CA ALA B 250 12.83 0.29 -17.76
C ALA B 250 13.81 1.20 -18.51
N HIS B 251 14.72 0.59 -19.27
CA HIS B 251 15.77 1.33 -19.98
C HIS B 251 15.51 1.51 -21.48
N LEU B 252 14.34 1.06 -21.94
CA LEU B 252 14.09 0.92 -23.38
C LEU B 252 13.16 1.97 -23.96
N LEU B 253 12.78 2.96 -23.14
CA LEU B 253 11.65 3.82 -23.48
C LEU B 253 12.01 5.26 -23.81
N GLY B 254 13.31 5.53 -24.00
CA GLY B 254 13.77 6.80 -24.54
C GLY B 254 14.26 7.80 -23.50
N ASP B 255 14.15 7.40 -22.23
CA ASP B 255 14.28 8.31 -21.12
C ASP B 255 14.78 7.52 -19.91
N MET B 256 15.80 8.06 -19.23
CA MET B 256 16.40 7.44 -18.04
C MET B 256 15.40 6.89 -16.99
N TRP B 257 14.25 7.56 -16.84
CA TRP B 257 13.24 7.15 -15.86
C TRP B 257 11.98 6.56 -16.51
N ALA B 258 12.04 6.34 -17.83
CA ALA B 258 10.88 5.86 -18.63
C ALA B 258 9.67 6.75 -18.41
N GLN B 259 9.91 8.02 -18.14
CA GLN B 259 8.85 8.93 -17.73
C GLN B 259 8.20 9.64 -18.91
N SER B 260 8.92 9.67 -20.02
CA SER B 260 8.45 10.33 -21.22
C SER B 260 8.95 9.48 -22.39
N TRP B 261 8.08 9.14 -23.34
CA TRP B 261 8.45 8.19 -24.39
C TRP B 261 8.60 8.81 -25.78
N GLU B 262 8.56 10.14 -25.87
CA GLU B 262 8.72 10.81 -27.16
C GLU B 262 9.93 10.33 -27.98
N ASN B 263 11.03 9.97 -27.33
CA ASN B 263 12.27 9.59 -28.03
C ASN B 263 12.26 8.28 -28.79
N ILE B 264 11.29 7.40 -28.50
CA ILE B 264 11.15 6.15 -29.25
C ILE B 264 10.01 6.27 -30.27
N TYR B 265 9.58 7.51 -30.50
CA TYR B 265 8.58 7.80 -31.52
C TYR B 265 8.98 7.29 -32.92
N ASP B 266 10.25 7.42 -33.30
CA ASP B 266 10.70 6.91 -34.60
C ASP B 266 10.53 5.39 -34.74
N MET B 267 10.51 4.68 -33.61
CA MET B 267 10.30 3.22 -33.59
C MET B 267 8.84 2.84 -33.73
N VAL B 268 7.95 3.67 -33.20
CA VAL B 268 6.52 3.32 -33.09
C VAL B 268 5.62 4.11 -34.02
N VAL B 269 6.18 5.12 -34.69
CA VAL B 269 5.44 5.89 -35.67
C VAL B 269 4.82 4.91 -36.66
N PRO B 270 3.47 4.92 -36.77
CA PRO B 270 2.80 3.99 -37.68
C PRO B 270 3.06 4.27 -39.17
N PHE B 271 3.20 5.53 -39.53
CA PHE B 271 3.33 5.92 -40.93
C PHE B 271 4.57 6.79 -41.18
N PRO B 272 5.76 6.18 -41.18
CA PRO B 272 7.01 6.94 -41.28
C PRO B 272 7.31 7.48 -42.69
N ASP B 273 6.37 7.27 -43.62
CA ASP B 273 6.42 7.87 -44.95
C ASP B 273 5.95 9.33 -44.86
N LYS B 274 5.03 9.58 -43.94
CA LYS B 274 4.47 10.91 -43.65
C LYS B 274 5.57 11.83 -43.09
N PRO B 275 5.28 13.13 -42.90
CA PRO B 275 6.31 14.07 -42.42
C PRO B 275 6.80 13.76 -41.01
N ASN B 276 8.12 13.84 -40.82
CA ASN B 276 8.72 13.64 -39.50
C ASN B 276 8.31 14.76 -38.54
N LEU B 277 7.35 14.46 -37.65
CA LEU B 277 6.89 15.41 -36.65
C LEU B 277 7.94 15.65 -35.55
N ASP B 278 8.96 14.80 -35.52
CA ASP B 278 10.13 15.07 -34.68
C ASP B 278 11.00 16.11 -35.38
N VAL B 279 10.84 17.35 -34.90
CA VAL B 279 11.36 18.55 -35.52
C VAL B 279 12.86 18.78 -35.23
N THR B 280 13.45 17.87 -34.47
CA THR B 280 14.82 18.02 -33.97
C THR B 280 15.86 18.22 -35.08
N SER B 281 15.84 17.33 -36.08
CA SER B 281 16.85 17.37 -37.16
C SER B 281 16.80 18.69 -37.92
N THR B 282 15.58 19.17 -38.18
CA THR B 282 15.36 20.48 -38.79
C THR B 282 15.87 21.63 -37.91
N MET B 283 15.72 21.53 -36.59
CA MET B 283 16.28 22.54 -35.68
C MET B 283 17.81 22.62 -35.83
N LEU B 284 18.47 21.47 -35.86
CA LEU B 284 19.91 21.42 -36.03
C LEU B 284 20.33 21.82 -37.46
N GLN B 285 19.60 21.32 -38.44
CA GLN B 285 19.76 21.71 -39.86
C GLN B 285 19.79 23.23 -40.01
N GLN B 286 18.88 23.91 -39.33
CA GLN B 286 18.74 25.36 -39.45
C GLN B 286 19.66 26.18 -38.54
N GLY B 287 20.34 25.52 -37.61
CA GLY B 287 21.30 26.22 -36.75
C GLY B 287 20.70 26.89 -35.53
N TRP B 288 19.60 26.32 -35.03
CA TRP B 288 19.01 26.78 -33.77
C TRP B 288 20.00 26.63 -32.61
N GLN B 289 20.05 27.65 -31.76
CA GLN B 289 20.82 27.61 -30.51
C GLN B 289 19.87 27.88 -29.35
N ALA B 290 20.37 27.77 -28.12
CA ALA B 290 19.57 28.04 -26.93
C ALA B 290 18.93 29.43 -27.00
N THR B 291 19.73 30.42 -27.41
CA THR B 291 19.28 31.81 -27.54
C THR B 291 18.02 31.94 -28.37
N HIS B 292 18.01 31.27 -29.53
CA HIS B 292 16.84 31.27 -30.41
C HIS B 292 15.63 30.64 -29.74
N MET B 293 15.85 29.49 -29.10
CA MET B 293 14.76 28.75 -28.43
C MET B 293 14.07 29.64 -27.41
N PHE B 294 14.86 30.34 -26.62
CA PHE B 294 14.32 31.25 -25.60
C PHE B 294 13.58 32.45 -26.19
N ARG B 295 14.15 33.07 -27.22
CA ARG B 295 13.52 34.22 -27.90
C ARG B 295 12.22 33.82 -28.59
N VAL B 296 12.18 32.61 -29.12
CA VAL B 296 10.96 32.10 -29.74
C VAL B 296 9.88 31.81 -28.68
N ALA B 297 10.29 31.30 -27.52
CA ALA B 297 9.35 31.08 -26.43
C ALA B 297 8.79 32.42 -25.96
N GLU B 298 9.69 33.37 -25.70
CA GLU B 298 9.32 34.73 -25.32
C GLU B 298 8.28 35.36 -26.23
N GLU B 299 8.50 35.26 -27.54
CA GLU B 299 7.61 35.87 -28.51
C GLU B 299 6.20 35.27 -28.44
N PHE B 300 6.09 33.97 -28.13
CA PHE B 300 4.76 33.37 -27.91
C PHE B 300 4.05 34.07 -26.75
N PHE B 301 4.79 34.30 -25.68
CA PHE B 301 4.26 34.99 -24.52
C PHE B 301 3.82 36.43 -24.83
N THR B 302 4.68 37.20 -25.51
CA THR B 302 4.34 38.58 -25.88
C THR B 302 3.19 38.64 -26.89
N SER B 303 3.07 37.60 -27.73
CA SER B 303 1.98 37.51 -28.71
C SER B 303 0.63 37.42 -28.02
N LEU B 304 0.66 37.04 -26.74
CA LEU B 304 -0.52 36.95 -25.90
C LEU B 304 -0.67 38.20 -25.02
N GLU B 305 0.14 39.21 -25.30
CA GLU B 305 0.23 40.43 -24.48
C GLU B 305 0.65 40.15 -23.05
N LEU B 306 1.34 39.03 -22.85
CA LEU B 306 2.03 38.81 -21.58
C LEU B 306 3.41 39.50 -21.64
N SER B 307 4.14 39.48 -20.53
CA SER B 307 5.37 40.26 -20.43
C SER B 307 6.55 39.62 -21.13
N PRO B 308 7.44 40.45 -21.72
CA PRO B 308 8.71 39.95 -22.23
C PRO B 308 9.63 39.62 -21.05
N MET B 309 10.77 39.00 -21.32
CA MET B 309 11.77 38.79 -20.28
C MET B 309 12.60 40.07 -20.08
N PRO B 310 12.73 40.54 -18.82
CA PRO B 310 13.46 41.78 -18.52
C PRO B 310 14.97 41.66 -18.75
N PRO B 311 15.69 42.79 -18.85
CA PRO B 311 17.14 42.77 -19.06
C PRO B 311 17.87 41.87 -18.05
N GLU B 312 17.52 42.01 -16.77
CA GLU B 312 18.11 41.21 -15.70
C GLU B 312 18.03 39.70 -16.03
N PHE B 313 16.97 39.29 -16.71
CA PHE B 313 16.84 37.89 -17.08
C PHE B 313 17.89 37.47 -18.09
N TRP B 314 18.07 38.26 -19.13
CA TRP B 314 18.99 37.90 -20.21
C TRP B 314 20.44 38.01 -19.74
N GLU B 315 20.69 38.96 -18.84
CA GLU B 315 22.04 39.17 -18.37
C GLU B 315 22.41 38.11 -17.35
N GLY B 316 21.44 37.71 -16.54
CA GLY B 316 21.69 36.83 -15.40
C GLY B 316 21.57 35.33 -15.62
N SER B 317 20.71 34.92 -16.54
CA SER B 317 20.39 33.49 -16.72
C SER B 317 21.57 32.66 -17.19
N MET B 318 21.58 31.39 -16.80
CA MET B 318 22.54 30.43 -17.34
C MET B 318 21.77 29.54 -18.30
N LEU B 319 21.92 29.79 -19.60
CA LEU B 319 21.11 29.12 -20.62
C LEU B 319 21.83 27.98 -21.36
N GLU B 320 23.13 27.80 -21.09
CA GLU B 320 23.88 26.68 -21.65
C GLU B 320 24.71 26.03 -20.55
N LYS B 321 25.09 24.76 -20.74
CA LYS B 321 26.10 24.16 -19.87
C LYS B 321 27.45 24.87 -20.09
N PRO B 322 28.06 25.38 -19.00
CA PRO B 322 29.37 26.06 -19.05
C PRO B 322 30.49 25.21 -19.63
N ALA B 323 31.25 25.76 -20.57
CA ALA B 323 32.31 25.03 -21.26
C ALA B 323 33.61 24.93 -20.44
N ASP B 324 33.77 25.82 -19.47
CA ASP B 324 34.93 25.78 -18.56
C ASP B 324 34.85 24.55 -17.66
N GLY B 325 35.92 24.28 -16.91
CA GLY B 325 35.96 23.12 -16.02
C GLY B 325 35.16 23.38 -14.76
N ARG B 326 33.83 23.37 -14.88
CA ARG B 326 32.95 23.80 -13.80
C ARG B 326 31.72 22.91 -13.66
N GLU B 327 31.44 22.52 -12.42
CA GLU B 327 30.34 21.62 -12.14
C GLU B 327 29.08 22.43 -11.86
N VAL B 328 27.98 22.02 -12.49
CA VAL B 328 26.70 22.70 -12.30
C VAL B 328 25.58 21.71 -12.07
N VAL B 329 24.52 22.18 -11.41
CA VAL B 329 23.26 21.46 -11.41
C VAL B 329 22.66 21.70 -12.78
N CYS B 330 22.66 20.68 -13.63
CA CYS B 330 22.10 20.86 -14.96
C CYS B 330 20.58 20.90 -15.00
N HIS B 331 19.93 20.21 -14.05
CA HIS B 331 18.48 20.10 -14.03
C HIS B 331 17.82 21.48 -14.06
N ALA B 332 16.97 21.69 -15.06
CA ALA B 332 16.40 23.00 -15.35
C ALA B 332 15.60 23.59 -14.17
N SER B 333 15.69 24.89 -13.97
CA SER B 333 14.90 25.58 -12.95
C SER B 333 14.72 27.05 -13.25
N ALA B 334 13.63 27.60 -12.72
CA ALA B 334 13.25 29.00 -12.88
C ALA B 334 13.33 29.69 -11.52
N TRP B 335 14.03 30.81 -11.49
CA TRP B 335 14.43 31.46 -10.23
C TRP B 335 13.78 32.83 -10.00
N ASP B 336 13.16 32.97 -8.83
CA ASP B 336 12.61 34.26 -8.35
C ASP B 336 13.49 34.70 -7.17
N PHE B 337 14.15 35.84 -7.33
CA PHE B 337 15.04 36.35 -6.29
C PHE B 337 14.29 37.19 -5.23
N TYR B 338 12.98 37.35 -5.42
CA TYR B 338 12.10 38.05 -4.47
C TYR B 338 12.39 39.55 -4.26
N ASN B 339 13.12 40.18 -5.18
CA ASN B 339 13.36 41.63 -5.16
C ASN B 339 12.57 42.40 -6.22
N ARG B 340 11.64 41.70 -6.88
CA ARG B 340 10.78 42.25 -7.95
C ARG B 340 11.55 42.68 -9.20
N LYS B 341 12.83 42.30 -9.27
CA LYS B 341 13.72 42.70 -10.36
C LYS B 341 14.49 41.55 -11.03
N ASP B 342 15.16 40.72 -10.21
CA ASP B 342 15.94 39.60 -10.73
C ASP B 342 15.09 38.34 -10.92
N PHE B 343 15.16 37.78 -12.12
CA PHE B 343 14.44 36.56 -12.49
C PHE B 343 15.33 35.84 -13.50
N ARG B 344 15.51 34.53 -13.31
CA ARG B 344 16.49 33.77 -14.08
C ARG B 344 16.08 32.33 -14.33
N ILE B 345 16.52 31.81 -15.47
CA ILE B 345 16.46 30.39 -15.75
C ILE B 345 17.87 29.84 -15.73
N LYS B 346 18.02 28.64 -15.16
CA LYS B 346 19.28 27.91 -15.18
C LYS B 346 19.00 26.57 -15.84
N GLN B 347 19.42 26.42 -17.09
CA GLN B 347 19.13 25.23 -17.89
C GLN B 347 20.28 24.91 -18.81
N CYS B 348 20.73 23.65 -18.80
CA CYS B 348 21.79 23.20 -19.69
C CYS B 348 21.17 22.85 -21.06
N THR B 349 20.68 23.87 -21.73
CA THR B 349 19.83 23.69 -22.92
C THR B 349 20.49 22.91 -24.04
N ARG B 350 19.77 21.93 -24.55
CA ARG B 350 20.19 21.20 -25.73
C ARG B 350 19.22 21.50 -26.87
N VAL B 351 19.70 21.47 -28.11
CA VAL B 351 18.87 21.80 -29.26
C VAL B 351 18.10 20.57 -29.72
N THR B 352 16.93 20.37 -29.09
CA THR B 352 16.01 19.30 -29.49
C THR B 352 14.59 19.84 -29.39
N MET B 353 13.64 19.08 -29.95
CA MET B 353 12.24 19.44 -29.86
C MET B 353 11.71 19.42 -28.43
N ASP B 354 12.09 18.39 -27.65
CA ASP B 354 11.56 18.29 -26.29
C ASP B 354 12.13 19.39 -25.38
N GLN B 355 13.38 19.79 -25.64
CA GLN B 355 14.00 20.90 -24.93
C GLN B 355 13.32 22.23 -25.26
N LEU B 356 12.77 22.34 -26.48
CA LEU B 356 12.03 23.54 -26.82
C LEU B 356 10.81 23.69 -25.93
N SER B 357 10.16 22.57 -25.65
CA SER B 357 9.02 22.52 -24.74
C SER B 357 9.43 22.81 -23.31
N THR B 358 10.56 22.24 -22.88
CA THR B 358 11.15 22.53 -21.57
C THR B 358 11.42 24.03 -21.47
N VAL B 359 11.93 24.65 -22.53
CA VAL B 359 12.17 26.10 -22.54
C VAL B 359 10.87 26.86 -22.25
N HIS B 360 9.80 26.49 -22.95
CA HIS B 360 8.49 27.07 -22.67
C HIS B 360 8.07 26.82 -21.21
N HIS B 361 8.28 25.60 -20.71
CA HIS B 361 7.90 25.24 -19.32
C HIS B 361 8.60 26.16 -18.32
N GLU B 362 9.92 26.28 -18.43
CA GLU B 362 10.68 27.19 -17.55
C GLU B 362 10.23 28.66 -17.65
N MET B 363 9.90 29.10 -18.86
CA MET B 363 9.49 30.50 -19.06
C MET B 363 8.09 30.73 -18.50
N GLY B 364 7.28 29.67 -18.51
CA GLY B 364 6.02 29.67 -17.77
C GLY B 364 6.22 30.05 -16.31
N HIS B 365 7.21 29.44 -15.64
CA HIS B 365 7.52 29.80 -14.23
C HIS B 365 7.92 31.28 -14.08
N ILE B 366 8.80 31.76 -14.97
CA ILE B 366 9.20 33.17 -14.95
C ILE B 366 8.01 34.10 -15.17
N GLN B 367 7.19 33.80 -16.18
CA GLN B 367 6.01 34.62 -16.46
C GLN B 367 5.13 34.76 -15.21
N TYR B 368 4.95 33.65 -14.48
CA TYR B 368 4.21 33.68 -13.23
C TYR B 368 4.81 34.70 -12.27
N TYR B 369 6.14 34.65 -12.09
CA TYR B 369 6.86 35.54 -11.17
C TYR B 369 6.65 37.00 -11.52
N LEU B 370 6.69 37.31 -12.83
CA LEU B 370 6.55 38.68 -13.31
C LEU B 370 5.15 39.23 -13.11
N GLN B 371 4.14 38.37 -13.25
CA GLN B 371 2.76 38.83 -13.13
C GLN B 371 2.34 39.04 -11.67
N TYR B 372 2.98 38.34 -10.74
CA TYR B 372 2.64 38.51 -9.33
C TYR B 372 3.74 39.15 -8.48
N LYS B 373 4.75 39.75 -9.13
CA LYS B 373 5.89 40.34 -8.41
C LYS B 373 5.53 41.49 -7.46
N ASP B 374 4.31 42.00 -7.57
CA ASP B 374 3.88 43.13 -6.74
C ASP B 374 3.00 42.71 -5.57
N LEU B 375 2.70 41.42 -5.48
CA LEU B 375 1.96 40.89 -4.35
C LEU B 375 2.84 40.86 -3.09
N PRO B 376 2.20 40.80 -1.90
CA PRO B 376 2.96 40.52 -0.68
C PRO B 376 3.64 39.17 -0.82
N VAL B 377 4.86 39.07 -0.33
CA VAL B 377 5.77 37.96 -0.63
C VAL B 377 5.16 36.55 -0.47
N SER B 378 4.35 36.35 0.57
CA SER B 378 3.74 35.04 0.87
C SER B 378 2.65 34.65 -0.14
N LEU B 379 2.24 35.61 -0.96
CA LEU B 379 1.28 35.34 -2.00
C LEU B 379 1.96 35.12 -3.36
N ARG B 380 3.29 35.15 -3.38
CA ARG B 380 4.05 34.94 -4.63
C ARG B 380 4.35 33.46 -4.85
N ARG B 381 3.28 32.73 -5.18
CA ARG B 381 3.32 31.31 -5.43
C ARG B 381 2.15 31.09 -6.37
N GLY B 382 2.04 29.89 -6.92
CA GLY B 382 0.89 29.55 -7.78
C GLY B 382 -0.37 29.37 -6.96
N ALA B 383 -1.53 29.44 -7.61
CA ALA B 383 -2.81 29.10 -6.95
C ALA B 383 -2.67 27.78 -6.17
N ASN B 384 -2.00 26.81 -6.80
CA ASN B 384 -1.30 25.71 -6.12
C ASN B 384 -0.09 25.32 -6.99
N PRO B 385 0.93 24.64 -6.42
CA PRO B 385 2.16 24.41 -7.18
C PRO B 385 1.97 23.80 -8.58
N GLY B 386 0.90 23.02 -8.76
CA GLY B 386 0.52 22.47 -10.06
C GLY B 386 0.14 23.50 -11.11
N PHE B 387 -0.46 24.60 -10.67
CA PHE B 387 -0.77 25.74 -11.56
C PHE B 387 0.52 26.28 -12.16
N HIS B 388 1.52 26.47 -11.30
CA HIS B 388 2.83 26.98 -11.69
C HIS B 388 3.45 26.09 -12.75
N GLU B 389 3.27 24.78 -12.60
CA GLU B 389 3.88 23.79 -13.48
C GLU B 389 3.15 23.68 -14.81
N ALA B 390 1.88 24.09 -14.84
CA ALA B 390 1.06 23.91 -16.04
C ALA B 390 1.23 25.05 -17.07
N ILE B 391 1.73 26.20 -16.64
CA ILE B 391 1.65 27.43 -17.46
C ILE B 391 2.31 27.33 -18.84
N GLY B 392 3.62 27.10 -18.86
CA GLY B 392 4.36 26.95 -20.12
C GLY B 392 4.03 25.67 -20.88
N ASP B 393 3.55 24.66 -20.16
CA ASP B 393 3.11 23.44 -20.81
C ASP B 393 1.90 23.73 -21.71
N VAL B 394 1.00 24.60 -21.24
CA VAL B 394 -0.19 25.01 -22.01
C VAL B 394 0.21 25.71 -23.31
N LEU B 395 1.24 26.54 -23.25
CA LEU B 395 1.71 27.21 -24.46
C LEU B 395 2.40 26.22 -25.36
N ALA B 396 3.17 25.30 -24.76
CA ALA B 396 3.84 24.24 -25.52
C ALA B 396 2.87 23.36 -26.31
N LEU B 397 1.65 23.21 -25.80
CA LEU B 397 0.62 22.44 -26.53
C LEU B 397 0.29 23.11 -27.88
N SER B 398 0.08 24.42 -27.86
CA SER B 398 -0.13 25.20 -29.09
C SER B 398 1.07 25.10 -30.01
N VAL B 399 2.27 25.26 -29.45
CA VAL B 399 3.53 25.26 -30.23
C VAL B 399 3.78 23.95 -30.97
N SER B 400 3.46 22.82 -30.34
CA SER B 400 3.78 21.50 -30.88
C SER B 400 2.88 21.06 -32.04
N THR B 401 1.72 21.71 -32.19
CA THR B 401 0.82 21.44 -33.31
C THR B 401 1.53 21.65 -34.65
N PRO B 402 1.26 20.77 -35.63
CA PRO B 402 1.92 20.86 -36.94
C PRO B 402 1.71 22.22 -37.61
N GLU B 403 0.53 22.80 -37.42
CA GLU B 403 0.23 24.10 -37.99
C GLU B 403 1.17 25.17 -37.41
N HIS B 404 1.37 25.15 -36.09
CA HIS B 404 2.25 26.13 -35.48
C HIS B 404 3.71 25.90 -35.84
N LEU B 405 4.11 24.64 -35.89
CA LEU B 405 5.47 24.30 -36.28
C LEU B 405 5.75 24.81 -37.70
N HIS B 406 4.75 24.70 -38.56
CA HIS B 406 4.83 25.27 -39.90
C HIS B 406 4.96 26.80 -39.88
N LYS B 407 4.17 27.46 -39.03
CA LYS B 407 4.23 28.92 -38.89
C LYS B 407 5.64 29.39 -38.55
N ILE B 408 6.32 28.64 -37.68
CA ILE B 408 7.67 29.02 -37.23
C ILE B 408 8.78 28.35 -38.07
N GLY B 409 8.40 27.78 -39.20
CA GLY B 409 9.34 27.27 -40.19
C GLY B 409 10.05 25.97 -39.86
N LEU B 410 9.47 25.21 -38.93
CA LEU B 410 10.06 23.95 -38.51
C LEU B 410 9.45 22.74 -39.23
N LEU B 411 8.49 22.99 -40.11
CA LEU B 411 7.78 21.91 -40.79
C LEU B 411 7.09 22.42 -42.04
N ASP B 412 7.08 21.60 -43.09
CA ASP B 412 6.24 21.87 -44.27
C ASP B 412 4.77 21.66 -43.88
N ARG B 413 3.87 22.34 -44.59
CA ARG B 413 2.42 22.24 -44.31
C ARG B 413 1.95 20.79 -44.26
N VAL B 414 0.96 20.51 -43.41
CA VAL B 414 0.53 19.14 -43.17
C VAL B 414 -0.81 18.82 -43.86
N THR B 415 -0.90 17.62 -44.44
CA THR B 415 -2.17 17.16 -45.00
C THR B 415 -3.13 16.83 -43.85
N ASN B 416 -4.05 17.76 -43.58
CA ASN B 416 -5.05 17.60 -42.53
C ASN B 416 -6.07 16.53 -42.90
N ASP B 417 -5.77 15.29 -42.55
CA ASP B 417 -6.65 14.15 -42.87
C ASP B 417 -6.98 13.27 -41.65
N THR B 418 -6.24 12.17 -41.49
CA THR B 418 -6.49 11.16 -40.47
C THR B 418 -5.21 10.46 -40.05
N GLU B 419 -4.36 10.12 -41.03
CA GLU B 419 -3.06 9.51 -40.73
C GLU B 419 -2.08 10.51 -40.09
N SER B 420 -2.28 11.80 -40.39
CA SER B 420 -1.50 12.86 -39.78
C SER B 420 -1.98 13.14 -38.38
N ASP B 421 -3.30 13.05 -38.19
CA ASP B 421 -3.91 13.15 -36.87
C ASP B 421 -3.38 12.08 -35.92
N ILE B 422 -3.37 10.84 -36.39
CA ILE B 422 -2.88 9.69 -35.60
C ILE B 422 -1.40 9.82 -35.29
N ASN B 423 -0.61 10.17 -36.30
CA ASN B 423 0.81 10.41 -36.12
C ASN B 423 1.08 11.48 -35.04
N TYR B 424 0.28 12.54 -35.03
CA TYR B 424 0.48 13.65 -34.09
C TYR B 424 0.03 13.33 -32.67
N LEU B 425 -1.20 12.85 -32.54
CA LEU B 425 -1.76 12.49 -31.24
C LEU B 425 -0.96 11.41 -30.54
N LEU B 426 -0.40 10.49 -31.32
CA LEU B 426 0.44 9.43 -30.77
C LEU B 426 1.74 9.96 -30.18
N LYS B 427 2.36 10.91 -30.88
CA LYS B 427 3.59 11.52 -30.39
C LYS B 427 3.29 12.26 -29.09
N MET B 428 2.13 12.90 -29.03
CA MET B 428 1.72 13.63 -27.84
C MET B 428 1.37 12.68 -26.70
N ALA B 429 0.87 11.49 -27.05
CA ALA B 429 0.59 10.46 -26.06
C ALA B 429 1.87 9.93 -25.41
N LEU B 430 2.92 9.79 -26.22
CA LEU B 430 4.21 9.30 -25.73
C LEU B 430 4.83 10.28 -24.72
N GLU B 431 4.49 11.55 -24.88
CA GLU B 431 4.98 12.61 -24.00
C GLU B 431 4.11 12.80 -22.76
N LYS B 432 2.80 12.78 -22.95
CA LYS B 432 1.82 13.22 -21.95
C LYS B 432 1.14 12.08 -21.20
N ILE B 433 0.63 11.07 -21.93
CA ILE B 433 -0.05 9.94 -21.30
C ILE B 433 0.97 9.04 -20.59
N ALA B 434 2.12 8.83 -21.21
CA ALA B 434 3.17 7.97 -20.64
C ALA B 434 3.68 8.47 -19.28
N PHE B 435 3.63 9.79 -19.09
CA PHE B 435 4.08 10.40 -17.85
C PHE B 435 3.19 10.15 -16.66
N LEU B 436 1.89 10.05 -16.92
CA LEU B 436 0.87 10.04 -15.88
C LEU B 436 1.17 9.09 -14.70
N PRO B 437 1.46 7.80 -15.00
CA PRO B 437 1.77 6.89 -13.91
C PRO B 437 2.98 7.33 -13.07
N PHE B 438 4.02 7.88 -13.72
CA PHE B 438 5.21 8.30 -13.00
C PHE B 438 4.91 9.56 -12.18
N GLY B 439 4.11 10.45 -12.77
CA GLY B 439 3.71 11.69 -12.12
C GLY B 439 2.97 11.41 -10.83
N TYR B 440 2.26 10.29 -10.81
CA TYR B 440 1.39 9.93 -9.70
C TYR B 440 2.13 9.13 -8.62
N LEU B 441 2.99 8.20 -9.05
CA LEU B 441 3.67 7.26 -8.16
C LEU B 441 4.79 7.85 -7.28
N VAL B 442 5.53 8.83 -7.79
CA VAL B 442 6.74 9.30 -7.07
C VAL B 442 6.42 9.75 -5.64
N ASP B 443 5.43 10.61 -5.48
CA ASP B 443 5.08 11.05 -4.14
C ASP B 443 4.27 10.02 -3.35
N GLN B 444 3.63 9.08 -4.03
CA GLN B 444 3.08 7.94 -3.29
C GLN B 444 4.21 7.22 -2.57
N TRP B 445 5.34 7.04 -3.25
CA TRP B 445 6.50 6.46 -2.61
C TRP B 445 7.01 7.36 -1.47
N ARG B 446 7.17 8.65 -1.75
CA ARG B 446 7.74 9.59 -0.79
C ARG B 446 6.86 9.79 0.44
N TRP B 447 5.54 9.83 0.26
CA TRP B 447 4.57 9.89 1.37
C TRP B 447 4.65 8.66 2.29
N GLY B 448 4.93 7.50 1.71
CA GLY B 448 5.15 6.27 2.48
C GLY B 448 6.42 6.31 3.33
N VAL B 449 7.47 6.94 2.79
CA VAL B 449 8.73 7.07 3.51
C VAL B 449 8.57 8.02 4.68
N PHE B 450 8.00 9.19 4.41
CA PHE B 450 7.73 10.17 5.46
C PHE B 450 6.84 9.60 6.58
N SER B 451 5.78 8.88 6.21
CA SER B 451 4.82 8.35 7.20
C SER B 451 5.37 7.19 8.03
N GLY B 452 6.43 6.55 7.55
CA GLY B 452 6.99 5.39 8.22
C GLY B 452 6.59 4.05 7.61
N ARG B 453 5.59 4.09 6.73
CA ARG B 453 5.11 2.90 6.04
C ARG B 453 6.25 2.21 5.27
N THR B 454 7.11 3.02 4.66
CA THR B 454 8.29 2.55 3.94
C THR B 454 9.57 2.98 4.68
N PRO B 455 10.15 2.06 5.50
CA PRO B 455 11.42 2.30 6.21
C PRO B 455 12.59 2.06 5.27
N PRO B 456 13.82 2.46 5.68
CA PRO B 456 14.98 2.28 4.81
C PRO B 456 15.12 0.87 4.22
N SER B 457 14.75 -0.14 5.01
CA SER B 457 14.85 -1.53 4.59
C SER B 457 13.87 -1.90 3.45
N ARG B 458 12.92 -1.02 3.15
CA ARG B 458 12.05 -1.24 1.99
C ARG B 458 12.04 -0.11 0.96
N TYR B 459 13.05 0.77 0.97
CA TYR B 459 13.06 1.89 -0.02
C TYR B 459 12.96 1.40 -1.46
N ASN B 460 13.75 0.39 -1.81
CA ASN B 460 13.78 -0.08 -3.18
C ASN B 460 12.63 -1.03 -3.50
N PHE B 461 12.35 -1.95 -2.58
CA PHE B 461 11.19 -2.87 -2.65
C PHE B 461 9.92 -2.12 -3.03
N ASP B 462 9.62 -1.09 -2.25
CA ASP B 462 8.45 -0.27 -2.46
C ASP B 462 8.52 0.61 -3.72
N TRP B 463 9.70 1.16 -4.03
CA TRP B 463 9.86 1.97 -5.25
C TRP B 463 9.46 1.13 -6.47
N TRP B 464 10.07 -0.05 -6.60
CA TRP B 464 9.80 -0.96 -7.72
C TRP B 464 8.42 -1.62 -7.70
N TYR B 465 7.82 -1.79 -6.53
CA TYR B 465 6.42 -2.19 -6.43
C TYR B 465 5.60 -1.15 -7.17
N LEU B 466 5.82 0.10 -6.80
CA LEU B 466 5.09 1.22 -7.39
C LEU B 466 5.39 1.46 -8.87
N ARG B 467 6.64 1.23 -9.27
CA ARG B 467 7.01 1.41 -10.68
C ARG B 467 6.34 0.37 -11.56
N THR B 468 6.30 -0.86 -11.07
CA THR B 468 5.64 -1.95 -11.77
C THR B 468 4.13 -1.78 -11.74
N LYS B 469 3.56 -1.52 -10.56
CA LYS B 469 2.12 -1.32 -10.41
C LYS B 469 1.60 -0.25 -11.36
N TYR B 470 2.29 0.89 -11.42
CA TYR B 470 1.81 2.00 -12.22
C TYR B 470 2.34 2.05 -13.64
N GLN B 471 3.66 1.98 -13.81
CA GLN B 471 4.23 2.14 -15.13
C GLN B 471 4.30 0.84 -15.92
N GLY B 472 4.19 -0.30 -15.25
CA GLY B 472 4.34 -1.59 -15.91
C GLY B 472 5.73 -1.78 -16.49
N ILE B 473 6.73 -1.46 -15.68
CA ILE B 473 8.13 -1.65 -16.07
C ILE B 473 8.86 -2.45 -14.99
N CYS B 474 9.99 -3.03 -15.38
CA CYS B 474 10.82 -3.76 -14.44
C CYS B 474 12.26 -3.29 -14.63
N PRO B 475 13.08 -3.38 -13.56
CA PRO B 475 14.48 -3.06 -13.70
C PRO B 475 15.17 -4.11 -14.59
N PRO B 476 15.99 -3.65 -15.56
CA PRO B 476 16.60 -4.59 -16.52
C PRO B 476 17.72 -5.44 -15.92
N VAL B 477 18.22 -5.04 -14.74
CA VAL B 477 19.12 -5.87 -13.95
C VAL B 477 18.52 -6.06 -12.56
N THR B 478 18.96 -7.11 -11.87
CA THR B 478 18.54 -7.38 -10.50
C THR B 478 18.90 -6.22 -9.56
N ARG B 479 17.98 -5.86 -8.67
CA ARG B 479 18.21 -4.80 -7.69
C ARG B 479 17.97 -5.38 -6.30
N ASN B 480 18.60 -4.78 -5.30
CA ASN B 480 18.37 -5.11 -3.91
C ASN B 480 18.36 -3.83 -3.07
N GLU B 481 18.35 -3.95 -1.75
CA GLU B 481 18.20 -2.77 -0.91
C GLU B 481 19.47 -1.96 -0.68
N THR B 482 20.57 -2.40 -1.28
CA THR B 482 21.79 -1.60 -1.35
C THR B 482 21.58 -0.53 -2.42
N HIS B 483 20.84 -0.88 -3.46
CA HIS B 483 20.38 0.08 -4.45
C HIS B 483 19.26 0.99 -3.92
N PHE B 484 19.31 2.26 -4.33
CA PHE B 484 18.34 3.27 -3.92
C PHE B 484 17.94 4.04 -5.18
N ASP B 485 17.08 3.40 -5.98
CA ASP B 485 16.77 3.87 -7.33
C ASP B 485 15.90 5.12 -7.34
N ALA B 486 15.10 5.30 -6.30
CA ALA B 486 14.37 6.55 -6.12
C ALA B 486 15.34 7.74 -6.15
N GLY B 487 16.49 7.57 -5.50
CA GLY B 487 17.48 8.64 -5.38
C GLY B 487 18.18 9.00 -6.68
N ALA B 488 18.06 8.15 -7.69
CA ALA B 488 18.60 8.42 -9.01
C ALA B 488 17.67 9.32 -9.84
N LYS B 489 16.61 9.79 -9.20
CA LYS B 489 15.72 10.78 -9.80
C LYS B 489 15.91 12.11 -9.09
N PHE B 490 16.19 13.16 -9.86
CA PHE B 490 16.48 14.50 -9.35
C PHE B 490 15.71 14.98 -8.12
N HIS B 491 14.39 14.94 -8.22
CA HIS B 491 13.53 15.56 -7.23
C HIS B 491 13.66 14.98 -5.83
N VAL B 492 14.19 13.76 -5.74
CA VAL B 492 14.31 13.04 -4.47
C VAL B 492 15.49 13.56 -3.60
N PRO B 493 16.74 13.48 -4.09
CA PRO B 493 17.81 14.10 -3.28
C PRO B 493 17.71 15.62 -3.22
N ASN B 494 17.01 16.21 -4.17
CA ASN B 494 16.84 17.64 -4.24
C ASN B 494 15.60 18.11 -3.52
N VAL B 495 14.98 17.15 -2.81
CA VAL B 495 13.95 17.41 -1.81
C VAL B 495 12.80 18.30 -2.30
N THR B 496 12.35 18.05 -3.51
CA THR B 496 11.26 18.87 -4.07
C THR B 496 10.11 17.97 -4.53
N PRO B 497 8.86 18.33 -4.19
CA PRO B 497 7.71 17.44 -4.38
C PRO B 497 7.37 17.19 -5.84
N TYR B 498 6.59 16.15 -6.09
CA TYR B 498 6.37 15.68 -7.45
C TYR B 498 4.91 15.68 -7.90
N ILE B 499 3.97 15.62 -6.95
CA ILE B 499 2.55 15.51 -7.28
C ILE B 499 2.01 16.72 -8.06
N ARG B 500 2.71 17.84 -7.94
CA ARG B 500 2.48 19.03 -8.78
C ARG B 500 2.46 18.70 -10.27
N TYR B 501 3.22 17.68 -10.65
CA TYR B 501 3.36 17.35 -12.06
C TYR B 501 2.20 16.48 -12.56
N PHE B 502 1.70 15.57 -11.74
CA PHE B 502 0.44 14.87 -12.06
C PHE B 502 -0.72 15.87 -12.11
N VAL B 503 -0.80 16.75 -11.11
CA VAL B 503 -1.78 17.82 -11.12
C VAL B 503 -1.62 18.67 -12.39
N SER B 504 -0.40 19.16 -12.64
CA SER B 504 -0.14 19.92 -13.86
C SER B 504 -0.63 19.27 -15.13
N PHE B 505 -0.41 17.97 -15.27
CA PHE B 505 -0.72 17.29 -16.51
C PHE B 505 -2.23 17.20 -16.78
N VAL B 506 -3.02 17.11 -15.71
CA VAL B 506 -4.47 17.17 -15.83
C VAL B 506 -4.90 18.61 -16.09
N LEU B 507 -4.38 19.51 -15.27
CA LEU B 507 -4.70 20.93 -15.29
C LEU B 507 -4.40 21.58 -16.65
N GLN B 508 -3.29 21.22 -17.27
CA GLN B 508 -2.90 21.87 -18.54
C GLN B 508 -3.91 21.65 -19.66
N PHE B 509 -4.63 20.54 -19.60
CA PHE B 509 -5.64 20.27 -20.62
C PHE B 509 -6.92 21.03 -20.35
N GLN B 510 -7.25 21.20 -19.07
CA GLN B 510 -8.35 22.05 -18.65
C GLN B 510 -8.09 23.51 -19.04
N PHE B 511 -6.86 23.97 -18.80
CA PHE B 511 -6.45 25.33 -19.18
C PHE B 511 -6.50 25.48 -20.69
N HIS B 512 -5.98 24.49 -21.41
CA HIS B 512 -5.93 24.52 -22.86
C HIS B 512 -7.33 24.61 -23.50
N GLU B 513 -8.29 23.82 -23.00
CA GLU B 513 -9.63 23.85 -23.56
C GLU B 513 -10.27 25.23 -23.30
N ALA B 514 -10.12 25.72 -22.07
CA ALA B 514 -10.65 27.02 -21.68
C ALA B 514 -10.05 28.18 -22.46
N LEU B 515 -8.78 28.07 -22.83
CA LEU B 515 -8.11 29.14 -23.58
C LEU B 515 -8.49 29.11 -25.04
N CYS B 516 -8.70 27.90 -25.55
CA CYS B 516 -9.11 27.69 -26.93
C CYS B 516 -10.55 28.12 -27.22
N LYS B 517 -11.47 27.86 -26.30
CA LYS B 517 -12.83 28.39 -26.42
C LYS B 517 -12.80 29.91 -26.42
N GLU B 518 -12.04 30.48 -25.47
CA GLU B 518 -11.91 31.93 -25.30
C GLU B 518 -11.29 32.64 -26.51
N ALA B 519 -10.44 31.92 -27.23
CA ALA B 519 -9.78 32.45 -28.42
C ALA B 519 -10.69 32.37 -29.65
N GLY B 520 -11.87 31.79 -29.47
CA GLY B 520 -12.85 31.68 -30.54
C GLY B 520 -12.63 30.48 -31.45
N TYR B 521 -11.63 29.67 -31.12
CA TYR B 521 -11.36 28.46 -31.89
C TYR B 521 -12.55 27.50 -31.77
N GLU B 522 -12.91 26.86 -32.87
CA GLU B 522 -14.10 26.00 -32.92
C GLU B 522 -13.81 24.59 -33.42
N GLY B 523 -12.60 24.38 -33.95
CA GLY B 523 -12.19 23.08 -34.48
C GLY B 523 -11.79 22.07 -33.41
N PRO B 524 -11.14 20.96 -33.82
CA PRO B 524 -10.70 19.93 -32.88
C PRO B 524 -9.68 20.47 -31.86
N LEU B 525 -9.85 20.07 -30.60
CA LEU B 525 -9.07 20.61 -29.48
C LEU B 525 -7.55 20.41 -29.61
N HIS B 526 -7.15 19.29 -30.20
CA HIS B 526 -5.73 19.00 -30.40
C HIS B 526 -5.13 19.74 -31.59
N GLN B 527 -5.94 20.54 -32.27
CA GLN B 527 -5.48 21.35 -33.40
C GLN B 527 -5.61 22.84 -33.10
N CYS B 528 -5.95 23.14 -31.85
CA CYS B 528 -6.01 24.52 -31.38
C CYS B 528 -4.61 25.13 -31.23
N ASP B 529 -4.52 26.43 -31.52
CA ASP B 529 -3.32 27.21 -31.30
C ASP B 529 -3.75 28.60 -30.84
N ILE B 530 -3.44 28.91 -29.58
CA ILE B 530 -3.80 30.20 -29.00
C ILE B 530 -2.86 31.35 -29.38
N TYR B 531 -1.87 31.08 -30.23
CA TYR B 531 -0.89 32.09 -30.66
C TYR B 531 -1.56 33.36 -31.12
N ARG B 532 -1.14 34.49 -30.55
CA ARG B 532 -1.66 35.83 -30.91
C ARG B 532 -3.11 36.11 -30.47
N SER B 533 -3.67 35.25 -29.61
CA SER B 533 -4.98 35.53 -29.03
C SER B 533 -4.83 36.36 -27.76
N THR B 534 -5.07 37.67 -27.90
CA THR B 534 -4.99 38.59 -26.78
C THR B 534 -6.06 38.29 -25.74
N LYS B 535 -7.18 37.72 -26.21
CA LYS B 535 -8.26 37.29 -25.33
C LYS B 535 -7.88 36.09 -24.45
N ALA B 536 -7.27 35.08 -25.06
CA ALA B 536 -6.70 33.97 -24.28
C ALA B 536 -5.61 34.49 -23.34
N GLY B 537 -4.84 35.47 -23.81
CA GLY B 537 -3.81 36.11 -22.99
C GLY B 537 -4.37 36.79 -21.77
N ALA B 538 -5.48 37.50 -21.94
CA ALA B 538 -6.14 38.21 -20.85
C ALA B 538 -6.63 37.26 -19.75
N LYS B 539 -7.21 36.14 -20.19
CA LYS B 539 -7.73 35.09 -19.31
C LYS B 539 -6.62 34.44 -18.50
N LEU B 540 -5.51 34.11 -19.16
CA LEU B 540 -4.36 33.56 -18.47
C LEU B 540 -3.77 34.56 -17.48
N ARG B 541 -3.69 35.83 -17.89
CA ARG B 541 -3.07 36.86 -17.06
C ARG B 541 -3.72 36.99 -15.69
N LYS B 542 -5.05 36.98 -15.67
CA LYS B 542 -5.83 37.01 -14.43
C LYS B 542 -5.38 35.90 -13.47
N VAL B 543 -5.25 34.69 -14.00
CA VAL B 543 -4.75 33.56 -13.22
C VAL B 543 -3.37 33.86 -12.64
N LEU B 544 -2.48 34.40 -13.47
CA LEU B 544 -1.09 34.62 -13.07
C LEU B 544 -0.92 35.70 -12.00
N ARG B 545 -1.66 36.79 -12.13
CA ARG B 545 -1.56 37.90 -11.21
C ARG B 545 -2.15 37.56 -9.84
N ALA B 546 -3.06 36.58 -9.81
CA ALA B 546 -3.71 36.14 -8.57
C ALA B 546 -2.75 35.59 -7.53
N GLY B 547 -1.63 35.02 -7.98
CA GLY B 547 -0.70 34.33 -7.09
C GLY B 547 -1.43 33.32 -6.23
N SER B 548 -1.08 33.26 -4.95
CA SER B 548 -1.81 32.42 -4.00
C SER B 548 -2.75 33.21 -3.09
N SER B 549 -3.20 34.38 -3.56
CA SER B 549 -4.07 35.25 -2.77
C SER B 549 -5.49 34.71 -2.60
N ARG B 550 -5.93 33.90 -3.55
CA ARG B 550 -7.26 33.29 -3.53
C ARG B 550 -7.18 31.76 -3.67
N PRO B 551 -8.18 31.02 -3.11
CA PRO B 551 -8.24 29.57 -3.24
C PRO B 551 -8.19 29.12 -4.69
N TRP B 552 -7.37 28.10 -4.97
CA TRP B 552 -7.18 27.62 -6.33
C TRP B 552 -8.47 27.10 -6.96
N GLN B 553 -9.37 26.55 -6.14
CA GLN B 553 -10.66 26.05 -6.64
C GLN B 553 -11.46 27.16 -7.31
N GLU B 554 -11.42 28.35 -6.72
CA GLU B 554 -12.10 29.53 -7.24
C GLU B 554 -11.42 30.08 -8.48
N VAL B 555 -10.10 30.27 -8.37
CA VAL B 555 -9.27 30.71 -9.49
C VAL B 555 -9.52 29.81 -10.70
N LEU B 556 -9.55 28.50 -10.46
CA LEU B 556 -9.86 27.52 -11.50
C LEU B 556 -11.28 27.70 -12.04
N LYS B 557 -12.25 27.92 -11.15
CA LYS B 557 -13.63 28.14 -11.56
C LYS B 557 -13.77 29.40 -12.43
N ASP B 558 -13.10 30.48 -12.02
CA ASP B 558 -13.09 31.73 -12.79
C ASP B 558 -12.54 31.53 -14.19
N MET B 559 -11.53 30.68 -14.32
CA MET B 559 -10.89 30.43 -15.61
C MET B 559 -11.57 29.37 -16.46
N VAL B 560 -12.07 28.30 -15.84
CA VAL B 560 -12.46 27.11 -16.59
C VAL B 560 -13.95 26.77 -16.56
N GLY B 561 -14.66 27.29 -15.56
CA GLY B 561 -16.09 27.00 -15.38
C GLY B 561 -16.34 25.90 -14.36
N LEU B 562 -15.27 25.44 -13.71
CA LEU B 562 -15.33 24.29 -12.83
C LEU B 562 -14.36 24.47 -11.68
N ASP B 563 -14.75 23.99 -10.50
CA ASP B 563 -13.99 24.27 -9.29
C ASP B 563 -13.12 23.09 -8.84
N ALA B 564 -12.85 22.16 -9.75
CA ALA B 564 -12.06 20.97 -9.42
C ALA B 564 -11.28 20.42 -10.62
N LEU B 565 -10.27 19.61 -10.32
CA LEU B 565 -9.50 18.90 -11.35
C LEU B 565 -10.44 17.98 -12.12
N ASP B 566 -10.19 17.86 -13.42
CA ASP B 566 -11.09 17.14 -14.31
C ASP B 566 -10.33 16.58 -15.50
N ALA B 567 -10.35 15.26 -15.62
CA ALA B 567 -9.60 14.54 -16.65
C ALA B 567 -10.28 14.58 -18.01
N GLN B 568 -11.54 14.99 -18.05
CA GLN B 568 -12.32 15.01 -19.29
C GLN B 568 -11.66 15.82 -20.42
N PRO B 569 -11.21 17.06 -20.14
CA PRO B 569 -10.47 17.78 -21.20
C PRO B 569 -9.33 16.96 -21.82
N LEU B 570 -8.51 16.32 -20.98
CA LEU B 570 -7.43 15.46 -21.49
C LEU B 570 -7.94 14.32 -22.39
N LEU B 571 -8.98 13.62 -21.93
CA LEU B 571 -9.55 12.50 -22.69
C LEU B 571 -10.08 12.97 -24.06
N LYS B 572 -10.73 14.12 -24.06
CA LYS B 572 -11.30 14.74 -25.26
C LYS B 572 -10.17 15.10 -26.26
N TYR B 573 -9.05 15.56 -25.73
CA TYR B 573 -7.87 15.85 -26.54
C TYR B 573 -7.34 14.60 -27.27
N PHE B 574 -7.34 13.46 -26.58
CA PHE B 574 -6.78 12.22 -27.15
C PHE B 574 -7.78 11.23 -27.78
N GLN B 575 -9.07 11.47 -27.56
CA GLN B 575 -10.18 10.64 -28.07
C GLN B 575 -9.87 9.79 -29.31
N LEU B 576 -9.34 10.42 -30.35
CA LEU B 576 -9.06 9.72 -31.61
C LEU B 576 -7.97 8.66 -31.54
N VAL B 577 -6.87 8.98 -30.84
CA VAL B 577 -5.75 8.05 -30.76
C VAL B 577 -6.05 6.90 -29.80
N THR B 578 -6.83 7.20 -28.75
CA THR B 578 -7.28 6.20 -27.80
C THR B 578 -8.02 5.09 -28.54
N GLN B 579 -8.94 5.50 -29.42
CA GLN B 579 -9.67 4.60 -30.31
C GLN B 579 -8.70 3.78 -31.16
N TRP B 580 -7.87 4.47 -31.93
CA TRP B 580 -6.94 3.81 -32.84
C TRP B 580 -6.05 2.79 -32.12
N LEU B 581 -5.50 3.20 -30.98
CA LEU B 581 -4.62 2.34 -30.16
C LEU B 581 -5.35 1.08 -29.69
N GLN B 582 -6.54 1.27 -29.12
CA GLN B 582 -7.44 0.18 -28.76
C GLN B 582 -7.57 -0.80 -29.92
N GLU B 583 -7.90 -0.26 -31.09
CA GLU B 583 -8.09 -1.05 -32.30
C GLU B 583 -6.84 -1.82 -32.66
N GLN B 584 -5.68 -1.15 -32.72
CA GLN B 584 -4.41 -1.82 -33.03
C GLN B 584 -4.10 -2.98 -32.10
N ASN B 585 -4.33 -2.76 -30.80
CA ASN B 585 -4.11 -3.77 -29.76
C ASN B 585 -5.00 -4.99 -29.92
N GLN B 586 -6.30 -4.78 -30.14
CA GLN B 586 -7.27 -5.86 -30.38
C GLN B 586 -6.87 -6.75 -31.56
N GLN B 587 -6.63 -6.13 -32.71
CA GLN B 587 -6.23 -6.84 -33.93
C GLN B 587 -4.89 -7.57 -33.76
N ASN B 588 -4.03 -7.02 -32.91
CA ASN B 588 -2.79 -7.69 -32.54
C ASN B 588 -2.99 -8.73 -31.44
N GLY B 589 -4.18 -8.77 -30.87
CA GLY B 589 -4.52 -9.68 -29.78
C GLY B 589 -3.65 -9.47 -28.55
N GLU B 590 -3.45 -8.21 -28.18
CA GLU B 590 -2.60 -7.86 -27.03
C GLU B 590 -3.32 -8.09 -25.73
N VAL B 591 -2.57 -8.47 -24.70
CA VAL B 591 -3.10 -8.44 -23.35
C VAL B 591 -2.82 -7.05 -22.77
N LEU B 592 -3.87 -6.40 -22.29
CA LEU B 592 -3.73 -5.11 -21.62
C LEU B 592 -3.20 -5.31 -20.21
N GLY B 593 -2.09 -4.65 -19.88
CA GLY B 593 -1.47 -4.82 -18.57
C GLY B 593 -0.33 -5.80 -18.63
N TRP B 594 0.16 -6.23 -17.47
CA TRP B 594 1.37 -7.05 -17.39
C TRP B 594 1.22 -8.18 -16.35
N PRO B 595 0.35 -9.18 -16.63
CA PRO B 595 0.07 -10.26 -15.68
C PRO B 595 1.30 -11.06 -15.24
N GLU B 596 2.30 -11.19 -16.09
CA GLU B 596 3.57 -11.79 -15.68
C GLU B 596 4.42 -10.77 -14.90
N TYR B 597 3.88 -10.36 -13.74
CA TYR B 597 4.42 -9.26 -12.94
C TYR B 597 5.81 -9.54 -12.39
N GLN B 598 6.20 -10.81 -12.38
CA GLN B 598 7.45 -11.25 -11.78
C GLN B 598 8.59 -11.26 -12.80
N TRP B 599 8.23 -11.19 -14.07
CA TRP B 599 9.21 -11.31 -15.15
C TRP B 599 10.26 -10.19 -15.14
N HIS B 600 11.51 -10.60 -15.32
CA HIS B 600 12.62 -9.69 -15.63
C HIS B 600 13.35 -10.22 -16.86
N PRO B 601 13.90 -9.31 -17.68
CA PRO B 601 14.70 -9.77 -18.81
C PRO B 601 16.05 -10.33 -18.35
N PRO B 602 16.64 -11.26 -19.13
CA PRO B 602 17.96 -11.78 -18.83
C PRO B 602 19.05 -10.75 -19.14
N LEU B 603 20.23 -10.96 -18.55
CA LEU B 603 21.42 -10.19 -18.92
C LEU B 603 21.84 -10.51 -20.36
N PRO B 604 22.34 -9.49 -21.10
CA PRO B 604 22.83 -9.78 -22.45
C PRO B 604 24.10 -10.63 -22.38
N ASP B 605 24.38 -11.34 -23.47
CA ASP B 605 25.43 -12.38 -23.48
C ASP B 605 26.75 -12.03 -22.79
N ASN B 606 27.37 -10.92 -23.19
CA ASN B 606 28.74 -10.61 -22.74
C ASN B 606 28.92 -9.43 -21.78
N TYR B 607 27.82 -8.79 -21.39
CA TYR B 607 27.85 -7.63 -20.48
C TYR B 607 28.62 -7.91 -19.18
N PRO B 608 29.41 -6.92 -18.69
CA PRO B 608 29.60 -5.54 -19.18
C PRO B 608 30.61 -5.34 -20.33
N GLU B 609 31.71 -6.11 -20.34
CA GLU B 609 32.79 -5.91 -21.33
C GLU B 609 32.35 -5.95 -22.80
N GLY B 610 32.92 -5.06 -23.61
CA GLY B 610 32.56 -4.92 -25.02
C GLY B 610 31.54 -3.82 -25.26
C1 NAG C . 1.33 -18.11 -16.10
C2 NAG C . 1.04 -17.89 -17.60
C3 NAG C . 0.72 -19.17 -18.37
C4 NAG C . 1.60 -20.34 -17.95
C5 NAG C . 1.62 -20.44 -16.42
C6 NAG C . 2.40 -21.66 -15.94
C7 NAG C . 0.12 -15.86 -18.52
C8 NAG C . -1.03 -14.91 -18.64
N2 NAG C . -0.05 -16.94 -17.76
O3 NAG C . 0.85 -18.93 -19.75
O4 NAG C . 1.15 -21.56 -18.54
O5 NAG C . 2.16 -19.24 -15.88
O6 NAG C . 3.60 -21.28 -15.33
O7 NAG C . 1.17 -15.61 -19.11
C1 FUC C . 4.69 -21.55 -16.24
C2 FUC C . 5.90 -20.70 -15.88
C3 FUC C . 6.75 -21.25 -14.73
C4 FUC C . 6.80 -22.79 -14.65
C5 FUC C . 5.47 -23.45 -15.07
C6 FUC C . 5.52 -24.98 -15.12
O2 FUC C . 5.47 -19.40 -15.53
O3 FUC C . 8.06 -20.73 -14.88
O4 FUC C . 7.87 -23.29 -15.42
O5 FUC C . 5.03 -22.93 -16.31
C1 NAG D . -24.90 -37.81 1.80
C2 NAG D . -25.53 -38.87 2.71
C3 NAG D . -26.58 -39.70 1.96
C4 NAG D . -27.54 -38.86 1.10
C5 NAG D . -26.77 -37.78 0.31
C6 NAG D . -27.69 -36.78 -0.39
C7 NAG D . -24.24 -39.84 4.56
C8 NAG D . -23.18 -40.82 4.96
N2 NAG D . -24.51 -39.77 3.25
O3 NAG D . -27.32 -40.45 2.90
O4 NAG D . -28.22 -39.70 0.20
O5 NAG D . -25.93 -37.06 1.18
O6 NAG D . -26.94 -36.05 -1.34
O7 NAG D . -24.80 -39.17 5.41
C1 NAG D . -29.62 -39.86 0.54
C2 NAG D . -30.39 -40.23 -0.73
C3 NAG D . -31.82 -40.70 -0.44
C4 NAG D . -31.84 -41.74 0.68
C5 NAG D . -31.11 -41.17 1.91
C6 NAG D . -31.11 -42.15 3.08
C7 NAG D . -29.71 -39.14 -2.82
C8 NAG D . -29.84 -37.94 -3.71
N2 NAG D . -30.42 -39.14 -1.69
O3 NAG D . -32.39 -41.21 -1.62
O4 NAG D . -33.18 -42.09 1.00
O5 NAG D . -29.78 -40.85 1.57
O6 NAG D . -30.00 -43.01 2.98
O7 NAG D . -28.97 -40.08 -3.15
C1 NAG E . 11.78 -23.24 37.88
C2 NAG E . 10.44 -23.13 38.60
C3 NAG E . 10.04 -21.70 38.87
C4 NAG E . 11.19 -20.83 39.38
C5 NAG E . 12.45 -21.05 38.53
C6 NAG E . 13.65 -20.32 39.12
C7 NAG E . 8.93 -24.96 38.06
C8 NAG E . 7.83 -25.45 37.17
N2 NAG E . 9.40 -23.74 37.81
O3 NAG E . 8.99 -21.70 39.80
O4 NAG E . 10.83 -19.46 39.37
O5 NAG E . 12.77 -22.42 38.47
O6 NAG E . 13.78 -20.75 40.46
O7 NAG E . 9.37 -25.67 38.98
C1 NAG E . 10.70 -18.94 40.70
C2 NAG E . 10.72 -17.41 40.69
C3 NAG E . 10.50 -16.84 42.10
C4 NAG E . 9.44 -17.59 42.92
C5 NAG E . 9.62 -19.10 42.77
C6 NAG E . 8.60 -19.93 43.54
C7 NAG E . 12.15 -16.49 38.91
C8 NAG E . 13.54 -16.05 38.57
N2 NAG E . 11.97 -16.94 40.16
O3 NAG E . 10.15 -15.48 42.00
O4 NAG E . 9.57 -17.23 44.28
O5 NAG E . 9.56 -19.41 41.39
O6 NAG E . 7.34 -19.88 42.90
O7 NAG E . 11.26 -16.43 38.06
C1 BMA E . 8.50 -16.36 44.69
C2 BMA E . 8.29 -16.52 46.20
C3 BMA E . 7.25 -15.53 46.72
C4 BMA E . 7.50 -14.11 46.22
C5 BMA E . 7.70 -14.08 44.70
C6 BMA E . 8.04 -12.68 44.17
O2 BMA E . 9.55 -16.34 46.87
O3 BMA E . 7.24 -15.56 48.16
O4 BMA E . 6.38 -13.29 46.57
O5 BMA E . 8.75 -14.99 44.34
O6 BMA E . 7.82 -12.63 42.75
C1 FUC E . 14.60 -19.83 41.22
C2 FUC E . 14.62 -20.30 42.68
C3 FUC E . 15.42 -21.61 42.78
C4 FUC E . 16.82 -21.43 42.17
C5 FUC E . 16.69 -20.90 40.74
C6 FUC E . 18.03 -20.65 40.05
O2 FUC E . 13.32 -20.49 43.18
O3 FUC E . 15.52 -22.02 44.13
O4 FUC E . 17.58 -20.53 42.97
O5 FUC E . 15.92 -19.71 40.74
C1 NAG F . 23.14 -6.23 -4.22
C2 NAG F . 23.90 -6.99 -3.13
C3 NAG F . 25.43 -7.03 -3.31
C4 NAG F . 25.91 -7.02 -4.76
C5 NAG F . 25.02 -6.12 -5.62
C6 NAG F . 25.49 -6.13 -7.08
C7 NAG F . 23.36 -7.16 -0.78
C8 NAG F . 23.05 -6.47 0.52
N2 NAG F . 23.59 -6.39 -1.84
O3 NAG F . 25.96 -8.18 -2.69
O4 NAG F . 27.25 -6.57 -4.75
O5 NAG F . 23.67 -6.53 -5.50
O6 NAG F . 24.51 -6.68 -7.93
O7 NAG F . 23.39 -8.38 -0.84
C1 FUC F . 25.05 -7.87 -8.52
C2 FUC F . 23.98 -8.96 -8.51
C3 FUC F . 22.99 -8.82 -9.67
C4 FUC F . 23.64 -8.48 -11.01
C5 FUC F . 24.69 -7.35 -10.84
C6 FUC F . 25.42 -7.03 -12.15
O2 FUC F . 23.27 -8.90 -7.30
O3 FUC F . 22.26 -10.02 -9.78
O4 FUC F . 24.24 -9.63 -11.57
O5 FUC F . 25.62 -7.69 -9.81
C1 NAG G . 33.42 29.85 -8.09
C2 NAG G . 34.00 31.08 -8.80
C3 NAG G . 35.35 31.49 -8.21
C4 NAG G . 35.35 31.53 -6.67
C5 NAG G . 34.67 30.27 -6.11
C6 NAG G . 34.50 30.29 -4.60
C7 NAG G . 33.28 31.31 -11.12
C8 NAG G . 33.56 30.96 -12.55
N2 NAG G . 34.13 30.83 -10.23
O3 NAG G . 35.73 32.75 -8.74
O4 NAG G . 36.70 31.54 -6.21
O5 NAG G . 33.40 30.10 -6.70
O6 NAG G . 34.45 28.95 -4.14
O7 NAG G . 32.30 32.00 -10.84
C1 NAG G . 37.13 32.82 -5.69
C2 NAG G . 38.47 32.54 -5.00
C3 NAG G . 39.33 33.78 -4.75
C4 NAG G . 39.33 34.71 -5.96
C5 NAG G . 37.90 35.01 -6.39
C6 NAG G . 37.85 35.94 -7.60
C7 NAG G . 38.34 30.50 -3.64
C8 NAG G . 38.04 29.91 -2.28
N2 NAG G . 38.23 31.82 -3.76
O3 NAG G . 40.66 33.39 -4.46
O4 NAG G . 40.03 35.90 -5.63
O5 NAG G . 37.22 33.81 -6.71
O6 NAG G . 38.41 35.31 -8.73
O7 NAG G . 38.64 29.75 -4.58
C1 NAG H . -8.93 19.61 -40.32
C2 NAG H . -9.34 21.03 -39.91
C3 NAG H . -10.51 21.01 -38.93
C4 NAG H . -11.65 20.06 -39.34
C5 NAG H . -11.06 18.71 -39.76
C6 NAG H . -12.10 17.72 -40.27
C7 NAG H . -7.26 22.37 -39.99
C8 NAG H . -6.20 23.05 -39.18
N2 NAG H . -8.22 21.75 -39.31
O3 NAG H . -11.00 22.34 -38.79
O4 NAG H . -12.56 19.90 -38.27
O5 NAG H . -10.07 18.90 -40.75
O6 NAG H . -11.48 16.49 -40.58
O7 NAG H . -7.21 22.40 -41.22
C1 NAG H . -13.79 20.65 -38.43
C2 NAG H . -14.79 20.27 -37.33
C3 NAG H . -16.03 21.17 -37.32
C4 NAG H . -15.73 22.67 -37.51
C5 NAG H . -14.73 22.85 -38.65
C6 NAG H . -14.31 24.31 -38.84
C7 NAG H . -15.26 18.02 -36.46
C8 NAG H . -15.73 16.63 -36.77
N2 NAG H . -15.22 18.89 -37.47
O3 NAG H . -16.73 20.98 -36.10
O4 NAG H . -16.92 23.37 -37.81
O5 NAG H . -13.57 22.06 -38.42
O6 NAG H . -13.30 24.67 -37.92
O7 NAG H . -14.93 18.32 -35.30
C1 BMA H . -17.40 24.19 -36.71
C2 BMA H . -17.85 25.56 -37.25
C3 BMA H . -18.70 26.35 -36.25
C4 BMA H . -19.71 25.48 -35.50
C5 BMA H . -19.03 24.25 -34.92
C6 BMA H . -20.03 23.34 -34.19
O2 BMA H . -18.58 25.42 -38.47
O3 BMA H . -19.38 27.42 -36.91
O4 BMA H . -20.32 26.25 -34.46
O5 BMA H . -18.41 23.50 -35.96
O6 BMA H . -19.72 23.29 -32.80
CBM 3ES I . -14.72 -21.55 13.94
OAB 3ES I . -15.07 -22.69 14.27
OBJ 3ES I . -15.43 -20.46 14.34
CBB 3ES I . -16.00 -20.34 15.64
CBP 3ES I . -16.42 -19.04 15.96
CAQ 3ES I . -15.52 -17.99 15.86
CAK 3ES I . -15.94 -16.69 16.16
CAH 3ES I . -17.25 -16.45 16.56
CAL 3ES I . -18.16 -17.50 16.65
CAR 3ES I . -17.75 -18.80 16.36
OAD 3ES I . -10.76 -20.88 13.59
PBY 3ES I . -11.26 -22.29 13.47
OAG 3ES I . -11.68 -22.89 14.88
CBX 3ES I . -12.82 -22.23 12.49
NBI 3ES I . -13.68 -21.26 13.14
CBE 3ES I . -12.57 -21.77 11.02
CBQ 3ES I . -13.88 -21.58 10.20
CAS 3ES I . -14.47 -22.66 9.52
CAM 3ES I . -15.65 -22.51 8.77
CAI 3ES I . -16.27 -21.27 8.68
CAN 3ES I . -15.70 -20.19 9.36
CAT 3ES I . -14.52 -20.34 10.11
CBC 3ES I . -8.30 -23.18 14.32
CBS 3ES I . -6.89 -23.64 14.74
CBA 3ES I . -5.80 -23.99 14.04
OBK 3ES I . -6.58 -23.73 16.06
NBG 3ES I . -5.25 -24.14 16.16
CBU 3ES I . -4.81 -24.31 14.91
CBT 3ES I . -3.52 -24.69 14.60
CAU 3ES I . -3.11 -24.87 13.28
CAO 3ES I . -1.78 -25.24 13.02
CAJ 3ES I . -0.87 -25.42 14.08
CAP 3ES I . -1.28 -25.23 15.40
CAV 3ES I . -2.60 -24.86 15.67
CBF 3ES I . -10.20 -23.51 12.64
CBV 3ES I . -8.66 -23.32 12.83
CBN 3ES I . -8.16 -22.16 11.94
OAC 3ES I . -8.76 -21.89 10.89
N 3ES I . -7.02 -21.56 12.31
CA 3ES I . -6.40 -20.52 11.44
C 3ES I . -5.67 -21.24 10.31
O 3ES I . -5.13 -20.56 9.42
CB 3ES I . -5.46 -19.55 12.18
CG 3ES I . -4.81 -20.09 13.46
CD1 3ES I . -3.52 -20.65 13.43
CD2 3ES I . -5.49 -20.01 14.67
CE1 3ES I . -2.93 -21.12 14.60
CE2 3ES I . -4.91 -20.48 15.84
CZ 3ES I . -3.64 -21.04 15.82
OH 3ES I . -3.08 -21.50 16.98
OXT 3ES I . -5.64 -22.50 10.36
ZN ZN J . -11.11 -20.81 15.79
CL CL K . -12.71 -10.82 12.56
C1 PEG L . -18.60 -19.94 12.92
O1 PEG L . -17.99 -18.85 12.23
C2 PEG L . -19.44 -20.75 11.94
O2 PEG L . -19.10 -22.13 12.06
C3 PEG L . -18.75 -22.73 10.81
C4 PEG L . -20.00 -23.20 10.06
O4 PEG L . -19.90 -22.79 8.70
C1 PEG M . -0.17 -50.76 22.06
O1 PEG M . -0.33 -52.15 22.35
C2 PEG M . -1.20 -50.33 21.01
O2 PEG M . -0.70 -49.22 20.27
C3 PEG M . -0.52 -49.52 18.88
C4 PEG M . 0.26 -48.39 18.22
O4 PEG M . 1.66 -48.53 18.50
C1 PEG N . -24.70 1.16 10.74
O1 PEG N . -24.28 0.37 11.85
C2 PEG N . -23.60 2.16 10.39
O2 PEG N . -23.17 1.93 9.05
C3 PEG N . -21.82 2.37 8.85
C4 PEG N . -21.82 3.73 8.17
O4 PEG N . -21.02 4.63 8.95
O1 PG4 O . 3.90 2.91 -0.63
C1 PG4 O . 4.19 1.53 -0.85
C2 PG4 O . 3.09 0.87 -1.67
O2 PG4 O . 2.68 -0.36 -1.06
C3 PG4 O . 1.32 -0.68 -1.39
C4 PG4 O . 1.18 -2.19 -1.43
O3 PG4 O . -0.19 -2.59 -1.31
C5 PG4 O . -0.32 -3.99 -1.56
C6 PG4 O . -1.62 -4.53 -0.97
O4 PG4 O . -2.04 -3.76 0.16
CBM 3ES P . 11.04 25.16 -10.82
OAB 3ES P . 11.81 25.79 -11.55
OBJ 3ES P . 10.25 25.89 -9.95
CBB 3ES P . 8.83 25.84 -10.15
CBP 3ES P . 7.97 26.40 -9.20
CAQ 3ES P . 6.80 25.73 -8.82
CAK 3ES P . 5.95 26.29 -7.87
CAH 3ES P . 6.27 27.52 -7.29
CAL 3ES P . 7.43 28.20 -7.67
CAR 3ES P . 8.28 27.64 -8.63
OAD 3ES P . 9.69 21.79 -12.90
PBY 3ES P . 11.00 22.47 -13.17
OAG 3ES P . 10.75 23.88 -13.84
CBX 3ES P . 11.85 22.95 -11.59
NBI 3ES P . 10.98 23.82 -10.78
CBE 3ES P . 12.30 21.74 -10.71
CBQ 3ES P . 13.15 22.19 -9.49
CAS 3ES P . 14.54 22.38 -9.60
CAM 3ES P . 15.29 22.78 -8.49
CAI 3ES P . 14.67 23.01 -7.26
CAN 3ES P . 13.28 22.83 -7.14
CAT 3ES P . 12.53 22.42 -8.26
CBC 3ES P . 10.69 20.91 -16.13
CBS 3ES P . 10.49 20.02 -17.39
CBA 3ES P . 11.05 18.86 -17.72
OBK 3ES P . 9.60 20.35 -18.36
NBG 3ES P . 9.65 19.33 -19.33
CBU 3ES P . 10.55 18.44 -18.90
CBT 3ES P . 10.91 17.26 -19.56
CAU 3ES P . 11.70 16.31 -18.90
CAO 3ES P . 12.06 15.12 -19.55
CAJ 3ES P . 11.64 14.90 -20.86
CAP 3ES P . 10.85 15.84 -21.52
CAV 3ES P . 10.49 17.03 -20.87
CBF 3ES P . 12.22 21.54 -14.14
CBV 3ES P . 11.71 20.39 -15.07
CBN 3ES P . 11.22 19.14 -14.26
OAC 3ES P . 11.80 18.83 -13.22
N 3ES P . 10.23 18.39 -14.76
CA 3ES P . 9.84 17.14 -14.09
C 3ES P . 10.84 16.04 -14.47
O 3ES P . 10.69 14.92 -13.94
CB 3ES P . 8.43 16.65 -14.44
CG 3ES P . 7.93 17.02 -15.83
CD1 3ES P . 8.09 16.16 -16.93
CD2 3ES P . 7.30 18.25 -15.98
CE1 3ES P . 7.59 16.56 -18.18
CE2 3ES P . 6.82 18.64 -17.22
CZ 3ES P . 6.96 17.79 -18.31
OH 3ES P . 6.47 18.24 -19.51
OXT 3ES P . 11.74 16.34 -15.28
ZN ZN Q . 8.46 23.30 -13.54
CL CL R . 3.50 19.84 -4.86
O1 PG4 S . 13.67 32.17 -35.58
C1 PG4 S . 14.91 31.65 -35.10
C2 PG4 S . 15.38 30.51 -36.00
O2 PG4 S . 16.75 30.24 -35.75
C3 PG4 S . 17.45 29.84 -36.93
C4 PG4 S . 18.96 29.96 -36.72
O3 PG4 S . 19.35 31.34 -36.61
C5 PG4 S . 20.73 31.53 -36.93
C6 PG4 S . 21.07 33.01 -36.98
O4 PG4 S . 21.21 33.55 -35.66
C7 PG4 S . 20.56 34.81 -35.52
C8 PG4 S . 20.77 35.32 -34.09
O5 PG4 S . 19.64 36.08 -33.66
O1 P6G T . 11.11 31.75 -36.31
C2 P6G T . 10.01 32.65 -36.17
C3 P6G T . 9.66 32.83 -34.69
O4 P6G T . 9.76 34.20 -34.30
C5 P6G T . 10.43 34.37 -33.06
C6 P6G T . 11.23 35.66 -33.06
O7 P6G T . 12.55 35.46 -32.53
C8 P6G T . 13.57 35.46 -33.55
C9 P6G T . 14.85 34.83 -33.01
O10 P6G T . 16.00 35.68 -33.27
C11 P6G T . 16.64 36.13 -32.08
C12 P6G T . 16.18 37.54 -31.71
O13 P6G T . 16.85 37.99 -30.52
C14 P6G T . 16.77 39.40 -30.34
C15 P6G T . 18.15 39.99 -30.01
O16 P6G T . 19.14 38.96 -29.85
C17 P6G T . 20.42 39.31 -30.38
C18 P6G T . 21.37 38.12 -30.28
O19 P6G T . 21.05 37.14 -31.28
C1 PEG U . 11.91 27.63 -6.89
O1 PEG U . 11.57 27.02 -5.64
C2 PEG U . 12.96 26.76 -7.58
O2 PEG U . 14.21 27.44 -7.52
C3 PEG U . 15.30 26.54 -7.23
C4 PEG U . 16.12 27.11 -6.09
O4 PEG U . 17.12 26.15 -5.70
#